data_1UDY
#
_entry.id   1UDY
#
_cell.length_a   99.0
_cell.length_b   110.6
_cell.length_c   147.8
_cell.angle_alpha   90
_cell.angle_beta   90
_cell.angle_gamma   90
#
_symmetry.space_group_name_H-M   'P 21 21 21'
#
loop_
_entity.id
_entity.type
_entity.pdbx_description
1 polymer 'Acyl-CoA dehydrogenase, medium-chain specific'
2 non-polymer 'FLAVIN-ADENINE DINUCLEOTIDE'
3 non-polymer '3-THIAOCTANOYL-COENZYME A'
4 water water
#
_entity_poly.entity_id   1
_entity_poly.type   'polypeptide(L)'
_entity_poly.pdbx_seq_one_letter_code
;KAVPQCEPGSGFSFELTEQQKEFQATARKFAREEIIPVAAEYDRTGEYPVPLLKRAWELGLMNTHIPESFGGLGLGIIDS
CLITEELAYGCTGVQTAIEANTLGQVPLIIGGNYQQQKKYLGRMTEEPLMCAYCVTEPGAGSDVAGIKTKAEKKGDEYII
NGQKMWITNGGKANWYFLLARSDPDPKAPASKAFTGFIVEADTPGVQIGRKEINMGQRCSDTRGIVFEDVRVPKENVLTG
EGAGFKIAMGTFDKTRPPVAAGAVGLAQRALDEATKYALERKTFGKLLAEHQGISFLLADMAMKVELARLSYQRAAWEID
SGRRNTYYASIAKAYAADIANQLATDAVQVFGGNGFNTEYPVEKLMRDAKIYQIYEGTAQIQRIIIAREHIGRYKN
;
_entity_poly.pdbx_strand_id   A,B,C,D
#
loop_
_chem_comp.id
_chem_comp.type
_chem_comp.name
_chem_comp.formula
CS8 RNA linking '3-THIAOCTANOYL-COENZYME A' 'C28 H48 N7 O17 P3 S2'
FAD non-polymer 'FLAVIN-ADENINE DINUCLEOTIDE' 'C27 H33 N9 O15 P2'
#
# COMPACT_ATOMS: atom_id res chain seq x y z
N GLY A 11 -32.67 15.25 -5.22
CA GLY A 11 -31.29 15.71 -4.83
C GLY A 11 -30.58 14.83 -3.81
N PHE A 12 -29.30 15.11 -3.58
CA PHE A 12 -28.49 14.33 -2.63
C PHE A 12 -28.94 14.51 -1.20
N SER A 13 -28.94 13.39 -0.47
CA SER A 13 -29.30 13.37 0.94
C SER A 13 -28.66 12.19 1.66
N PHE A 14 -27.95 12.50 2.74
CA PHE A 14 -27.28 11.51 3.57
C PHE A 14 -27.94 11.63 4.93
N GLU A 15 -29.26 11.68 4.90
CA GLU A 15 -30.08 11.81 6.10
C GLU A 15 -30.87 10.52 6.33
N LEU A 16 -31.09 10.19 7.58
CA LEU A 16 -31.83 8.99 7.93
C LEU A 16 -33.27 9.41 8.25
N THR A 17 -34.23 8.64 7.75
CA THR A 17 -35.64 8.95 8.04
C THR A 17 -35.86 8.63 9.51
N GLU A 18 -36.76 9.36 10.16
CA GLU A 18 -37.07 9.16 11.58
C GLU A 18 -37.18 7.70 11.96
N GLN A 19 -37.77 6.90 11.08
CA GLN A 19 -37.95 5.48 11.34
C GLN A 19 -36.61 4.76 11.37
N GLN A 20 -35.76 5.06 10.40
CA GLN A 20 -34.45 4.43 10.36
C GLN A 20 -33.65 4.82 11.60
N LYS A 21 -33.89 6.03 12.09
CA LYS A 21 -33.20 6.48 13.29
C LYS A 21 -33.66 5.61 14.48
N GLU A 22 -34.85 5.03 14.37
CA GLU A 22 -35.34 4.17 15.45
C GLU A 22 -34.70 2.80 15.38
N PHE A 23 -34.75 2.17 14.21
CA PHE A 23 -34.16 0.85 14.03
C PHE A 23 -32.73 0.84 14.53
N GLN A 24 -31.99 1.85 14.11
CA GLN A 24 -30.59 2.02 14.46
C GLN A 24 -30.35 2.08 15.96
N ALA A 25 -31.13 2.90 16.66
CA ALA A 25 -31.00 3.05 18.10
C ALA A 25 -31.27 1.73 18.82
N THR A 26 -32.18 0.94 18.26
CA THR A 26 -32.53 -0.37 18.85
C THR A 26 -31.32 -1.29 18.72
N ALA A 27 -30.90 -1.52 17.47
CA ALA A 27 -29.77 -2.38 17.16
C ALA A 27 -28.56 -1.94 17.98
N ARG A 28 -28.27 -0.65 17.97
CA ARG A 28 -27.13 -0.11 18.72
C ARG A 28 -27.17 -0.48 20.20
N LYS A 29 -28.27 -0.15 20.87
CA LYS A 29 -28.39 -0.46 22.30
C LYS A 29 -28.22 -1.95 22.51
N PHE A 30 -28.96 -2.73 21.74
CA PHE A 30 -28.90 -4.18 21.84
C PHE A 30 -27.45 -4.67 21.74
N ALA A 31 -26.74 -4.20 20.73
CA ALA A 31 -25.36 -4.59 20.50
C ALA A 31 -24.37 -4.19 21.59
N ARG A 32 -24.54 -3.01 22.16
CA ARG A 32 -23.61 -2.55 23.18
C ARG A 32 -23.93 -2.95 24.62
N GLU A 33 -25.19 -3.24 24.89
CA GLU A 33 -25.60 -3.63 26.24
C GLU A 33 -25.77 -5.14 26.39
N GLU A 34 -26.09 -5.83 25.30
CA GLU A 34 -26.31 -7.26 25.36
C GLU A 34 -25.33 -8.16 24.61
N ILE A 35 -24.83 -7.70 23.47
CA ILE A 35 -23.89 -8.50 22.69
C ILE A 35 -22.46 -8.39 23.19
N ILE A 36 -21.94 -7.16 23.23
CA ILE A 36 -20.58 -6.92 23.69
C ILE A 36 -20.26 -7.58 25.01
N PRO A 37 -21.16 -7.47 26.02
CA PRO A 37 -20.94 -8.07 27.33
C PRO A 37 -20.73 -9.57 27.36
N VAL A 38 -21.02 -10.25 26.25
CA VAL A 38 -20.88 -11.71 26.24
C VAL A 38 -20.24 -12.31 24.99
N ALA A 39 -19.93 -11.49 24.00
CA ALA A 39 -19.36 -12.00 22.75
C ALA A 39 -18.02 -12.72 22.93
N ALA A 40 -17.21 -12.25 23.88
CA ALA A 40 -15.91 -12.85 24.13
C ALA A 40 -16.04 -14.31 24.58
N GLU A 41 -17.01 -14.59 25.45
CA GLU A 41 -17.20 -15.96 25.92
C GLU A 41 -17.61 -16.85 24.77
N TYR A 42 -18.51 -16.35 23.93
CA TYR A 42 -18.99 -17.11 22.76
C TYR A 42 -17.85 -17.34 21.77
N ASP A 43 -16.90 -16.41 21.70
CA ASP A 43 -15.77 -16.58 20.78
C ASP A 43 -14.94 -17.75 21.28
N ARG A 44 -14.91 -17.92 22.61
CA ARG A 44 -14.16 -18.97 23.25
C ARG A 44 -14.84 -20.33 23.15
N THR A 45 -16.08 -20.41 23.65
CA THR A 45 -16.85 -21.64 23.66
C THR A 45 -17.35 -22.13 22.31
N GLY A 46 -17.47 -21.24 21.32
CA GLY A 46 -17.94 -21.66 20.02
C GLY A 46 -19.42 -22.02 20.04
N GLU A 47 -20.04 -21.75 21.18
CA GLU A 47 -21.45 -22.05 21.39
C GLU A 47 -22.35 -21.16 20.55
N TYR A 48 -23.34 -21.78 19.90
CA TYR A 48 -24.30 -21.05 19.09
C TYR A 48 -24.91 -20.02 20.03
N PRO A 49 -25.09 -18.77 19.55
CA PRO A 49 -25.66 -17.71 20.37
C PRO A 49 -27.20 -17.66 20.41
N VAL A 50 -27.83 -18.81 20.61
CA VAL A 50 -29.29 -18.88 20.65
C VAL A 50 -29.95 -17.74 21.44
N PRO A 51 -29.48 -17.46 22.67
CA PRO A 51 -30.04 -16.41 23.50
C PRO A 51 -30.07 -15.03 22.85
N LEU A 52 -29.04 -14.72 22.08
CA LEU A 52 -28.96 -13.43 21.42
C LEU A 52 -29.84 -13.43 20.16
N LEU A 53 -29.93 -14.59 19.50
CA LEU A 53 -30.76 -14.71 18.32
C LEU A 53 -32.22 -14.54 18.72
N LYS A 54 -32.62 -15.21 19.79
CA LYS A 54 -33.98 -15.11 20.30
C LYS A 54 -34.31 -13.64 20.51
N ARG A 55 -33.53 -12.95 21.33
CA ARG A 55 -33.74 -11.54 21.61
C ARG A 55 -33.66 -10.65 20.38
N ALA A 56 -32.88 -11.05 19.39
CA ALA A 56 -32.78 -10.26 18.16
C ALA A 56 -34.08 -10.40 17.38
N TRP A 57 -34.65 -11.60 17.40
CA TRP A 57 -35.88 -11.88 16.68
C TRP A 57 -37.03 -11.05 17.21
N GLU A 58 -37.25 -11.08 18.51
CA GLU A 58 -38.32 -10.33 19.15
C GLU A 58 -38.13 -8.81 19.07
N LEU A 59 -36.88 -8.36 19.02
CA LEU A 59 -36.58 -6.94 18.94
C LEU A 59 -36.74 -6.47 17.49
N GLY A 60 -37.25 -7.38 16.65
CA GLY A 60 -37.48 -7.06 15.25
C GLY A 60 -36.26 -6.79 14.40
N LEU A 61 -35.09 -7.23 14.85
CA LEU A 61 -33.85 -6.99 14.11
C LEU A 61 -33.48 -8.07 13.10
N MET A 62 -34.31 -9.11 12.98
CA MET A 62 -34.05 -10.21 12.05
C MET A 62 -35.10 -10.28 10.94
N ASN A 63 -34.87 -11.14 9.95
CA ASN A 63 -35.81 -11.34 8.84
C ASN A 63 -36.44 -10.01 8.40
N THR A 64 -35.61 -8.97 8.47
CA THR A 64 -35.98 -7.61 8.11
C THR A 64 -36.57 -7.39 6.71
N HIS A 65 -36.13 -8.20 5.74
CA HIS A 65 -36.55 -8.07 4.36
C HIS A 65 -37.84 -8.80 3.95
N ILE A 66 -38.38 -9.65 4.82
CA ILE A 66 -39.59 -10.40 4.48
C ILE A 66 -40.78 -9.46 4.29
N PRO A 67 -41.49 -9.62 3.16
CA PRO A 67 -42.67 -8.82 2.79
C PRO A 67 -43.80 -8.83 3.83
N GLU A 68 -44.43 -7.68 4.03
CA GLU A 68 -45.55 -7.55 4.97
C GLU A 68 -46.67 -8.55 4.66
N SER A 69 -46.75 -8.95 3.39
CA SER A 69 -47.76 -9.90 2.96
C SER A 69 -47.63 -11.20 3.76
N PHE A 70 -46.41 -11.49 4.20
CA PHE A 70 -46.13 -12.72 4.93
C PHE A 70 -45.68 -12.45 6.36
N GLY A 71 -46.15 -11.34 6.92
CA GLY A 71 -45.82 -10.99 8.29
C GLY A 71 -44.52 -10.27 8.57
N GLY A 72 -43.80 -9.84 7.53
CA GLY A 72 -42.53 -9.15 7.75
C GLY A 72 -42.60 -7.63 7.81
N LEU A 73 -41.47 -7.00 8.11
CA LEU A 73 -41.39 -5.53 8.20
C LEU A 73 -41.42 -4.87 6.83
N GLY A 74 -41.12 -5.63 5.79
CA GLY A 74 -41.11 -5.10 4.45
C GLY A 74 -40.00 -4.10 4.17
N LEU A 75 -39.05 -3.99 5.10
CA LEU A 75 -37.91 -3.07 4.99
C LEU A 75 -37.05 -3.34 3.76
N GLY A 76 -36.12 -2.44 3.47
CA GLY A 76 -35.26 -2.60 2.31
C GLY A 76 -33.80 -2.79 2.65
N ILE A 77 -33.00 -3.01 1.61
CA ILE A 77 -31.56 -3.22 1.78
C ILE A 77 -30.87 -2.10 2.55
N ILE A 78 -31.22 -0.85 2.25
CA ILE A 78 -30.59 0.24 2.98
C ILE A 78 -30.88 0.05 4.46
N ASP A 79 -32.10 -0.36 4.78
CA ASP A 79 -32.52 -0.60 6.16
C ASP A 79 -31.77 -1.78 6.74
N SER A 80 -31.71 -2.86 5.98
CA SER A 80 -31.02 -4.07 6.39
C SER A 80 -29.56 -3.80 6.79
N CYS A 81 -28.91 -2.86 6.08
CA CYS A 81 -27.51 -2.50 6.32
C CYS A 81 -27.28 -1.65 7.56
N LEU A 82 -28.17 -0.67 7.80
CA LEU A 82 -28.06 0.22 8.96
C LEU A 82 -28.09 -0.56 10.27
N ILE A 83 -28.90 -1.62 10.28
CA ILE A 83 -29.05 -2.45 11.45
C ILE A 83 -27.85 -3.38 11.62
N THR A 84 -27.41 -3.96 10.53
CA THR A 84 -26.27 -4.86 10.52
C THR A 84 -24.98 -4.25 11.03
N GLU A 85 -24.67 -3.03 10.59
CA GLU A 85 -23.45 -2.36 11.01
C GLU A 85 -23.41 -2.23 12.53
N GLU A 86 -24.56 -1.90 13.13
CA GLU A 86 -24.64 -1.75 14.58
C GLU A 86 -24.41 -3.10 15.28
N LEU A 87 -25.05 -4.13 14.75
CA LEU A 87 -24.93 -5.48 15.25
C LEU A 87 -23.51 -5.98 15.14
N ALA A 88 -22.91 -5.79 13.97
CA ALA A 88 -21.55 -6.24 13.74
C ALA A 88 -20.57 -5.59 14.70
N TYR A 89 -20.87 -4.36 15.09
CA TYR A 89 -20.03 -3.62 16.02
C TYR A 89 -19.85 -4.43 17.29
N GLY A 90 -20.90 -5.15 17.66
CA GLY A 90 -20.85 -5.98 18.86
C GLY A 90 -20.03 -7.22 18.57
N CYS A 91 -20.50 -8.03 17.63
CA CYS A 91 -19.79 -9.24 17.25
C CYS A 91 -20.26 -9.76 15.89
N THR A 92 -19.36 -9.78 14.91
CA THR A 92 -19.69 -10.26 13.57
C THR A 92 -19.97 -11.76 13.61
N GLY A 93 -19.69 -12.39 14.75
CA GLY A 93 -19.96 -13.80 14.91
C GLY A 93 -21.47 -13.94 15.05
N VAL A 94 -22.02 -13.16 15.97
CA VAL A 94 -23.46 -13.13 16.19
C VAL A 94 -24.14 -12.59 14.93
N GLN A 95 -23.68 -11.42 14.48
CA GLN A 95 -24.25 -10.76 13.30
C GLN A 95 -24.34 -11.64 12.06
N THR A 96 -23.28 -12.40 11.77
CA THR A 96 -23.28 -13.29 10.61
C THR A 96 -24.31 -14.40 10.75
N ALA A 97 -24.64 -14.76 11.98
CA ALA A 97 -25.62 -15.81 12.21
C ALA A 97 -27.00 -15.25 11.87
N ILE A 98 -27.23 -14.02 12.30
CA ILE A 98 -28.48 -13.32 12.05
C ILE A 98 -28.64 -12.96 10.57
N GLU A 99 -27.61 -12.34 9.99
CA GLU A 99 -27.67 -11.95 8.59
C GLU A 99 -27.70 -13.12 7.61
N ALA A 100 -27.41 -14.33 8.09
CA ALA A 100 -27.43 -15.49 7.23
C ALA A 100 -28.88 -15.84 6.87
N ASN A 101 -29.79 -15.50 7.78
CA ASN A 101 -31.22 -15.75 7.56
C ASN A 101 -31.67 -14.96 6.35
N THR A 102 -31.22 -13.71 6.26
CA THR A 102 -31.57 -12.84 5.14
C THR A 102 -31.04 -13.44 3.85
N LEU A 103 -29.80 -13.93 3.88
CA LEU A 103 -29.18 -14.53 2.70
C LEU A 103 -29.99 -15.70 2.17
N GLY A 104 -30.46 -16.54 3.08
CA GLY A 104 -31.23 -17.70 2.67
C GLY A 104 -32.66 -17.36 2.24
N GLN A 105 -33.17 -16.23 2.72
CA GLN A 105 -34.53 -15.80 2.41
C GLN A 105 -34.70 -15.07 1.08
N VAL A 106 -33.68 -14.31 0.68
CA VAL A 106 -33.75 -13.55 -0.58
C VAL A 106 -34.16 -14.34 -1.81
N PRO A 107 -33.62 -15.56 -1.99
CA PRO A 107 -33.97 -16.36 -3.17
C PRO A 107 -35.47 -16.60 -3.31
N LEU A 108 -36.17 -16.67 -2.19
CA LEU A 108 -37.62 -16.88 -2.23
C LEU A 108 -38.29 -15.56 -2.57
N ILE A 109 -37.92 -14.51 -1.84
CA ILE A 109 -38.47 -13.19 -2.05
C ILE A 109 -38.42 -12.71 -3.49
N ILE A 110 -37.34 -13.04 -4.21
CA ILE A 110 -37.19 -12.60 -5.58
C ILE A 110 -37.34 -13.70 -6.62
N GLY A 111 -37.46 -14.94 -6.16
CA GLY A 111 -37.57 -16.06 -7.09
C GLY A 111 -38.72 -17.01 -6.87
N GLY A 112 -39.49 -16.84 -5.81
CA GLY A 112 -40.61 -17.74 -5.58
C GLY A 112 -42.00 -17.16 -5.80
N ASN A 113 -43.01 -18.04 -5.84
CA ASN A 113 -44.39 -17.62 -6.01
C ASN A 113 -44.98 -17.29 -4.64
N TYR A 114 -46.23 -16.84 -4.62
CA TYR A 114 -46.90 -16.48 -3.38
C TYR A 114 -46.93 -17.63 -2.36
N GLN A 115 -47.31 -18.82 -2.82
CA GLN A 115 -47.41 -20.01 -1.95
C GLN A 115 -46.10 -20.32 -1.25
N GLN A 116 -45.02 -20.46 -2.03
CA GLN A 116 -43.72 -20.76 -1.47
C GLN A 116 -43.33 -19.70 -0.43
N GLN A 117 -43.61 -18.44 -0.71
CA GLN A 117 -43.25 -17.37 0.22
C GLN A 117 -44.13 -17.34 1.47
N LYS A 118 -45.33 -17.89 1.35
CA LYS A 118 -46.25 -17.92 2.48
C LYS A 118 -45.74 -18.96 3.46
N LYS A 119 -45.44 -20.14 2.92
CA LYS A 119 -44.97 -21.28 3.70
C LYS A 119 -43.66 -21.08 4.45
N TYR A 120 -42.57 -20.91 3.72
CA TYR A 120 -41.25 -20.76 4.31
C TYR A 120 -40.88 -19.40 4.86
N LEU A 121 -41.29 -18.34 4.17
CA LEU A 121 -40.98 -17.00 4.63
C LEU A 121 -41.91 -16.65 5.77
N GLY A 122 -43.12 -17.21 5.73
CA GLY A 122 -44.08 -16.92 6.77
C GLY A 122 -43.70 -17.38 8.18
N ARG A 123 -43.26 -18.64 8.31
CA ARG A 123 -42.91 -19.20 9.62
C ARG A 123 -41.75 -18.51 10.33
N MET A 124 -40.95 -17.76 9.57
CA MET A 124 -39.81 -17.06 10.14
C MET A 124 -40.26 -15.86 10.95
N THR A 125 -41.47 -15.36 10.67
CA THR A 125 -42.02 -14.21 11.40
C THR A 125 -42.76 -14.67 12.67
N GLU A 126 -43.20 -15.93 12.66
CA GLU A 126 -43.91 -16.51 13.79
C GLU A 126 -42.95 -17.11 14.80
N GLU A 127 -41.98 -17.87 14.31
CA GLU A 127 -40.99 -18.52 15.18
C GLU A 127 -39.55 -18.20 14.81
N PRO A 128 -38.67 -18.04 15.81
CA PRO A 128 -37.25 -17.73 15.62
C PRO A 128 -36.43 -18.79 14.88
N LEU A 129 -37.00 -19.46 13.88
CA LEU A 129 -36.25 -20.46 13.13
C LEU A 129 -35.06 -19.80 12.44
N MET A 130 -34.27 -20.60 11.73
CA MET A 130 -33.12 -20.10 10.98
C MET A 130 -33.13 -20.88 9.69
N CYS A 131 -32.54 -20.33 8.65
CA CYS A 131 -32.50 -21.00 7.35
C CYS A 131 -31.10 -20.88 6.82
N ALA A 132 -30.83 -21.47 5.67
CA ALA A 132 -29.48 -21.41 5.14
C ALA A 132 -29.41 -21.36 3.63
N TYR A 133 -28.26 -20.94 3.13
CA TYR A 133 -28.00 -20.81 1.72
C TYR A 133 -26.95 -21.87 1.36
N CYS A 134 -27.34 -22.86 0.55
CA CYS A 134 -26.41 -23.93 0.18
C CYS A 134 -25.98 -23.94 -1.28
N VAL A 135 -24.87 -23.29 -1.57
CA VAL A 135 -24.38 -23.25 -2.93
C VAL A 135 -22.99 -23.89 -3.03
N THR A 136 -22.07 -23.38 -2.22
CA THR A 136 -20.68 -23.83 -2.21
C THR A 136 -20.46 -25.31 -1.88
N GLU A 137 -19.61 -25.96 -2.66
CA GLU A 137 -19.28 -27.36 -2.46
C GLU A 137 -17.82 -27.45 -2.06
N PRO A 138 -17.36 -28.67 -1.74
CA PRO A 138 -15.94 -28.76 -1.36
C PRO A 138 -14.98 -28.51 -2.52
N GLY A 139 -15.43 -28.80 -3.74
CA GLY A 139 -14.56 -28.58 -4.89
C GLY A 139 -14.81 -27.35 -5.75
N ALA A 140 -15.83 -26.57 -5.41
CA ALA A 140 -16.15 -25.36 -6.18
C ALA A 140 -16.92 -24.32 -5.37
N GLY A 141 -16.29 -23.19 -5.12
CA GLY A 141 -16.91 -22.11 -4.38
C GLY A 141 -17.00 -20.86 -5.23
N SER A 142 -15.84 -20.28 -5.55
CA SER A 142 -15.78 -19.07 -6.39
C SER A 142 -16.40 -19.34 -7.75
N ASP A 143 -16.36 -20.61 -8.18
CA ASP A 143 -16.89 -21.01 -9.47
C ASP A 143 -18.22 -21.76 -9.33
N VAL A 144 -19.30 -21.03 -9.06
CA VAL A 144 -20.63 -21.63 -8.89
C VAL A 144 -21.05 -22.51 -10.05
N ALA A 145 -20.62 -22.20 -11.27
CA ALA A 145 -20.97 -23.00 -12.43
C ALA A 145 -20.19 -24.31 -12.39
N GLY A 146 -19.39 -24.47 -11.35
CA GLY A 146 -18.60 -25.68 -11.20
C GLY A 146 -19.26 -26.70 -10.32
N ILE A 147 -20.13 -26.25 -9.42
CA ILE A 147 -20.82 -27.15 -8.50
C ILE A 147 -21.28 -28.40 -9.25
N LYS A 148 -21.19 -29.54 -8.56
CA LYS A 148 -21.58 -30.81 -9.17
C LYS A 148 -22.74 -31.54 -8.53
N THR A 149 -23.37 -30.98 -7.50
CA THR A 149 -24.51 -31.67 -6.92
C THR A 149 -25.67 -31.62 -7.92
N LYS A 150 -26.16 -32.80 -8.30
CA LYS A 150 -27.21 -32.95 -9.29
C LYS A 150 -28.65 -32.99 -8.74
N ALA A 151 -29.61 -32.76 -9.63
CA ALA A 151 -31.02 -32.79 -9.30
C ALA A 151 -31.65 -33.59 -10.44
N GLU A 152 -32.47 -34.57 -10.10
CA GLU A 152 -33.11 -35.40 -11.12
C GLU A 152 -34.64 -35.46 -11.01
N LYS A 153 -35.29 -35.32 -12.16
CA LYS A 153 -36.75 -35.32 -12.25
C LYS A 153 -37.30 -36.74 -12.31
N LYS A 154 -37.97 -37.17 -11.26
CA LYS A 154 -38.56 -38.50 -11.21
C LYS A 154 -40.07 -38.34 -11.00
N GLY A 155 -40.81 -38.12 -12.10
CA GLY A 155 -42.24 -37.92 -12.01
C GLY A 155 -42.57 -36.50 -11.54
N ASP A 156 -43.28 -36.38 -10.43
CA ASP A 156 -43.64 -35.07 -9.88
C ASP A 156 -42.66 -34.75 -8.75
N GLU A 157 -41.42 -35.20 -8.91
CA GLU A 157 -40.41 -34.99 -7.88
C GLU A 157 -39.01 -34.82 -8.42
N TYR A 158 -38.10 -34.39 -7.55
CA TYR A 158 -36.70 -34.20 -7.94
C TYR A 158 -35.78 -34.94 -6.97
N ILE A 159 -34.89 -35.77 -7.50
CA ILE A 159 -33.94 -36.49 -6.64
C ILE A 159 -32.61 -35.73 -6.62
N ILE A 160 -32.22 -35.25 -5.45
CA ILE A 160 -30.97 -34.51 -5.32
C ILE A 160 -29.85 -35.30 -4.65
N ASN A 161 -28.65 -35.20 -5.23
CA ASN A 161 -27.47 -35.88 -4.72
C ASN A 161 -26.22 -35.02 -4.87
N GLY A 162 -25.46 -34.91 -3.78
CA GLY A 162 -24.23 -34.13 -3.82
C GLY A 162 -23.89 -33.62 -2.44
N GLN A 163 -22.80 -32.90 -2.31
CA GLN A 163 -22.45 -32.36 -1.00
C GLN A 163 -22.05 -30.90 -1.05
N LYS A 164 -22.39 -30.19 0.02
CA LYS A 164 -22.12 -28.77 0.17
C LYS A 164 -21.16 -28.56 1.33
N MET A 165 -20.32 -27.53 1.24
CA MET A 165 -19.37 -27.28 2.32
C MET A 165 -19.39 -25.82 2.76
N TRP A 166 -19.05 -25.61 4.02
CA TRP A 166 -19.01 -24.26 4.57
C TRP A 166 -20.39 -23.61 4.56
N ILE A 167 -21.41 -24.25 5.12
CA ILE A 167 -22.74 -23.67 5.11
C ILE A 167 -23.08 -23.00 6.45
N THR A 168 -23.31 -21.69 6.44
CA THR A 168 -23.65 -20.96 7.66
C THR A 168 -25.03 -21.39 8.13
N ASN A 169 -25.24 -21.43 9.45
CA ASN A 169 -26.51 -21.88 10.01
C ASN A 169 -26.79 -23.26 9.43
N GLY A 170 -25.73 -23.93 8.95
CA GLY A 170 -25.83 -25.22 8.32
C GLY A 170 -26.48 -26.36 9.09
N GLY A 171 -26.26 -26.41 10.39
CA GLY A 171 -26.86 -27.48 11.18
C GLY A 171 -27.86 -26.92 12.18
N LYS A 172 -28.40 -25.75 11.89
CA LYS A 172 -29.35 -25.11 12.80
C LYS A 172 -30.56 -24.63 12.03
N ALA A 173 -30.54 -24.87 10.72
CA ALA A 173 -31.59 -24.42 9.83
C ALA A 173 -32.85 -25.28 9.76
N ASN A 174 -33.97 -24.59 9.57
CA ASN A 174 -35.29 -25.18 9.45
C ASN A 174 -35.47 -25.67 8.02
N TRP A 175 -35.05 -24.84 7.06
CA TRP A 175 -35.10 -25.19 5.65
C TRP A 175 -33.87 -24.61 4.96
N TYR A 176 -33.55 -25.09 3.77
CA TYR A 176 -32.39 -24.61 3.03
C TYR A 176 -32.75 -24.21 1.61
N PHE A 177 -31.98 -23.27 1.08
CA PHE A 177 -32.14 -22.90 -0.32
C PHE A 177 -30.98 -23.71 -0.88
N LEU A 178 -31.22 -24.46 -1.94
CA LEU A 178 -30.14 -25.26 -2.51
C LEU A 178 -30.02 -25.06 -4.02
N LEU A 179 -28.77 -25.01 -4.49
CA LEU A 179 -28.52 -24.84 -5.92
C LEU A 179 -27.88 -26.11 -6.45
N ALA A 180 -28.50 -26.72 -7.46
CA ALA A 180 -27.99 -27.95 -8.03
C ALA A 180 -28.13 -27.95 -9.54
N ARG A 181 -27.12 -28.47 -10.22
CA ARG A 181 -27.15 -28.53 -11.67
C ARG A 181 -28.26 -29.49 -12.10
N SER A 182 -29.20 -29.00 -12.90
CA SER A 182 -30.32 -29.81 -13.35
C SER A 182 -30.16 -30.36 -14.75
N ASP A 183 -29.17 -29.86 -15.50
CA ASP A 183 -28.94 -30.36 -16.84
C ASP A 183 -27.55 -31.00 -16.95
N PRO A 184 -27.50 -32.31 -17.22
CA PRO A 184 -26.23 -33.02 -17.34
C PRO A 184 -25.35 -32.54 -18.49
N ASP A 185 -25.96 -32.18 -19.61
CA ASP A 185 -25.17 -31.70 -20.75
C ASP A 185 -24.05 -30.77 -20.28
N PRO A 186 -22.78 -31.17 -20.47
CA PRO A 186 -21.67 -30.33 -20.04
C PRO A 186 -21.57 -29.06 -20.87
N LYS A 187 -22.15 -29.11 -22.07
CA LYS A 187 -22.14 -27.98 -22.99
C LYS A 187 -23.28 -26.99 -22.73
N ALA A 188 -24.11 -27.26 -21.72
CA ALA A 188 -25.24 -26.39 -21.42
C ALA A 188 -24.79 -25.11 -20.74
N PRO A 189 -25.36 -23.96 -21.14
CA PRO A 189 -25.02 -22.67 -20.55
C PRO A 189 -25.30 -22.67 -19.05
N ALA A 190 -24.52 -21.92 -18.29
CA ALA A 190 -24.74 -21.86 -16.86
C ALA A 190 -26.11 -21.25 -16.55
N SER A 191 -26.56 -20.35 -17.41
CA SER A 191 -27.85 -19.69 -17.22
C SER A 191 -29.03 -20.62 -17.37
N LYS A 192 -28.81 -21.77 -18.01
CA LYS A 192 -29.87 -22.76 -18.23
C LYS A 192 -29.65 -24.11 -17.53
N ALA A 193 -28.45 -24.33 -16.99
CA ALA A 193 -28.12 -25.61 -16.37
C ALA A 193 -28.40 -25.84 -14.88
N PHE A 194 -28.87 -24.83 -14.17
CA PHE A 194 -29.12 -24.99 -12.74
C PHE A 194 -30.55 -24.70 -12.27
N THR A 195 -30.89 -25.22 -11.09
CA THR A 195 -32.22 -25.03 -10.51
C THR A 195 -32.07 -24.81 -9.01
N GLY A 196 -32.81 -23.84 -8.49
CA GLY A 196 -32.76 -23.58 -7.06
C GLY A 196 -33.95 -24.23 -6.40
N PHE A 197 -33.71 -24.95 -5.30
CA PHE A 197 -34.78 -25.62 -4.60
C PHE A 197 -34.87 -25.09 -3.19
N ILE A 198 -35.93 -25.52 -2.51
CA ILE A 198 -36.15 -25.17 -1.12
C ILE A 198 -36.32 -26.54 -0.45
N VAL A 199 -35.35 -26.90 0.39
CA VAL A 199 -35.33 -28.19 1.07
C VAL A 199 -35.48 -28.07 2.57
N GLU A 200 -36.46 -28.78 3.12
CA GLU A 200 -36.70 -28.78 4.56
C GLU A 200 -35.70 -29.74 5.18
N ALA A 201 -35.05 -29.26 6.24
CA ALA A 201 -34.02 -30.00 6.95
C ALA A 201 -34.36 -31.39 7.45
N ASP A 202 -35.58 -31.58 7.98
CA ASP A 202 -35.95 -32.88 8.52
C ASP A 202 -36.17 -33.98 7.48
N THR A 203 -36.25 -33.63 6.21
CA THR A 203 -36.46 -34.63 5.17
C THR A 203 -35.33 -35.65 5.17
N PRO A 204 -35.67 -36.94 4.99
CA PRO A 204 -34.68 -38.02 4.96
C PRO A 204 -33.66 -37.93 3.86
N GLY A 205 -32.39 -38.05 4.21
CA GLY A 205 -31.36 -37.99 3.20
C GLY A 205 -30.39 -36.84 3.42
N VAL A 206 -30.73 -35.89 4.29
CA VAL A 206 -29.82 -34.77 4.50
C VAL A 206 -28.92 -35.07 5.68
N GLN A 207 -27.68 -35.42 5.37
CA GLN A 207 -26.70 -35.77 6.37
C GLN A 207 -25.86 -34.57 6.77
N ILE A 208 -26.13 -34.00 7.94
CA ILE A 208 -25.40 -32.83 8.41
C ILE A 208 -24.04 -33.18 9.03
N GLY A 209 -23.01 -32.46 8.60
CA GLY A 209 -21.67 -32.71 9.10
C GLY A 209 -21.36 -32.12 10.46
N ARG A 210 -20.09 -32.19 10.85
CA ARG A 210 -19.65 -31.67 12.14
C ARG A 210 -19.53 -30.16 12.04
N LYS A 211 -19.48 -29.50 13.20
CA LYS A 211 -19.31 -28.07 13.23
C LYS A 211 -17.82 -27.87 12.93
N GLU A 212 -17.50 -27.01 11.97
CA GLU A 212 -16.10 -26.77 11.62
C GLU A 212 -15.51 -25.74 12.57
N ILE A 213 -14.24 -25.91 12.93
CA ILE A 213 -13.56 -24.98 13.82
C ILE A 213 -12.75 -24.00 12.96
N ASN A 214 -12.97 -22.71 13.16
CA ASN A 214 -12.27 -21.68 12.38
C ASN A 214 -11.55 -20.67 13.25
N MET A 215 -10.61 -19.94 12.66
CA MET A 215 -9.87 -18.92 13.40
C MET A 215 -10.75 -17.76 13.87
N GLY A 216 -11.78 -17.41 13.10
CA GLY A 216 -12.64 -16.30 13.49
C GLY A 216 -14.14 -16.56 13.39
N GLN A 217 -14.94 -15.62 13.89
CA GLN A 217 -16.40 -15.75 13.88
C GLN A 217 -16.73 -17.14 14.41
N ARG A 218 -16.04 -17.50 15.49
CA ARG A 218 -16.17 -18.81 16.12
C ARG A 218 -17.53 -19.27 16.65
N CYS A 219 -18.41 -18.35 17.03
CA CYS A 219 -19.72 -18.75 17.54
C CYS A 219 -20.76 -18.99 16.44
N SER A 220 -20.36 -18.79 15.18
CA SER A 220 -21.28 -19.02 14.06
C SER A 220 -21.21 -20.46 13.62
N ASP A 221 -22.38 -21.03 13.33
CA ASP A 221 -22.48 -22.41 12.88
C ASP A 221 -22.17 -22.50 11.40
N THR A 222 -21.11 -23.21 11.08
CA THR A 222 -20.73 -23.42 9.69
C THR A 222 -20.26 -24.86 9.56
N ARG A 223 -20.97 -25.65 8.75
CA ARG A 223 -20.64 -27.06 8.58
C ARG A 223 -21.00 -27.62 7.21
N GLY A 224 -20.46 -28.81 6.92
CA GLY A 224 -20.72 -29.46 5.65
C GLY A 224 -22.06 -30.17 5.65
N ILE A 225 -22.56 -30.54 4.48
CA ILE A 225 -23.85 -31.23 4.38
C ILE A 225 -23.91 -32.09 3.13
N VAL A 226 -24.30 -33.36 3.29
CA VAL A 226 -24.41 -34.26 2.15
C VAL A 226 -25.88 -34.51 1.85
N PHE A 227 -26.20 -34.62 0.57
CA PHE A 227 -27.56 -34.89 0.15
C PHE A 227 -27.54 -36.24 -0.52
N GLU A 228 -28.10 -37.22 0.17
CA GLU A 228 -28.15 -38.58 -0.34
C GLU A 228 -29.58 -38.94 -0.72
N ASP A 229 -29.83 -39.07 -2.02
CA ASP A 229 -31.16 -39.41 -2.53
C ASP A 229 -32.24 -38.64 -1.79
N VAL A 230 -32.14 -37.31 -1.79
CA VAL A 230 -33.15 -36.48 -1.13
C VAL A 230 -34.23 -36.24 -2.16
N ARG A 231 -35.48 -36.51 -1.79
CA ARG A 231 -36.59 -36.31 -2.73
C ARG A 231 -37.36 -35.05 -2.41
N VAL A 232 -37.22 -34.04 -3.27
CA VAL A 232 -37.91 -32.76 -3.11
C VAL A 232 -39.03 -32.67 -4.13
N PRO A 233 -40.21 -32.17 -3.71
CA PRO A 233 -41.36 -32.02 -4.62
C PRO A 233 -41.23 -30.85 -5.60
N LYS A 234 -41.77 -31.01 -6.81
CA LYS A 234 -41.69 -29.95 -7.81
C LYS A 234 -42.26 -28.66 -7.25
N GLU A 235 -43.09 -28.79 -6.22
CA GLU A 235 -43.72 -27.64 -5.57
C GLU A 235 -42.69 -26.77 -4.86
N ASN A 236 -41.47 -27.29 -4.76
CA ASN A 236 -40.39 -26.55 -4.10
C ASN A 236 -39.30 -26.05 -5.05
N VAL A 237 -39.56 -26.11 -6.35
CA VAL A 237 -38.62 -25.60 -7.34
C VAL A 237 -38.93 -24.10 -7.35
N LEU A 238 -37.89 -23.27 -7.25
CA LEU A 238 -38.08 -21.82 -7.18
C LEU A 238 -38.89 -21.10 -8.25
N THR A 239 -38.31 -20.85 -9.41
CA THR A 239 -39.04 -20.15 -10.46
C THR A 239 -39.38 -21.13 -11.55
N GLY A 240 -38.40 -21.97 -11.84
CA GLY A 240 -38.58 -22.97 -12.87
C GLY A 240 -37.29 -23.73 -12.95
N GLU A 241 -37.30 -24.84 -13.66
CA GLU A 241 -36.11 -25.64 -13.81
C GLU A 241 -35.17 -25.01 -14.83
N GLY A 242 -34.02 -24.53 -14.36
CA GLY A 242 -33.06 -23.94 -15.27
C GLY A 242 -32.83 -22.47 -15.02
N ALA A 243 -33.62 -21.89 -14.12
CA ALA A 243 -33.49 -20.48 -13.79
C ALA A 243 -32.84 -20.33 -12.43
N GLY A 244 -31.99 -21.30 -12.06
CA GLY A 244 -31.35 -21.24 -10.77
C GLY A 244 -30.11 -20.37 -10.68
N PHE A 245 -29.36 -20.26 -11.78
CA PHE A 245 -28.14 -19.47 -11.79
C PHE A 245 -28.40 -17.98 -11.63
N LYS A 246 -29.44 -17.49 -12.30
CA LYS A 246 -29.77 -16.08 -12.23
C LYS A 246 -30.26 -15.67 -10.84
N ILE A 247 -31.05 -16.53 -10.22
CA ILE A 247 -31.56 -16.23 -8.88
C ILE A 247 -30.44 -16.03 -7.88
N ALA A 248 -29.42 -16.88 -7.94
CA ALA A 248 -28.29 -16.79 -7.04
C ALA A 248 -27.52 -15.51 -7.32
N MET A 249 -27.25 -15.25 -8.60
CA MET A 249 -26.53 -14.04 -8.99
C MET A 249 -27.30 -12.82 -8.48
N GLY A 250 -28.62 -12.90 -8.53
CA GLY A 250 -29.45 -11.81 -8.07
C GLY A 250 -29.44 -11.71 -6.55
N THR A 251 -29.23 -12.83 -5.87
CA THR A 251 -29.19 -12.84 -4.41
C THR A 251 -27.93 -12.16 -3.88
N PHE A 252 -26.83 -12.32 -4.60
CA PHE A 252 -25.55 -11.74 -4.18
C PHE A 252 -25.54 -10.21 -4.24
N ASP A 253 -26.10 -9.64 -5.30
CA ASP A 253 -26.16 -8.19 -5.45
C ASP A 253 -26.95 -7.59 -4.29
N LYS A 254 -28.01 -8.28 -3.89
CA LYS A 254 -28.88 -7.83 -2.82
C LYS A 254 -28.28 -8.09 -1.44
N THR A 255 -27.53 -9.17 -1.33
CA THR A 255 -26.95 -9.58 -0.06
C THR A 255 -25.52 -9.09 0.21
N ARG A 256 -24.78 -8.79 -0.85
CA ARG A 256 -23.40 -8.33 -0.69
C ARG A 256 -23.28 -7.00 0.07
N PRO A 257 -24.22 -6.05 -0.13
CA PRO A 257 -24.14 -4.77 0.57
C PRO A 257 -24.21 -4.89 2.10
N PRO A 258 -25.08 -5.76 2.63
CA PRO A 258 -25.15 -5.90 4.09
C PRO A 258 -23.84 -6.48 4.64
N VAL A 259 -23.25 -7.41 3.88
CA VAL A 259 -21.98 -8.02 4.27
C VAL A 259 -20.95 -6.92 4.44
N ALA A 260 -20.91 -6.01 3.46
CA ALA A 260 -20.00 -4.88 3.48
C ALA A 260 -20.31 -4.03 4.70
N ALA A 261 -21.59 -3.74 4.89
CA ALA A 261 -22.03 -2.96 6.04
C ALA A 261 -21.54 -3.69 7.30
N GLY A 262 -21.40 -5.00 7.18
CA GLY A 262 -20.95 -5.83 8.29
C GLY A 262 -19.49 -5.58 8.65
N ALA A 263 -18.65 -5.48 7.62
CA ALA A 263 -17.24 -5.21 7.80
C ALA A 263 -17.03 -3.82 8.35
N VAL A 264 -17.93 -2.90 8.00
CA VAL A 264 -17.86 -1.53 8.45
C VAL A 264 -18.15 -1.48 9.96
N GLY A 265 -19.01 -2.37 10.42
CA GLY A 265 -19.32 -2.44 11.83
C GLY A 265 -18.08 -2.87 12.59
N LEU A 266 -17.45 -3.95 12.13
CA LEU A 266 -16.24 -4.47 12.78
C LEU A 266 -15.17 -3.40 12.77
N ALA A 267 -15.02 -2.71 11.65
CA ALA A 267 -14.02 -1.66 11.50
C ALA A 267 -14.27 -0.51 12.45
N GLN A 268 -15.53 -0.12 12.61
CA GLN A 268 -15.90 0.96 13.50
C GLN A 268 -15.59 0.60 14.94
N ARG A 269 -15.78 -0.69 15.27
CA ARG A 269 -15.49 -1.19 16.61
C ARG A 269 -14.00 -1.08 16.90
N ALA A 270 -13.18 -1.49 15.92
CA ALA A 270 -11.73 -1.44 16.07
C ALA A 270 -11.26 -0.01 16.27
N LEU A 271 -11.82 0.90 15.48
CA LEU A 271 -11.46 2.31 15.58
C LEU A 271 -11.76 2.89 16.96
N ASP A 272 -12.91 2.53 17.54
CA ASP A 272 -13.25 3.05 18.86
C ASP A 272 -12.32 2.53 19.95
N GLU A 273 -12.09 1.22 19.94
CA GLU A 273 -11.21 0.60 20.95
C GLU A 273 -9.84 1.25 20.94
N ALA A 274 -9.21 1.29 19.77
CA ALA A 274 -7.90 1.89 19.62
C ALA A 274 -7.96 3.37 19.99
N THR A 275 -9.01 4.07 19.54
CA THR A 275 -9.15 5.48 19.84
C THR A 275 -9.30 5.74 21.33
N LYS A 276 -10.03 4.87 22.03
CA LYS A 276 -10.18 5.05 23.47
C LYS A 276 -8.89 4.72 24.23
N TYR A 277 -8.13 3.74 23.74
CA TYR A 277 -6.88 3.36 24.38
C TYR A 277 -5.85 4.50 24.19
N ALA A 278 -5.62 4.90 22.94
CA ALA A 278 -4.68 5.97 22.62
C ALA A 278 -4.84 7.22 23.48
N LEU A 279 -6.04 7.44 24.01
CA LEU A 279 -6.30 8.61 24.85
C LEU A 279 -6.01 8.26 26.32
N GLU A 280 -5.72 6.99 26.58
CA GLU A 280 -5.45 6.48 27.94
C GLU A 280 -3.98 6.12 28.23
N ARG A 281 -3.43 5.23 27.42
CA ARG A 281 -2.05 4.79 27.56
C ARG A 281 -1.06 5.93 27.36
N LYS A 282 -0.02 5.97 28.19
CA LYS A 282 0.99 7.02 28.07
C LYS A 282 2.39 6.45 27.87
N THR A 283 3.17 7.06 26.99
CA THR A 283 4.54 6.62 26.73
C THR A 283 5.40 7.83 26.42
N PHE A 284 6.62 7.84 26.96
CA PHE A 284 7.53 8.94 26.73
C PHE A 284 6.88 10.23 27.17
N GLY A 285 6.10 10.14 28.26
CA GLY A 285 5.45 11.30 28.83
C GLY A 285 4.27 11.92 28.08
N LYS A 286 3.63 11.16 27.20
CA LYS A 286 2.50 11.69 26.43
C LYS A 286 1.49 10.60 26.10
N LEU A 287 0.23 10.98 25.94
CA LEU A 287 -0.77 10.01 25.57
C LEU A 287 -0.37 9.54 24.19
N LEU A 288 -0.76 8.33 23.82
CA LEU A 288 -0.43 7.81 22.50
C LEU A 288 -0.91 8.78 21.43
N ALA A 289 -2.12 9.32 21.63
CA ALA A 289 -2.75 10.25 20.70
C ALA A 289 -1.95 11.52 20.41
N GLU A 290 -1.10 11.93 21.34
CA GLU A 290 -0.28 13.13 21.13
C GLU A 290 0.98 12.88 20.31
N HIS A 291 1.18 11.63 19.88
CA HIS A 291 2.32 11.31 19.05
C HIS A 291 1.80 11.34 17.62
N GLN A 292 2.27 12.32 16.84
CA GLN A 292 1.81 12.48 15.47
C GLN A 292 1.81 11.19 14.68
N GLY A 293 2.73 10.29 15.00
CA GLY A 293 2.77 9.02 14.30
C GLY A 293 1.50 8.24 14.50
N ILE A 294 0.91 8.34 15.70
CA ILE A 294 -0.33 7.66 16.04
C ILE A 294 -1.55 8.49 15.58
N SER A 295 -1.40 9.81 15.58
CA SER A 295 -2.47 10.72 15.12
C SER A 295 -2.80 10.34 13.68
N PHE A 296 -1.77 10.34 12.85
CA PHE A 296 -1.91 10.00 11.43
C PHE A 296 -2.46 8.58 11.24
N LEU A 297 -2.02 7.65 12.10
CA LEU A 297 -2.50 6.28 12.01
C LEU A 297 -4.01 6.27 12.22
N LEU A 298 -4.47 6.95 13.28
CA LEU A 298 -5.89 7.03 13.62
C LEU A 298 -6.69 7.72 12.50
N ALA A 299 -6.14 8.81 11.97
CA ALA A 299 -6.78 9.55 10.88
C ALA A 299 -7.04 8.65 9.67
N ASP A 300 -6.07 7.81 9.32
CA ASP A 300 -6.25 6.91 8.18
C ASP A 300 -7.34 5.88 8.43
N MET A 301 -7.47 5.43 9.67
CA MET A 301 -8.52 4.46 10.01
C MET A 301 -9.87 5.15 9.87
N ALA A 302 -10.01 6.32 10.49
CA ALA A 302 -11.25 7.08 10.41
C ALA A 302 -11.63 7.25 8.95
N MET A 303 -10.68 7.72 8.15
CA MET A 303 -10.87 7.94 6.72
C MET A 303 -11.47 6.73 6.03
N LYS A 304 -10.83 5.57 6.22
CA LYS A 304 -11.28 4.32 5.62
C LYS A 304 -12.66 3.87 6.07
N VAL A 305 -12.99 4.09 7.34
CA VAL A 305 -14.30 3.68 7.80
C VAL A 305 -15.40 4.54 7.17
N GLU A 306 -15.21 5.85 7.15
CA GLU A 306 -16.19 6.75 6.55
C GLU A 306 -16.43 6.39 5.08
N LEU A 307 -15.36 6.22 4.31
CA LEU A 307 -15.45 5.88 2.90
C LEU A 307 -16.10 4.52 2.66
N ALA A 308 -15.82 3.55 3.52
CA ALA A 308 -16.42 2.23 3.35
C ALA A 308 -17.92 2.28 3.64
N ARG A 309 -18.30 3.08 4.62
CA ARG A 309 -19.71 3.22 4.99
C ARG A 309 -20.48 3.82 3.83
N LEU A 310 -19.87 4.82 3.21
CA LEU A 310 -20.47 5.49 2.07
C LEU A 310 -20.72 4.52 0.91
N SER A 311 -19.76 3.63 0.63
CA SER A 311 -19.91 2.71 -0.48
C SER A 311 -21.03 1.69 -0.35
N TYR A 312 -21.30 1.20 0.85
CA TYR A 312 -22.38 0.23 0.98
C TYR A 312 -23.72 0.96 0.92
N GLN A 313 -23.75 2.21 1.37
CA GLN A 313 -24.99 3.00 1.31
C GLN A 313 -25.35 3.23 -0.16
N ARG A 314 -24.35 3.47 -1.00
CA ARG A 314 -24.57 3.68 -2.42
C ARG A 314 -25.04 2.39 -3.11
N ALA A 315 -24.62 1.24 -2.59
CA ALA A 315 -25.01 -0.04 -3.17
C ALA A 315 -26.42 -0.42 -2.74
N ALA A 316 -26.78 -0.07 -1.51
CA ALA A 316 -28.11 -0.37 -1.00
C ALA A 316 -29.15 0.49 -1.72
N TRP A 317 -28.86 1.78 -1.85
CA TRP A 317 -29.75 2.71 -2.51
C TRP A 317 -30.03 2.31 -3.96
N GLU A 318 -28.99 1.89 -4.67
CA GLU A 318 -29.11 1.50 -6.06
C GLU A 318 -30.07 0.33 -6.26
N ILE A 319 -29.97 -0.68 -5.40
CA ILE A 319 -30.83 -1.84 -5.53
C ILE A 319 -32.23 -1.50 -4.99
N ASP A 320 -32.28 -0.60 -4.02
CA ASP A 320 -33.55 -0.17 -3.45
C ASP A 320 -34.35 0.66 -4.43
N SER A 321 -33.66 1.27 -5.40
CA SER A 321 -34.31 2.09 -6.41
C SER A 321 -34.73 1.25 -7.62
N GLY A 322 -34.63 -0.07 -7.49
CA GLY A 322 -35.03 -0.95 -8.57
C GLY A 322 -34.04 -1.12 -9.71
N ARG A 323 -32.80 -0.74 -9.51
CA ARG A 323 -31.82 -0.91 -10.57
C ARG A 323 -30.80 -1.96 -10.19
N ARG A 324 -30.37 -2.75 -11.17
CA ARG A 324 -29.35 -3.77 -10.93
C ARG A 324 -28.16 -3.02 -10.35
N ASN A 325 -27.62 -3.51 -9.23
CA ASN A 325 -26.51 -2.83 -8.56
C ASN A 325 -25.20 -3.61 -8.47
N THR A 326 -24.99 -4.54 -9.38
CA THR A 326 -23.78 -5.36 -9.39
C THR A 326 -22.48 -4.55 -9.24
N TYR A 327 -22.29 -3.57 -10.10
CA TYR A 327 -21.09 -2.74 -10.07
C TYR A 327 -20.81 -2.16 -8.68
N TYR A 328 -21.82 -1.52 -8.09
CA TYR A 328 -21.68 -0.89 -6.77
C TYR A 328 -21.58 -1.84 -5.58
N ALA A 329 -22.30 -2.95 -5.66
CA ALA A 329 -22.27 -3.94 -4.59
C ALA A 329 -20.85 -4.48 -4.45
N SER A 330 -20.27 -4.90 -5.56
CA SER A 330 -18.91 -5.43 -5.58
C SER A 330 -17.87 -4.46 -5.04
N ILE A 331 -17.97 -3.18 -5.42
CA ILE A 331 -17.05 -2.16 -4.96
C ILE A 331 -17.13 -2.05 -3.45
N ALA A 332 -18.34 -1.97 -2.93
CA ALA A 332 -18.54 -1.84 -1.49
C ALA A 332 -18.03 -3.06 -0.71
N LYS A 333 -18.35 -4.25 -1.19
CA LYS A 333 -17.92 -5.48 -0.55
C LYS A 333 -16.40 -5.59 -0.57
N ALA A 334 -15.81 -5.33 -1.72
CA ALA A 334 -14.37 -5.39 -1.86
C ALA A 334 -13.66 -4.41 -0.94
N TYR A 335 -14.05 -3.14 -1.00
CA TYR A 335 -13.41 -2.13 -0.16
C TYR A 335 -13.60 -2.32 1.32
N ALA A 336 -14.85 -2.53 1.75
CA ALA A 336 -15.14 -2.71 3.17
C ALA A 336 -14.31 -3.86 3.75
N ALA A 337 -14.18 -4.94 2.97
CA ALA A 337 -13.41 -6.10 3.40
C ALA A 337 -11.94 -5.75 3.57
N ASP A 338 -11.37 -5.08 2.58
CA ASP A 338 -9.98 -4.71 2.67
C ASP A 338 -9.65 -3.75 3.81
N ILE A 339 -10.51 -2.77 4.07
CA ILE A 339 -10.20 -1.85 5.16
C ILE A 339 -10.63 -2.39 6.52
N ALA A 340 -11.51 -3.38 6.54
CA ALA A 340 -11.93 -3.95 7.81
C ALA A 340 -10.75 -4.77 8.34
N ASN A 341 -9.95 -5.32 7.43
CA ASN A 341 -8.77 -6.10 7.81
C ASN A 341 -7.63 -5.18 8.22
N GLN A 342 -7.53 -4.05 7.52
CA GLN A 342 -6.49 -3.09 7.79
C GLN A 342 -6.65 -2.43 9.16
N LEU A 343 -7.89 -2.15 9.56
CA LEU A 343 -8.11 -1.52 10.86
C LEU A 343 -8.00 -2.50 12.03
N ALA A 344 -8.23 -3.78 11.79
CA ALA A 344 -8.14 -4.76 12.86
C ALA A 344 -6.71 -4.88 13.36
N THR A 345 -5.77 -5.09 12.43
CA THR A 345 -4.37 -5.23 12.76
C THR A 345 -3.73 -3.93 13.24
N ASP A 346 -4.29 -2.80 12.83
CA ASP A 346 -3.75 -1.51 13.28
C ASP A 346 -4.32 -1.22 14.67
N ALA A 347 -5.50 -1.74 14.95
CA ALA A 347 -6.13 -1.56 16.26
C ALA A 347 -5.33 -2.39 17.28
N VAL A 348 -5.00 -3.62 16.92
CA VAL A 348 -4.23 -4.47 17.81
C VAL A 348 -2.89 -3.78 18.01
N GLN A 349 -2.37 -3.21 16.94
CA GLN A 349 -1.11 -2.52 16.94
C GLN A 349 -0.99 -1.37 17.95
N VAL A 350 -2.05 -0.59 18.15
CA VAL A 350 -1.95 0.53 19.09
C VAL A 350 -2.05 0.06 20.53
N PHE A 351 -2.61 -1.12 20.74
CA PHE A 351 -2.69 -1.67 22.09
C PHE A 351 -1.31 -2.22 22.47
N GLY A 352 -0.54 -2.62 21.45
CA GLY A 352 0.79 -3.14 21.72
C GLY A 352 0.78 -4.54 22.31
N GLY A 353 1.44 -4.72 23.44
CA GLY A 353 1.45 -6.03 24.07
C GLY A 353 0.05 -6.52 24.32
N ASN A 354 -0.72 -5.73 25.07
CA ASN A 354 -2.09 -6.08 25.40
C ASN A 354 -2.90 -6.48 24.17
N GLY A 355 -2.64 -5.82 23.05
CA GLY A 355 -3.37 -6.13 21.83
C GLY A 355 -3.28 -7.58 21.44
N PHE A 356 -2.12 -8.18 21.71
CA PHE A 356 -1.90 -9.57 21.33
C PHE A 356 -2.50 -10.53 22.36
N ASN A 357 -3.00 -9.99 23.47
CA ASN A 357 -3.60 -10.83 24.52
C ASN A 357 -5.11 -10.98 24.36
N THR A 358 -5.62 -12.16 24.69
CA THR A 358 -7.05 -12.44 24.55
C THR A 358 -7.91 -11.81 25.63
N GLU A 359 -7.30 -11.04 26.53
CA GLU A 359 -8.03 -10.36 27.58
C GLU A 359 -8.49 -9.01 27.06
N TYR A 360 -7.98 -8.63 25.89
CA TYR A 360 -8.36 -7.36 25.26
C TYR A 360 -9.13 -7.69 23.99
N PRO A 361 -10.21 -6.94 23.73
CA PRO A 361 -11.12 -7.06 22.57
C PRO A 361 -10.63 -6.98 21.14
N VAL A 362 -9.39 -6.54 20.92
CA VAL A 362 -8.92 -6.40 19.54
C VAL A 362 -8.32 -7.59 18.83
N GLU A 363 -7.69 -8.52 19.53
CA GLU A 363 -7.11 -9.66 18.84
C GLU A 363 -8.24 -10.46 18.18
N LYS A 364 -9.42 -10.44 18.80
CA LYS A 364 -10.57 -11.14 18.24
C LYS A 364 -11.00 -10.47 16.93
N LEU A 365 -10.99 -9.14 16.90
CA LEU A 365 -11.36 -8.39 15.70
C LEU A 365 -10.48 -8.81 14.52
N MET A 366 -9.19 -8.97 14.78
CA MET A 366 -8.26 -9.36 13.72
C MET A 366 -8.61 -10.74 13.17
N ARG A 367 -9.00 -11.66 14.06
CA ARG A 367 -9.38 -13.01 13.67
C ARG A 367 -10.71 -13.02 12.91
N ASP A 368 -11.70 -12.28 13.42
CA ASP A 368 -13.00 -12.23 12.75
C ASP A 368 -12.93 -11.61 11.35
N ALA A 369 -12.18 -10.53 11.22
CA ALA A 369 -12.08 -9.78 9.97
C ALA A 369 -11.62 -10.49 8.69
N LYS A 370 -10.62 -11.34 8.79
CA LYS A 370 -10.09 -12.01 7.60
C LYS A 370 -11.12 -12.67 6.68
N ILE A 371 -12.20 -13.18 7.24
CA ILE A 371 -13.21 -13.87 6.45
C ILE A 371 -13.97 -12.98 5.47
N TYR A 372 -14.03 -11.67 5.73
CA TYR A 372 -14.74 -10.77 4.83
C TYR A 372 -14.10 -10.71 3.45
N GLN A 373 -12.83 -11.10 3.36
CA GLN A 373 -12.15 -11.10 2.07
C GLN A 373 -12.34 -12.41 1.34
N ILE A 374 -13.06 -13.35 1.98
CA ILE A 374 -13.30 -14.68 1.41
C ILE A 374 -14.77 -15.00 1.06
N TYR A 375 -15.67 -15.00 2.05
CA TYR A 375 -17.05 -15.34 1.77
C TYR A 375 -17.88 -14.26 1.11
N GLU A 376 -18.84 -14.69 0.29
CA GLU A 376 -19.70 -13.79 -0.46
C GLU A 376 -18.88 -13.17 -1.58
N GLY A 377 -17.98 -13.96 -2.16
CA GLY A 377 -17.14 -13.48 -3.23
C GLY A 377 -15.82 -12.97 -2.69
N THR A 378 -14.73 -13.67 -3.00
CA THR A 378 -13.42 -13.28 -2.53
C THR A 378 -12.96 -11.99 -3.19
N ALA A 379 -11.96 -11.35 -2.58
CA ALA A 379 -11.40 -10.11 -3.08
C ALA A 379 -11.10 -10.22 -4.56
N GLN A 380 -10.51 -11.34 -4.98
CA GLN A 380 -10.17 -11.52 -6.39
C GLN A 380 -11.39 -11.56 -7.32
N ILE A 381 -12.44 -12.27 -6.92
CA ILE A 381 -13.65 -12.37 -7.72
C ILE A 381 -14.34 -11.00 -7.85
N GLN A 382 -14.29 -10.22 -6.77
CA GLN A 382 -14.88 -8.90 -6.73
C GLN A 382 -14.25 -8.04 -7.82
N ARG A 383 -12.94 -8.21 -8.01
CA ARG A 383 -12.20 -7.46 -9.02
C ARG A 383 -12.60 -7.91 -10.40
N ILE A 384 -12.93 -9.19 -10.53
CA ILE A 384 -13.33 -9.73 -11.82
C ILE A 384 -14.68 -9.13 -12.17
N ILE A 385 -15.59 -9.14 -11.21
CA ILE A 385 -16.92 -8.61 -11.42
C ILE A 385 -16.84 -7.14 -11.75
N ILE A 386 -16.14 -6.38 -10.93
CA ILE A 386 -15.98 -4.95 -11.13
C ILE A 386 -15.38 -4.65 -12.50
N ALA A 387 -14.39 -5.43 -12.90
CA ALA A 387 -13.74 -5.25 -14.19
C ALA A 387 -14.69 -5.52 -15.35
N ARG A 388 -15.62 -6.44 -15.13
CA ARG A 388 -16.61 -6.81 -16.15
C ARG A 388 -17.64 -5.69 -16.35
N GLU A 389 -18.18 -5.18 -15.25
CA GLU A 389 -19.15 -4.11 -15.28
C GLU A 389 -18.57 -2.85 -15.90
N HIS A 390 -17.41 -2.44 -15.41
CA HIS A 390 -16.72 -1.24 -15.89
C HIS A 390 -16.37 -1.23 -17.36
N ILE A 391 -15.77 -2.32 -17.84
CA ILE A 391 -15.35 -2.44 -19.24
C ILE A 391 -16.51 -2.56 -20.23
N GLY A 392 -17.64 -3.06 -19.76
CA GLY A 392 -18.80 -3.18 -20.62
C GLY A 392 -19.34 -1.83 -21.02
N ARG A 393 -19.09 -0.82 -20.20
CA ARG A 393 -19.58 0.52 -20.48
C ARG A 393 -18.80 1.26 -21.55
N TYR A 394 -17.79 0.61 -22.14
CA TYR A 394 -16.99 1.26 -23.18
C TYR A 394 -17.14 0.48 -24.46
N LYS A 395 -18.18 -0.34 -24.52
CA LYS A 395 -18.42 -1.19 -25.67
C LYS A 395 -19.90 -1.55 -25.82
N GLY B 11 35.58 -8.20 -1.27
CA GLY B 11 34.75 -8.78 -2.38
C GLY B 11 33.34 -9.07 -1.90
N PHE B 12 32.39 -9.13 -2.85
CA PHE B 12 30.98 -9.43 -2.54
C PHE B 12 30.72 -10.93 -2.52
N SER B 13 30.00 -11.40 -1.50
CA SER B 13 29.68 -12.81 -1.42
C SER B 13 28.38 -13.08 -0.67
N PHE B 14 27.57 -13.96 -1.25
CA PHE B 14 26.28 -14.36 -0.68
C PHE B 14 26.36 -15.89 -0.67
N GLU B 15 27.52 -16.38 -0.27
CA GLU B 15 27.80 -17.80 -0.24
C GLU B 15 27.99 -18.25 1.21
N LEU B 16 27.34 -19.33 1.60
CA LEU B 16 27.50 -19.81 2.96
C LEU B 16 28.70 -20.72 3.03
N THR B 17 29.42 -20.68 4.15
CA THR B 17 30.60 -21.54 4.33
C THR B 17 30.12 -22.97 4.50
N GLU B 18 31.03 -23.92 4.30
CA GLU B 18 30.67 -25.33 4.44
C GLU B 18 30.15 -25.61 5.86
N GLN B 19 30.68 -24.88 6.83
CA GLN B 19 30.27 -25.05 8.21
C GLN B 19 28.82 -24.56 8.40
N GLN B 20 28.41 -23.59 7.60
CA GLN B 20 27.06 -23.05 7.69
C GLN B 20 26.10 -23.89 6.87
N LYS B 21 26.56 -24.43 5.75
CA LYS B 21 25.71 -25.29 4.93
C LYS B 21 25.51 -26.59 5.70
N GLU B 22 26.18 -26.68 6.84
CA GLU B 22 26.14 -27.86 7.70
C GLU B 22 25.20 -27.60 8.86
N PHE B 23 25.34 -26.44 9.50
CA PHE B 23 24.45 -26.06 10.58
C PHE B 23 23.03 -25.99 10.04
N GLN B 24 22.91 -25.40 8.86
CA GLN B 24 21.64 -25.20 8.16
C GLN B 24 20.94 -26.51 7.81
N ALA B 25 21.71 -27.48 7.33
CA ALA B 25 21.14 -28.78 6.97
C ALA B 25 20.52 -29.40 8.21
N THR B 26 21.19 -29.24 9.35
CA THR B 26 20.73 -29.79 10.63
C THR B 26 19.43 -29.14 11.11
N ALA B 27 19.40 -27.81 11.12
CA ALA B 27 18.23 -27.07 11.55
C ALA B 27 17.06 -27.35 10.63
N ARG B 28 17.33 -27.38 9.33
CA ARG B 28 16.26 -27.64 8.39
C ARG B 28 15.67 -29.01 8.67
N LYS B 29 16.53 -30.00 8.92
CA LYS B 29 16.02 -31.35 9.19
C LYS B 29 15.18 -31.38 10.46
N PHE B 30 15.67 -30.74 11.51
CA PHE B 30 14.96 -30.72 12.77
C PHE B 30 13.59 -30.06 12.67
N ALA B 31 13.48 -29.07 11.78
CA ALA B 31 12.22 -28.35 11.61
C ALA B 31 11.25 -29.10 10.71
N ARG B 32 11.71 -29.52 9.55
CA ARG B 32 10.82 -30.22 8.62
C ARG B 32 10.31 -31.55 9.15
N GLU B 33 11.22 -32.37 9.65
CA GLU B 33 10.86 -33.70 10.13
C GLU B 33 10.39 -33.84 11.59
N GLU B 34 10.83 -32.95 12.47
CA GLU B 34 10.43 -33.04 13.88
C GLU B 34 9.52 -31.95 14.44
N ILE B 35 9.78 -30.69 14.11
CA ILE B 35 8.93 -29.62 14.64
C ILE B 35 7.56 -29.54 13.95
N ILE B 36 7.56 -29.61 12.61
CA ILE B 36 6.33 -29.49 11.85
C ILE B 36 5.20 -30.49 12.11
N PRO B 37 5.53 -31.76 12.43
CA PRO B 37 4.42 -32.70 12.67
C PRO B 37 3.74 -32.55 14.03
N VAL B 38 4.21 -31.62 14.85
CA VAL B 38 3.59 -31.47 16.15
C VAL B 38 3.24 -30.04 16.50
N ALA B 39 3.72 -29.09 15.71
CA ALA B 39 3.47 -27.68 15.94
C ALA B 39 1.97 -27.37 16.05
N ALA B 40 1.16 -28.09 15.28
CA ALA B 40 -0.28 -27.89 15.29
C ALA B 40 -0.94 -28.15 16.63
N GLU B 41 -0.63 -29.30 17.23
CA GLU B 41 -1.23 -29.67 18.51
C GLU B 41 -0.72 -28.80 19.65
N TYR B 42 0.55 -28.41 19.61
CA TYR B 42 1.10 -27.56 20.66
C TYR B 42 0.43 -26.18 20.59
N ASP B 43 0.05 -25.78 19.39
CA ASP B 43 -0.64 -24.50 19.21
C ASP B 43 -2.02 -24.60 19.87
N ARG B 44 -2.69 -25.73 19.65
CA ARG B 44 -4.01 -25.96 20.23
C ARG B 44 -3.95 -26.05 21.75
N THR B 45 -3.20 -27.01 22.27
CA THR B 45 -3.07 -27.20 23.71
C THR B 45 -2.36 -26.03 24.35
N GLY B 46 -1.20 -25.69 23.80
CA GLY B 46 -0.43 -24.57 24.33
C GLY B 46 0.62 -24.98 25.35
N GLU B 47 0.89 -26.28 25.46
CA GLU B 47 1.88 -26.74 26.44
C GLU B 47 3.31 -26.52 25.99
N TYR B 48 4.12 -26.01 26.93
CA TYR B 48 5.53 -25.73 26.70
C TYR B 48 6.16 -26.98 26.10
N PRO B 49 6.52 -26.92 24.81
CA PRO B 49 7.12 -28.04 24.07
C PRO B 49 8.48 -28.50 24.60
N VAL B 50 8.51 -28.96 25.85
CA VAL B 50 9.74 -29.44 26.48
C VAL B 50 10.48 -30.46 25.61
N PRO B 51 9.77 -31.47 25.07
CA PRO B 51 10.44 -32.47 24.23
C PRO B 51 11.29 -31.86 23.10
N LEU B 52 10.70 -30.96 22.31
CA LEU B 52 11.40 -30.33 21.19
C LEU B 52 12.59 -29.51 21.64
N LEU B 53 12.45 -28.83 22.78
CA LEU B 53 13.51 -28.01 23.35
C LEU B 53 14.69 -28.87 23.80
N LYS B 54 14.43 -30.15 24.09
CA LYS B 54 15.51 -31.05 24.51
C LYS B 54 16.24 -31.47 23.26
N ARG B 55 15.49 -31.82 22.23
CA ARG B 55 16.06 -32.22 20.96
C ARG B 55 16.85 -31.10 20.32
N ALA B 56 16.45 -29.86 20.55
CA ALA B 56 17.16 -28.73 19.97
C ALA B 56 18.50 -28.63 20.67
N TRP B 57 18.44 -28.56 22.00
CA TRP B 57 19.63 -28.48 22.83
C TRP B 57 20.65 -29.54 22.45
N GLU B 58 20.31 -30.79 22.67
CA GLU B 58 21.23 -31.89 22.36
C GLU B 58 21.58 -31.97 20.89
N LEU B 59 21.05 -31.04 20.10
CA LEU B 59 21.31 -31.04 18.67
C LEU B 59 22.24 -29.87 18.30
N GLY B 60 22.54 -29.03 19.29
CA GLY B 60 23.43 -27.89 19.10
C GLY B 60 22.73 -26.61 18.70
N LEU B 61 21.43 -26.71 18.41
CA LEU B 61 20.62 -25.57 17.98
C LEU B 61 20.11 -24.66 19.09
N MET B 62 20.77 -24.64 20.25
CA MET B 62 20.31 -23.77 21.33
C MET B 62 21.50 -23.12 22.03
N ASN B 63 21.26 -22.00 22.72
CA ASN B 63 22.34 -21.27 23.41
C ASN B 63 23.51 -21.09 22.46
N THR B 64 23.22 -21.18 21.16
CA THR B 64 24.19 -21.10 20.09
C THR B 64 25.17 -19.94 20.15
N HIS B 65 24.98 -19.03 21.09
CA HIS B 65 25.86 -17.87 21.20
C HIS B 65 26.88 -17.93 22.33
N ILE B 66 26.73 -18.89 23.25
CA ILE B 66 27.67 -19.00 24.36
C ILE B 66 29.06 -19.41 23.84
N PRO B 67 30.10 -18.66 24.26
CA PRO B 67 31.48 -18.91 23.82
C PRO B 67 32.06 -20.27 24.26
N GLU B 68 32.91 -20.85 23.40
CA GLU B 68 33.54 -22.14 23.68
C GLU B 68 33.99 -22.31 25.13
N SER B 69 34.63 -21.27 25.66
CA SER B 69 35.14 -21.30 27.03
C SER B 69 34.19 -21.84 28.08
N PHE B 70 32.91 -21.99 27.75
CA PHE B 70 31.95 -22.48 28.72
C PHE B 70 31.11 -23.63 28.16
N GLY B 71 31.56 -24.22 27.06
CA GLY B 71 30.83 -25.33 26.48
C GLY B 71 29.92 -24.97 25.33
N GLY B 72 29.79 -23.68 25.06
CA GLY B 72 28.94 -23.22 23.97
C GLY B 72 29.66 -23.27 22.64
N LEU B 73 28.91 -23.27 21.55
CA LEU B 73 29.52 -23.32 20.23
C LEU B 73 30.13 -21.99 19.80
N GLY B 74 29.90 -20.95 20.60
CA GLY B 74 30.43 -19.63 20.29
C GLY B 74 30.18 -19.16 18.85
N LEU B 75 28.94 -19.36 18.37
CA LEU B 75 28.57 -18.97 17.02
C LEU B 75 28.33 -17.47 16.83
N GLY B 76 28.48 -17.02 15.59
CA GLY B 76 28.30 -15.60 15.28
C GLY B 76 26.85 -15.25 15.00
N ILE B 77 26.57 -13.98 14.75
CA ILE B 77 25.20 -13.54 14.48
C ILE B 77 24.66 -14.09 13.15
N ILE B 78 25.49 -14.10 12.11
CA ILE B 78 25.07 -14.63 10.82
C ILE B 78 24.64 -16.08 10.99
N ASP B 79 25.49 -16.86 11.66
CA ASP B 79 25.21 -18.28 11.90
C ASP B 79 23.90 -18.43 12.63
N SER B 80 23.71 -17.63 13.67
CA SER B 80 22.50 -17.67 14.47
C SER B 80 21.22 -17.43 13.64
N CYS B 81 21.28 -16.47 12.71
CA CYS B 81 20.12 -16.16 11.86
C CYS B 81 19.82 -17.31 10.89
N LEU B 82 20.86 -17.93 10.36
CA LEU B 82 20.70 -19.05 9.42
C LEU B 82 19.94 -20.21 10.09
N ILE B 83 20.23 -20.44 11.36
CA ILE B 83 19.59 -21.50 12.15
C ILE B 83 18.16 -21.10 12.48
N THR B 84 17.97 -19.87 12.96
CA THR B 84 16.66 -19.35 13.31
C THR B 84 15.65 -19.44 12.18
N GLU B 85 16.01 -18.94 11.00
CA GLU B 85 15.09 -18.98 9.88
C GLU B 85 14.53 -20.37 9.68
N GLU B 86 15.41 -21.37 9.71
CA GLU B 86 14.97 -22.74 9.53
C GLU B 86 14.03 -23.15 10.65
N LEU B 87 14.33 -22.72 11.87
CA LEU B 87 13.49 -23.04 13.01
C LEU B 87 12.08 -22.46 12.88
N ALA B 88 12.00 -21.13 12.79
CA ALA B 88 10.73 -20.42 12.67
C ALA B 88 9.85 -20.98 11.54
N TYR B 89 10.48 -21.37 10.44
CA TYR B 89 9.77 -21.95 9.31
C TYR B 89 8.90 -23.10 9.78
N GLY B 90 9.29 -23.72 10.88
CA GLY B 90 8.53 -24.83 11.43
C GLY B 90 7.43 -24.34 12.34
N CYS B 91 7.82 -23.53 13.31
CA CYS B 91 6.89 -22.93 14.26
C CYS B 91 7.61 -21.81 15.01
N THR B 92 7.08 -20.60 14.91
CA THR B 92 7.68 -19.47 15.58
C THR B 92 7.37 -19.51 17.08
N GLY B 93 6.46 -20.41 17.45
CA GLY B 93 6.12 -20.57 18.85
C GLY B 93 7.29 -21.25 19.55
N VAL B 94 7.69 -22.40 19.01
CA VAL B 94 8.81 -23.18 19.55
C VAL B 94 10.09 -22.35 19.48
N GLN B 95 10.34 -21.80 18.29
CA GLN B 95 11.53 -20.99 18.01
C GLN B 95 11.71 -19.80 18.95
N THR B 96 10.61 -19.13 19.30
CA THR B 96 10.69 -18.00 20.22
C THR B 96 11.13 -18.46 21.60
N ALA B 97 10.74 -19.68 21.98
CA ALA B 97 11.14 -20.23 23.27
C ALA B 97 12.64 -20.30 23.25
N ILE B 98 13.16 -20.84 22.15
CA ILE B 98 14.59 -20.98 21.95
C ILE B 98 15.35 -19.65 21.98
N GLU B 99 14.87 -18.66 21.23
CA GLU B 99 15.55 -17.36 21.21
C GLU B 99 15.48 -16.57 22.50
N ALA B 100 14.42 -16.77 23.28
CA ALA B 100 14.30 -16.07 24.55
C ALA B 100 15.51 -16.43 25.39
N ASN B 101 16.14 -17.54 25.06
CA ASN B 101 17.32 -17.97 25.79
C ASN B 101 18.49 -17.06 25.48
N THR B 102 18.88 -16.97 24.21
CA THR B 102 20.01 -16.12 23.87
C THR B 102 19.77 -14.65 24.23
N LEU B 103 18.51 -14.25 24.39
CA LEU B 103 18.23 -12.86 24.78
C LEU B 103 18.56 -12.63 26.24
N GLY B 104 18.40 -13.69 27.04
CA GLY B 104 18.71 -13.55 28.45
C GLY B 104 20.21 -13.69 28.65
N GLN B 105 20.84 -14.42 27.73
CA GLN B 105 22.28 -14.68 27.77
C GLN B 105 23.18 -13.56 27.29
N VAL B 106 22.82 -12.94 26.17
CA VAL B 106 23.63 -11.86 25.61
C VAL B 106 24.01 -10.79 26.63
N PRO B 107 23.08 -10.39 27.49
CA PRO B 107 23.41 -9.37 28.48
C PRO B 107 24.55 -9.81 29.42
N LEU B 108 24.77 -11.12 29.47
CA LEU B 108 25.82 -11.68 30.31
C LEU B 108 27.08 -11.74 29.46
N ILE B 109 26.94 -12.23 28.23
CA ILE B 109 28.07 -12.32 27.34
C ILE B 109 28.74 -10.96 27.17
N ILE B 110 27.94 -9.93 26.89
CA ILE B 110 28.48 -8.59 26.68
C ILE B 110 28.69 -7.78 27.96
N GLY B 111 27.95 -8.09 29.02
CA GLY B 111 28.10 -7.31 30.24
C GLY B 111 28.69 -7.97 31.48
N GLY B 112 28.66 -9.30 31.57
CA GLY B 112 29.17 -9.97 32.75
C GLY B 112 30.63 -10.36 32.77
N ASN B 113 31.22 -10.44 33.97
CA ASN B 113 32.62 -10.82 34.10
C ASN B 113 32.77 -12.33 34.03
N TYR B 114 34.02 -12.80 33.94
CA TYR B 114 34.31 -14.24 33.84
C TYR B 114 33.51 -15.12 34.80
N GLN B 115 33.51 -14.78 36.09
CA GLN B 115 32.77 -15.58 37.06
C GLN B 115 31.31 -15.73 36.66
N GLN B 116 30.57 -14.62 36.70
CA GLN B 116 29.16 -14.61 36.35
C GLN B 116 28.96 -15.39 35.06
N GLN B 117 29.80 -15.13 34.06
CA GLN B 117 29.69 -15.85 32.80
C GLN B 117 29.86 -17.35 32.95
N LYS B 118 30.87 -17.78 33.70
CA LYS B 118 31.12 -19.20 33.92
C LYS B 118 29.97 -19.79 34.72
N LYS B 119 29.54 -19.06 35.73
CA LYS B 119 28.46 -19.48 36.63
C LYS B 119 27.10 -19.73 35.96
N TYR B 120 26.59 -18.73 35.24
CA TYR B 120 25.27 -18.86 34.62
C TYR B 120 25.20 -19.30 33.18
N LEU B 121 26.26 -19.05 32.41
CA LEU B 121 26.26 -19.47 31.00
C LEU B 121 26.73 -20.91 30.93
N GLY B 122 27.69 -21.25 31.79
CA GLY B 122 28.22 -22.61 31.81
C GLY B 122 27.13 -23.60 32.14
N ARG B 123 26.29 -23.27 33.13
CA ARG B 123 25.23 -24.18 33.53
C ARG B 123 24.22 -24.45 32.41
N MET B 124 24.26 -23.65 31.34
CA MET B 124 23.34 -23.81 30.20
C MET B 124 23.81 -24.82 29.18
N THR B 125 25.12 -25.08 29.18
CA THR B 125 25.70 -26.03 28.25
C THR B 125 25.74 -27.44 28.85
N GLU B 126 25.55 -27.53 30.16
CA GLU B 126 25.58 -28.82 30.83
C GLU B 126 24.21 -29.45 30.79
N GLU B 127 23.17 -28.65 30.96
CA GLU B 127 21.81 -29.16 30.94
C GLU B 127 20.80 -28.19 30.31
N PRO B 128 19.80 -28.72 29.60
CA PRO B 128 18.71 -28.00 28.91
C PRO B 128 17.90 -27.05 29.77
N LEU B 129 18.55 -26.02 30.30
CA LEU B 129 17.86 -25.03 31.12
C LEU B 129 17.38 -23.87 30.25
N MET B 130 16.53 -23.02 30.84
CA MET B 130 15.94 -21.87 30.15
C MET B 130 16.12 -20.61 30.97
N CYS B 131 16.45 -19.50 30.31
CA CYS B 131 16.59 -18.23 31.03
C CYS B 131 15.61 -17.25 30.42
N ALA B 132 15.48 -16.08 31.01
CA ALA B 132 14.55 -15.09 30.51
C ALA B 132 15.06 -13.67 30.63
N TYR B 133 14.57 -12.82 29.74
CA TYR B 133 14.91 -11.41 29.65
C TYR B 133 13.74 -10.63 30.27
N CYS B 134 13.97 -9.91 31.36
CA CYS B 134 12.91 -9.16 32.04
C CYS B 134 13.13 -7.65 32.06
N VAL B 135 12.63 -6.93 31.06
CA VAL B 135 12.79 -5.47 31.04
C VAL B 135 11.43 -4.80 31.16
N THR B 136 10.49 -5.23 30.32
CA THR B 136 9.14 -4.70 30.28
C THR B 136 8.38 -4.84 31.59
N GLU B 137 7.50 -3.88 31.84
CA GLU B 137 6.65 -3.87 33.03
C GLU B 137 5.26 -3.52 32.52
N PRO B 138 4.25 -3.53 33.40
CA PRO B 138 2.88 -3.20 32.96
C PRO B 138 2.76 -1.80 32.37
N GLY B 139 3.30 -0.81 33.07
CA GLY B 139 3.22 0.57 32.63
C GLY B 139 4.26 1.05 31.62
N ALA B 140 5.13 0.17 31.14
CA ALA B 140 6.13 0.60 30.18
C ALA B 140 6.81 -0.55 29.46
N GLY B 141 6.78 -0.48 28.14
CA GLY B 141 7.39 -1.51 27.32
C GLY B 141 8.31 -0.87 26.30
N SER B 142 7.80 0.14 25.60
CA SER B 142 8.56 0.88 24.59
C SER B 142 9.40 1.92 25.30
N ASP B 143 8.79 2.64 26.24
CA ASP B 143 9.52 3.66 26.97
C ASP B 143 10.29 2.96 28.10
N VAL B 144 11.32 2.23 27.68
CA VAL B 144 12.20 1.46 28.54
C VAL B 144 12.81 2.31 29.66
N ALA B 145 12.97 3.61 29.43
CA ALA B 145 13.54 4.46 30.46
C ALA B 145 12.49 4.86 31.48
N GLY B 146 11.27 4.32 31.32
CA GLY B 146 10.19 4.66 32.23
C GLY B 146 9.75 3.57 33.20
N ILE B 147 10.51 2.48 33.27
CA ILE B 147 10.18 1.38 34.18
C ILE B 147 10.34 1.85 35.62
N LYS B 148 9.63 1.20 36.55
CA LYS B 148 9.67 1.59 37.96
C LYS B 148 10.22 0.53 38.91
N THR B 149 10.35 -0.71 38.44
CA THR B 149 10.90 -1.75 39.31
C THR B 149 12.14 -1.18 40.00
N LYS B 150 12.05 -1.01 41.33
CA LYS B 150 13.15 -0.44 42.08
C LYS B 150 14.22 -1.42 42.53
N ALA B 151 15.27 -0.86 43.11
CA ALA B 151 16.40 -1.62 43.59
C ALA B 151 17.18 -0.74 44.57
N GLU B 152 17.17 -1.13 45.84
CA GLU B 152 17.89 -0.37 46.85
C GLU B 152 18.91 -1.27 47.50
N LYS B 153 20.14 -0.75 47.61
CA LYS B 153 21.28 -1.45 48.17
C LYS B 153 21.23 -1.49 49.68
N LYS B 154 21.56 -2.65 50.23
CA LYS B 154 21.62 -2.91 51.67
C LYS B 154 22.73 -3.93 51.88
N GLY B 155 23.83 -3.48 52.50
CA GLY B 155 24.95 -4.38 52.71
C GLY B 155 25.51 -4.80 51.37
N ASP B 156 25.80 -6.10 51.21
CA ASP B 156 26.31 -6.62 49.96
C ASP B 156 25.16 -7.28 49.23
N GLU B 157 24.02 -6.60 49.29
CA GLU B 157 22.78 -7.06 48.67
C GLU B 157 21.95 -5.90 48.13
N TYR B 158 21.10 -6.21 47.16
CA TYR B 158 20.19 -5.23 46.60
C TYR B 158 18.80 -5.80 46.84
N ILE B 159 17.94 -5.02 47.48
CA ILE B 159 16.55 -5.44 47.73
C ILE B 159 15.74 -4.97 46.51
N ILE B 160 15.24 -5.90 45.72
CA ILE B 160 14.47 -5.56 44.54
C ILE B 160 12.96 -5.67 44.78
N ASN B 161 12.24 -4.68 44.27
CA ASN B 161 10.80 -4.60 44.41
C ASN B 161 10.18 -4.06 43.12
N GLY B 162 9.14 -4.72 42.65
CA GLY B 162 8.49 -4.26 41.43
C GLY B 162 7.89 -5.41 40.65
N GLN B 163 7.55 -5.16 39.39
CA GLN B 163 7.00 -6.20 38.55
C GLN B 163 7.40 -6.05 37.11
N LYS B 164 7.21 -7.13 36.36
CA LYS B 164 7.53 -7.16 34.96
C LYS B 164 6.32 -7.80 34.32
N MET B 165 6.22 -7.74 32.99
CA MET B 165 5.08 -8.32 32.30
C MET B 165 5.46 -8.82 30.93
N TRP B 166 4.78 -9.87 30.50
CA TRP B 166 5.00 -10.47 29.19
C TRP B 166 6.35 -11.17 29.07
N ILE B 167 6.95 -11.55 30.18
CA ILE B 167 8.24 -12.23 30.13
C ILE B 167 8.16 -13.63 29.53
N THR B 168 8.85 -13.84 28.41
CA THR B 168 8.89 -15.15 27.75
C THR B 168 9.73 -16.07 28.64
N ASN B 169 9.36 -17.35 28.69
CA ASN B 169 10.06 -18.33 29.51
C ASN B 169 10.08 -17.88 30.96
N GLY B 170 9.10 -17.05 31.33
CA GLY B 170 9.02 -16.52 32.68
C GLY B 170 8.74 -17.57 33.73
N GLY B 171 7.91 -18.55 33.37
CA GLY B 171 7.58 -19.60 34.31
C GLY B 171 8.44 -20.84 34.09
N LYS B 172 9.34 -20.77 33.12
CA LYS B 172 10.20 -21.91 32.81
C LYS B 172 11.70 -21.57 32.91
N ALA B 173 12.03 -20.46 33.55
CA ALA B 173 13.42 -20.04 33.65
C ALA B 173 14.19 -20.33 34.94
N ASN B 174 15.46 -20.71 34.77
CA ASN B 174 16.37 -20.99 35.87
C ASN B 174 16.83 -19.66 36.44
N TRP B 175 17.27 -18.75 35.58
CA TRP B 175 17.71 -17.41 35.99
C TRP B 175 17.16 -16.33 35.06
N TYR B 176 17.14 -15.09 35.55
CA TYR B 176 16.63 -13.96 34.76
C TYR B 176 17.64 -12.82 34.65
N PHE B 177 17.65 -12.13 33.51
CA PHE B 177 18.47 -10.94 33.38
C PHE B 177 17.39 -9.97 33.84
N LEU B 178 17.72 -8.97 34.63
CA LEU B 178 16.69 -8.07 35.13
C LEU B 178 17.11 -6.61 35.21
N LEU B 179 16.31 -5.74 34.58
CA LEU B 179 16.58 -4.30 34.57
C LEU B 179 15.79 -3.64 35.69
N ALA B 180 16.47 -2.88 36.54
CA ALA B 180 15.79 -2.19 37.63
C ALA B 180 16.40 -0.81 37.74
N ARG B 181 15.67 0.12 38.34
CA ARG B 181 16.16 1.47 38.49
C ARG B 181 16.87 1.57 39.84
N SER B 182 18.20 1.72 39.80
CA SER B 182 19.01 1.83 41.01
C SER B 182 18.96 3.25 41.55
N ASP B 183 19.04 4.25 40.67
CA ASP B 183 18.98 5.62 41.14
C ASP B 183 17.52 6.01 41.33
N PRO B 184 17.16 6.58 42.50
CA PRO B 184 15.78 6.99 42.77
C PRO B 184 15.56 8.48 42.44
N ASP B 185 16.49 9.08 41.70
CA ASP B 185 16.39 10.50 41.34
C ASP B 185 15.69 10.69 40.00
N PRO B 186 14.70 11.61 39.95
CA PRO B 186 13.94 11.91 38.73
C PRO B 186 14.79 12.34 37.54
N LYS B 187 15.71 13.27 37.78
CA LYS B 187 16.57 13.77 36.73
C LYS B 187 17.80 12.88 36.54
N ALA B 188 17.86 11.78 37.29
CA ALA B 188 18.98 10.87 37.17
C ALA B 188 19.13 10.59 35.68
N PRO B 189 20.33 10.82 35.13
CA PRO B 189 20.55 10.57 33.70
C PRO B 189 20.45 9.10 33.32
N ALA B 190 19.37 8.76 32.61
CA ALA B 190 19.09 7.39 32.14
C ALA B 190 20.30 6.50 32.02
N SER B 191 21.42 7.06 31.56
CA SER B 191 22.66 6.29 31.39
C SER B 191 23.38 5.96 32.69
N LYS B 192 22.75 6.24 33.84
CA LYS B 192 23.37 5.96 35.13
C LYS B 192 22.32 5.64 36.21
N ALA B 193 21.05 5.61 35.82
CA ALA B 193 19.98 5.35 36.76
C ALA B 193 19.55 3.89 36.88
N PHE B 194 19.96 3.05 35.94
CA PHE B 194 19.55 1.66 35.93
C PHE B 194 20.68 0.66 36.16
N THR B 195 20.34 -0.52 36.64
CA THR B 195 21.33 -1.57 36.91
C THR B 195 20.78 -2.92 36.48
N GLY B 196 21.62 -3.72 35.84
CA GLY B 196 21.20 -5.04 35.40
C GLY B 196 21.55 -6.09 36.44
N PHE B 197 20.73 -7.13 36.55
CA PHE B 197 20.97 -8.18 37.51
C PHE B 197 20.64 -9.52 36.91
N ILE B 198 21.40 -10.53 37.29
CA ILE B 198 21.13 -11.89 36.85
C ILE B 198 20.51 -12.47 38.12
N VAL B 199 19.20 -12.73 38.07
CA VAL B 199 18.46 -13.25 39.22
C VAL B 199 17.96 -14.67 39.04
N GLU B 200 18.01 -15.45 40.12
CA GLU B 200 17.56 -16.84 40.07
C GLU B 200 16.08 -16.97 40.38
N ALA B 201 15.41 -17.83 39.62
CA ALA B 201 13.97 -18.02 39.76
C ALA B 201 13.53 -18.60 41.11
N ASP B 202 14.40 -19.37 41.74
CA ASP B 202 14.10 -20.02 43.01
C ASP B 202 14.26 -19.16 44.26
N THR B 203 14.66 -17.90 44.07
CA THR B 203 14.88 -16.98 45.19
C THR B 203 13.58 -16.53 45.87
N PRO B 204 13.64 -16.25 47.18
CA PRO B 204 12.46 -15.81 47.91
C PRO B 204 11.97 -14.50 47.35
N GLY B 205 10.64 -14.32 47.34
CA GLY B 205 10.04 -13.09 46.82
C GLY B 205 9.66 -13.10 45.35
N VAL B 206 10.17 -14.06 44.59
CA VAL B 206 9.86 -14.18 43.17
C VAL B 206 8.52 -14.84 42.93
N GLN B 207 7.47 -14.02 42.77
CA GLN B 207 6.11 -14.51 42.55
C GLN B 207 5.73 -14.59 41.06
N ILE B 208 5.81 -15.80 40.50
CA ILE B 208 5.48 -16.01 39.10
C ILE B 208 3.96 -16.01 38.89
N GLY B 209 3.52 -15.51 37.73
CA GLY B 209 2.10 -15.44 37.44
C GLY B 209 1.56 -16.55 36.57
N ARG B 210 0.30 -16.42 36.16
CA ARG B 210 -0.34 -17.43 35.33
C ARG B 210 0.13 -17.30 33.88
N LYS B 211 0.00 -18.37 33.11
CA LYS B 211 0.40 -18.34 31.72
C LYS B 211 -0.55 -17.41 30.98
N GLU B 212 -0.03 -16.32 30.44
CA GLU B 212 -0.86 -15.39 29.68
C GLU B 212 -1.29 -16.10 28.41
N ILE B 213 -2.56 -15.97 28.05
CA ILE B 213 -3.07 -16.61 26.83
C ILE B 213 -3.17 -15.57 25.72
N ASN B 214 -2.63 -15.88 24.56
CA ASN B 214 -2.67 -14.94 23.45
C ASN B 214 -3.24 -15.52 22.16
N MET B 215 -3.09 -14.75 21.08
CA MET B 215 -3.60 -15.13 19.76
C MET B 215 -2.66 -16.07 18.98
N GLY B 216 -1.36 -15.80 19.03
CA GLY B 216 -0.39 -16.62 18.31
C GLY B 216 0.83 -17.01 19.15
N GLN B 217 1.65 -17.93 18.64
CA GLN B 217 2.84 -18.41 19.36
C GLN B 217 2.39 -18.87 20.74
N ARG B 218 1.32 -19.66 20.74
CA ARG B 218 0.71 -20.13 21.96
C ARG B 218 1.43 -21.17 22.81
N CYS B 219 2.22 -22.06 22.20
CA CYS B 219 2.93 -23.05 23.00
C CYS B 219 4.03 -22.35 23.81
N SER B 220 4.39 -21.14 23.40
CA SER B 220 5.42 -20.38 24.10
C SER B 220 4.95 -19.96 25.47
N ASP B 221 5.90 -19.80 26.38
CA ASP B 221 5.58 -19.42 27.75
C ASP B 221 5.82 -17.94 27.96
N THR B 222 4.79 -17.23 28.38
CA THR B 222 4.86 -15.80 28.60
C THR B 222 3.92 -15.43 29.76
N ARG B 223 4.42 -14.62 30.70
CA ARG B 223 3.61 -14.23 31.87
C ARG B 223 4.25 -13.12 32.69
N GLY B 224 3.50 -12.65 33.69
CA GLY B 224 3.98 -11.59 34.55
C GLY B 224 4.71 -12.13 35.76
N ILE B 225 5.68 -11.36 36.25
CA ILE B 225 6.46 -11.78 37.40
C ILE B 225 6.56 -10.61 38.36
N VAL B 226 6.09 -10.83 39.59
CA VAL B 226 6.14 -9.80 40.62
C VAL B 226 7.32 -10.05 41.54
N PHE B 227 8.11 -9.01 41.79
CA PHE B 227 9.26 -9.14 42.66
C PHE B 227 8.96 -8.39 43.95
N GLU B 228 9.03 -9.11 45.07
CA GLU B 228 8.74 -8.50 46.35
C GLU B 228 9.84 -8.80 47.37
N ASP B 229 10.66 -7.78 47.62
CA ASP B 229 11.77 -7.88 48.56
C ASP B 229 12.74 -8.97 48.15
N VAL B 230 12.88 -9.20 46.85
CA VAL B 230 13.83 -10.21 46.39
C VAL B 230 15.16 -9.66 46.84
N ARG B 231 16.09 -10.54 47.21
CA ARG B 231 17.40 -10.07 47.64
C ARG B 231 18.47 -10.60 46.71
N VAL B 232 19.29 -9.68 46.20
CA VAL B 232 20.34 -10.05 45.26
C VAL B 232 21.73 -9.65 45.76
N PRO B 233 22.67 -10.60 45.76
CA PRO B 233 24.01 -10.31 46.22
C PRO B 233 24.74 -9.49 45.16
N LYS B 234 25.40 -8.42 45.60
CA LYS B 234 26.11 -7.50 44.71
C LYS B 234 26.96 -8.21 43.65
N GLU B 235 27.29 -9.47 43.89
CA GLU B 235 28.08 -10.22 42.93
C GLU B 235 27.28 -10.50 41.64
N ASN B 236 25.96 -10.36 41.70
CA ASN B 236 25.15 -10.60 40.50
C ASN B 236 25.00 -9.34 39.65
N VAL B 237 25.34 -8.19 40.22
CA VAL B 237 25.27 -6.94 39.47
C VAL B 237 26.21 -7.10 38.28
N LEU B 238 25.66 -7.02 37.07
CA LEU B 238 26.44 -7.18 35.85
C LEU B 238 27.77 -6.40 35.80
N THR B 239 27.89 -5.42 34.90
CA THR B 239 29.14 -4.67 34.79
C THR B 239 29.39 -3.80 36.01
N GLY B 240 28.35 -3.11 36.45
CA GLY B 240 28.47 -2.23 37.60
C GLY B 240 27.13 -1.56 37.87
N GLU B 241 26.96 -1.01 39.06
CA GLU B 241 25.74 -0.33 39.42
C GLU B 241 25.60 0.94 38.60
N GLY B 242 24.71 0.92 37.61
CA GLY B 242 24.52 2.11 36.79
C GLY B 242 24.68 1.88 35.30
N ALA B 243 25.40 0.83 34.92
CA ALA B 243 25.59 0.53 33.51
C ALA B 243 24.45 -0.30 32.93
N GLY B 244 23.31 -0.29 33.62
CA GLY B 244 22.17 -1.05 33.15
C GLY B 244 21.74 -0.70 31.74
N PHE B 245 21.29 0.55 31.55
CA PHE B 245 20.82 1.04 30.27
C PHE B 245 21.75 0.67 29.11
N LYS B 246 23.06 0.76 29.36
CA LYS B 246 24.05 0.43 28.34
C LYS B 246 24.04 -1.07 27.98
N ILE B 247 23.93 -1.94 28.99
CA ILE B 247 23.91 -3.39 28.76
C ILE B 247 22.64 -3.78 28.00
N ALA B 248 21.53 -3.18 28.40
CA ALA B 248 20.25 -3.45 27.75
C ALA B 248 20.28 -2.97 26.29
N MET B 249 20.69 -1.72 26.08
CA MET B 249 20.75 -1.16 24.74
C MET B 249 21.69 -1.94 23.84
N GLY B 250 22.92 -2.15 24.31
CA GLY B 250 23.90 -2.88 23.52
C GLY B 250 23.39 -4.23 23.08
N THR B 251 22.42 -4.77 23.82
CA THR B 251 21.86 -6.07 23.50
C THR B 251 21.16 -6.10 22.14
N PHE B 252 20.18 -5.21 21.96
CA PHE B 252 19.42 -5.14 20.71
C PHE B 252 20.26 -5.24 19.45
N ASP B 253 21.42 -4.57 19.45
CA ASP B 253 22.31 -4.61 18.29
C ASP B 253 22.67 -6.04 17.92
N LYS B 254 22.47 -6.98 18.84
CA LYS B 254 22.81 -8.37 18.55
C LYS B 254 21.58 -9.25 18.38
N THR B 255 20.52 -8.91 19.08
CA THR B 255 19.31 -9.72 19.01
C THR B 255 18.35 -9.43 17.85
N ARG B 256 18.25 -8.17 17.44
CA ARG B 256 17.33 -7.80 16.34
C ARG B 256 17.53 -8.63 15.07
N PRO B 257 18.77 -8.77 14.59
CA PRO B 257 18.97 -9.55 13.37
C PRO B 257 18.30 -10.92 13.44
N PRO B 258 18.57 -11.71 14.50
CA PRO B 258 17.95 -13.03 14.61
C PRO B 258 16.43 -12.93 14.59
N VAL B 259 15.89 -11.98 15.35
CA VAL B 259 14.44 -11.77 15.41
C VAL B 259 13.82 -11.52 14.04
N ALA B 260 14.55 -10.86 13.16
CA ALA B 260 14.01 -10.61 11.83
C ALA B 260 14.11 -11.86 10.98
N ALA B 261 15.14 -12.66 11.21
CA ALA B 261 15.31 -13.90 10.47
C ALA B 261 14.20 -14.86 10.84
N GLY B 262 13.65 -14.67 12.04
CA GLY B 262 12.55 -15.52 12.47
C GLY B 262 11.29 -15.20 11.68
N ALA B 263 11.02 -13.90 11.55
CA ALA B 263 9.86 -13.44 10.81
C ALA B 263 9.96 -13.92 9.37
N VAL B 264 11.18 -13.95 8.84
CA VAL B 264 11.39 -14.39 7.46
C VAL B 264 11.15 -15.89 7.28
N GLY B 265 11.45 -16.67 8.32
CA GLY B 265 11.21 -18.10 8.24
C GLY B 265 9.73 -18.34 8.14
N LEU B 266 8.96 -17.60 8.94
CA LEU B 266 7.51 -17.71 8.94
C LEU B 266 6.97 -17.40 7.56
N ALA B 267 7.40 -16.27 7.01
CA ALA B 267 6.97 -15.85 5.68
C ALA B 267 7.32 -16.89 4.62
N GLN B 268 8.50 -17.50 4.77
CA GLN B 268 8.95 -18.53 3.83
C GLN B 268 8.00 -19.72 3.88
N ARG B 269 7.53 -20.04 5.08
CA ARG B 269 6.61 -21.15 5.30
C ARG B 269 5.28 -20.83 4.64
N ALA B 270 4.76 -19.63 4.89
CA ALA B 270 3.50 -19.21 4.31
C ALA B 270 3.58 -19.24 2.78
N LEU B 271 4.68 -18.71 2.24
CA LEU B 271 4.88 -18.69 0.79
C LEU B 271 4.81 -20.11 0.22
N ASP B 272 5.51 -21.04 0.84
CA ASP B 272 5.54 -22.43 0.40
C ASP B 272 4.16 -23.07 0.41
N GLU B 273 3.43 -22.87 1.51
CA GLU B 273 2.10 -23.44 1.64
C GLU B 273 1.18 -22.99 0.52
N ALA B 274 1.09 -21.67 0.35
CA ALA B 274 0.25 -21.07 -0.68
C ALA B 274 0.64 -21.52 -2.07
N THR B 275 1.94 -21.60 -2.34
CA THR B 275 2.44 -22.04 -3.64
C THR B 275 2.04 -23.47 -4.01
N LYS B 276 2.21 -24.38 -3.07
CA LYS B 276 1.85 -25.79 -3.27
C LYS B 276 0.34 -25.91 -3.52
N TYR B 277 -0.45 -25.20 -2.72
CA TYR B 277 -1.90 -25.24 -2.87
C TYR B 277 -2.32 -24.72 -4.24
N ALA B 278 -1.72 -23.60 -4.65
CA ALA B 278 -2.02 -23.00 -5.94
C ALA B 278 -1.70 -23.97 -7.08
N LEU B 279 -0.80 -24.92 -6.84
CA LEU B 279 -0.45 -25.89 -7.87
C LEU B 279 -1.35 -27.12 -7.79
N GLU B 280 -2.24 -27.13 -6.80
CA GLU B 280 -3.14 -28.28 -6.60
C GLU B 280 -4.61 -27.92 -6.85
N ARG B 281 -5.09 -26.87 -6.19
CA ARG B 281 -6.49 -26.44 -6.33
C ARG B 281 -6.80 -25.91 -7.72
N LYS B 282 -7.98 -26.23 -8.23
CA LYS B 282 -8.36 -25.80 -9.56
C LYS B 282 -9.72 -25.08 -9.59
N THR B 283 -9.78 -23.96 -10.32
CA THR B 283 -11.03 -23.19 -10.46
C THR B 283 -11.12 -22.68 -11.88
N PHE B 284 -12.30 -22.78 -12.48
CA PHE B 284 -12.50 -22.31 -13.86
C PHE B 284 -11.65 -23.08 -14.83
N GLY B 285 -11.54 -24.38 -14.65
CA GLY B 285 -10.74 -25.19 -15.54
C GLY B 285 -9.26 -24.84 -15.56
N LYS B 286 -8.84 -24.08 -14.56
CA LYS B 286 -7.45 -23.66 -14.45
C LYS B 286 -6.89 -23.89 -13.04
N LEU B 287 -5.59 -24.11 -12.97
CA LEU B 287 -4.90 -24.28 -11.69
C LEU B 287 -4.78 -22.87 -11.14
N LEU B 288 -5.05 -22.71 -9.84
CA LEU B 288 -4.97 -21.39 -9.23
C LEU B 288 -3.78 -20.56 -9.70
N ALA B 289 -2.61 -21.19 -9.82
CA ALA B 289 -1.38 -20.51 -10.24
C ALA B 289 -1.37 -20.09 -11.70
N GLU B 290 -2.40 -20.47 -12.46
CA GLU B 290 -2.45 -20.13 -13.87
C GLU B 290 -3.30 -18.88 -14.12
N HIS B 291 -3.94 -18.38 -13.08
CA HIS B 291 -4.74 -17.19 -13.19
C HIS B 291 -3.79 -16.04 -12.89
N GLN B 292 -3.47 -15.26 -13.91
CA GLN B 292 -2.55 -14.15 -13.79
C GLN B 292 -2.70 -13.37 -12.49
N GLY B 293 -3.93 -13.24 -12.02
CA GLY B 293 -4.16 -12.51 -10.78
C GLY B 293 -3.39 -13.13 -9.63
N ILE B 294 -3.47 -14.45 -9.51
CA ILE B 294 -2.77 -15.18 -8.46
C ILE B 294 -1.27 -15.22 -8.69
N SER B 295 -0.84 -15.36 -9.94
CA SER B 295 0.60 -15.40 -10.28
C SER B 295 1.31 -14.15 -9.75
N PHE B 296 0.69 -12.99 -9.96
CA PHE B 296 1.26 -11.72 -9.50
C PHE B 296 1.33 -11.70 -7.98
N LEU B 297 0.31 -12.27 -7.33
CA LEU B 297 0.26 -12.31 -5.88
C LEU B 297 1.49 -13.11 -5.41
N LEU B 298 1.65 -14.28 -6.00
CA LEU B 298 2.76 -15.16 -5.69
C LEU B 298 4.11 -14.48 -5.92
N ALA B 299 4.27 -13.81 -7.07
CA ALA B 299 5.52 -13.12 -7.37
C ALA B 299 5.82 -12.04 -6.33
N ASP B 300 4.81 -11.26 -5.95
CA ASP B 300 5.04 -10.23 -4.95
C ASP B 300 5.45 -10.83 -3.61
N MET B 301 4.90 -12.00 -3.29
CA MET B 301 5.24 -12.65 -2.02
C MET B 301 6.69 -13.13 -2.06
N ALA B 302 7.08 -13.76 -3.18
CA ALA B 302 8.44 -14.23 -3.35
C ALA B 302 9.39 -13.08 -3.13
N MET B 303 9.12 -11.99 -3.86
CA MET B 303 9.92 -10.77 -3.79
C MET B 303 10.15 -10.27 -2.36
N LYS B 304 9.08 -10.22 -1.57
CA LYS B 304 9.19 -9.74 -0.20
C LYS B 304 10.01 -10.66 0.71
N VAL B 305 9.92 -11.96 0.46
CA VAL B 305 10.68 -12.91 1.27
C VAL B 305 12.17 -12.77 0.97
N GLU B 306 12.50 -12.66 -0.31
CA GLU B 306 13.89 -12.53 -0.71
C GLU B 306 14.55 -11.23 -0.20
N LEU B 307 13.76 -10.15 -0.11
CA LEU B 307 14.30 -8.88 0.36
C LEU B 307 14.48 -8.85 1.87
N ALA B 308 13.56 -9.48 2.59
CA ALA B 308 13.62 -9.52 4.05
C ALA B 308 14.82 -10.36 4.47
N ARG B 309 15.09 -11.40 3.69
CA ARG B 309 16.22 -12.27 3.99
C ARG B 309 17.53 -11.52 3.87
N LEU B 310 17.68 -10.77 2.77
CA LEU B 310 18.89 -10.00 2.55
C LEU B 310 19.08 -8.93 3.62
N SER B 311 17.98 -8.31 4.05
CA SER B 311 18.09 -7.27 5.07
C SER B 311 18.71 -7.73 6.38
N TYR B 312 18.41 -8.96 6.82
CA TYR B 312 18.98 -9.43 8.08
C TYR B 312 20.43 -9.92 7.89
N GLN B 313 20.71 -10.54 6.74
CA GLN B 313 22.04 -11.01 6.42
C GLN B 313 22.99 -9.82 6.46
N ARG B 314 22.50 -8.67 6.01
CA ARG B 314 23.30 -7.46 5.99
C ARG B 314 23.55 -6.96 7.41
N ALA B 315 22.50 -6.93 8.23
CA ALA B 315 22.63 -6.45 9.59
C ALA B 315 23.47 -7.38 10.47
N ALA B 316 23.43 -8.68 10.16
CA ALA B 316 24.19 -9.66 10.92
C ALA B 316 25.66 -9.50 10.58
N TRP B 317 25.97 -9.55 9.29
CA TRP B 317 27.33 -9.42 8.83
C TRP B 317 27.93 -8.13 9.36
N GLU B 318 27.11 -7.11 9.52
CA GLU B 318 27.56 -5.82 10.02
C GLU B 318 28.05 -5.92 11.47
N ILE B 319 27.27 -6.58 12.32
CA ILE B 319 27.65 -6.72 13.71
C ILE B 319 28.77 -7.77 13.85
N ASP B 320 28.73 -8.81 13.02
CA ASP B 320 29.77 -9.83 13.06
C ASP B 320 31.12 -9.24 12.71
N SER B 321 31.11 -8.11 12.01
CA SER B 321 32.33 -7.43 11.61
C SER B 321 32.83 -6.44 12.66
N GLY B 322 32.20 -6.44 13.83
CA GLY B 322 32.63 -5.54 14.89
C GLY B 322 32.05 -4.14 14.77
N ARG B 323 31.40 -3.86 13.64
CA ARG B 323 30.78 -2.56 13.37
C ARG B 323 29.41 -2.46 14.06
N ARG B 324 29.10 -1.30 14.64
CA ARG B 324 27.80 -1.09 15.27
C ARG B 324 26.74 -1.27 14.16
N ASN B 325 25.67 -2.00 14.46
CA ASN B 325 24.65 -2.30 13.43
C ASN B 325 23.21 -1.83 13.68
N THR B 326 23.02 -0.84 14.54
CA THR B 326 21.68 -0.36 14.86
C THR B 326 20.84 0.01 13.63
N TYR B 327 21.44 0.78 12.72
CA TYR B 327 20.79 1.22 11.49
C TYR B 327 20.23 0.08 10.66
N TYR B 328 21.11 -0.81 10.21
CA TYR B 328 20.71 -1.94 9.38
C TYR B 328 19.83 -2.94 10.14
N ALA B 329 20.09 -3.09 11.44
CA ALA B 329 19.34 -4.02 12.27
C ALA B 329 17.87 -3.63 12.34
N SER B 330 17.62 -2.34 12.53
CA SER B 330 16.24 -1.86 12.64
C SER B 330 15.51 -1.91 11.31
N ILE B 331 16.24 -1.80 10.21
CA ILE B 331 15.62 -1.85 8.90
C ILE B 331 15.17 -3.28 8.60
N ALA B 332 15.97 -4.24 9.06
CA ALA B 332 15.66 -5.65 8.85
C ALA B 332 14.48 -6.06 9.73
N LYS B 333 14.48 -5.58 10.97
CA LYS B 333 13.42 -5.90 11.91
C LYS B 333 12.11 -5.27 11.47
N ALA B 334 12.16 -4.02 11.06
CA ALA B 334 10.97 -3.31 10.63
C ALA B 334 10.36 -3.96 9.39
N TYR B 335 11.18 -4.19 8.38
CA TYR B 335 10.69 -4.77 7.14
C TYR B 335 10.22 -6.21 7.30
N ALA B 336 11.07 -7.07 7.83
CA ALA B 336 10.70 -8.47 8.02
C ALA B 336 9.35 -8.62 8.75
N ALA B 337 9.14 -7.83 9.79
CA ALA B 337 7.89 -7.90 10.52
C ALA B 337 6.70 -7.59 9.60
N ASP B 338 6.79 -6.52 8.84
CA ASP B 338 5.70 -6.16 7.95
C ASP B 338 5.37 -7.24 6.92
N ILE B 339 6.34 -7.62 6.08
CA ILE B 339 6.06 -8.61 5.05
C ILE B 339 5.71 -10.01 5.57
N ALA B 340 5.99 -10.28 6.84
CA ALA B 340 5.65 -11.56 7.43
C ALA B 340 4.13 -11.54 7.64
N ASN B 341 3.61 -10.42 8.12
CA ASN B 341 2.17 -10.30 8.32
C ASN B 341 1.41 -10.26 7.00
N GLN B 342 1.96 -9.58 6.00
CA GLN B 342 1.33 -9.47 4.69
C GLN B 342 1.31 -10.83 3.98
N LEU B 343 2.39 -11.58 4.12
CA LEU B 343 2.47 -12.89 3.48
C LEU B 343 1.55 -13.90 4.18
N ALA B 344 1.36 -13.76 5.48
CA ALA B 344 0.49 -14.66 6.20
C ALA B 344 -0.95 -14.51 5.70
N THR B 345 -1.46 -13.28 5.66
CA THR B 345 -2.82 -13.03 5.20
C THR B 345 -3.05 -13.40 3.74
N ASP B 346 -2.06 -13.21 2.89
CA ASP B 346 -2.22 -13.59 1.49
C ASP B 346 -2.16 -15.12 1.31
N ALA B 347 -1.44 -15.79 2.20
CA ALA B 347 -1.34 -17.25 2.15
C ALA B 347 -2.72 -17.79 2.53
N VAL B 348 -3.37 -17.15 3.50
CA VAL B 348 -4.71 -17.57 3.91
C VAL B 348 -5.68 -17.29 2.76
N GLN B 349 -5.42 -16.20 2.04
CA GLN B 349 -6.26 -15.78 0.92
C GLN B 349 -6.27 -16.77 -0.23
N VAL B 350 -5.10 -17.29 -0.61
CA VAL B 350 -5.06 -18.23 -1.72
C VAL B 350 -5.69 -19.57 -1.37
N PHE B 351 -5.77 -19.89 -0.08
CA PHE B 351 -6.37 -21.15 0.36
C PHE B 351 -7.90 -21.10 0.30
N GLY B 352 -8.47 -19.89 0.32
CA GLY B 352 -9.91 -19.77 0.25
C GLY B 352 -10.59 -20.06 1.58
N GLY B 353 -11.75 -20.72 1.54
CA GLY B 353 -12.43 -21.05 2.77
C GLY B 353 -11.53 -21.89 3.67
N ASN B 354 -10.76 -22.79 3.06
CA ASN B 354 -9.82 -23.64 3.80
C ASN B 354 -8.85 -22.80 4.63
N GLY B 355 -8.33 -21.72 4.04
CA GLY B 355 -7.37 -20.87 4.72
C GLY B 355 -7.87 -20.36 6.06
N PHE B 356 -9.17 -20.17 6.16
CA PHE B 356 -9.78 -19.65 7.38
C PHE B 356 -10.00 -20.76 8.41
N ASN B 357 -9.87 -22.01 7.97
CA ASN B 357 -10.09 -23.19 8.80
C ASN B 357 -8.90 -23.68 9.65
N THR B 358 -9.26 -24.22 10.80
CA THR B 358 -8.33 -24.74 11.78
C THR B 358 -7.60 -26.01 11.33
N GLU B 359 -8.20 -26.76 10.41
CA GLU B 359 -7.58 -28.00 9.93
C GLU B 359 -6.45 -27.70 8.94
N TYR B 360 -6.24 -26.43 8.63
CA TYR B 360 -5.16 -26.08 7.72
C TYR B 360 -4.06 -25.28 8.42
N PRO B 361 -2.85 -25.31 7.85
CA PRO B 361 -1.66 -24.62 8.37
C PRO B 361 -1.53 -23.11 8.32
N VAL B 362 -2.21 -22.45 7.38
CA VAL B 362 -2.08 -21.00 7.27
C VAL B 362 -2.68 -20.08 8.34
N GLU B 363 -3.88 -20.36 8.85
CA GLU B 363 -4.43 -19.47 9.87
C GLU B 363 -3.51 -19.33 11.09
N LYS B 364 -2.72 -20.36 11.37
CA LYS B 364 -1.82 -20.28 12.52
C LYS B 364 -0.75 -19.22 12.27
N LEU B 365 -0.16 -19.25 11.08
CA LEU B 365 0.87 -18.32 10.67
C LEU B 365 0.39 -16.87 10.82
N MET B 366 -0.82 -16.61 10.35
CA MET B 366 -1.38 -15.27 10.44
C MET B 366 -1.46 -14.85 11.90
N ARG B 367 -1.86 -15.77 12.78
CA ARG B 367 -1.97 -15.45 14.19
C ARG B 367 -0.60 -15.26 14.82
N ASP B 368 0.39 -16.04 14.37
CA ASP B 368 1.74 -15.91 14.92
C ASP B 368 2.41 -14.61 14.49
N ALA B 369 2.44 -14.38 13.19
CA ALA B 369 3.08 -13.20 12.62
C ALA B 369 2.86 -11.89 13.37
N LYS B 370 1.61 -11.56 13.67
CA LYS B 370 1.31 -10.29 14.32
C LYS B 370 2.27 -9.84 15.39
N ILE B 371 2.80 -10.78 16.17
CA ILE B 371 3.71 -10.42 17.26
C ILE B 371 5.01 -9.74 16.79
N TYR B 372 5.50 -10.08 15.61
CA TYR B 372 6.72 -9.47 15.12
C TYR B 372 6.64 -7.97 14.96
N GLN B 373 5.42 -7.45 14.88
CA GLN B 373 5.22 -6.01 14.73
C GLN B 373 5.14 -5.34 16.08
N ILE B 374 5.03 -6.16 17.14
CA ILE B 374 4.90 -5.65 18.50
C ILE B 374 6.13 -5.75 19.41
N TYR B 375 6.66 -6.94 19.66
CA TYR B 375 7.80 -7.05 20.58
C TYR B 375 9.20 -6.81 19.99
N GLU B 376 10.18 -6.65 20.89
CA GLU B 376 11.57 -6.39 20.49
C GLU B 376 11.64 -5.04 19.78
N GLY B 377 10.78 -4.10 20.18
CA GLY B 377 10.75 -2.80 19.53
C GLY B 377 9.70 -2.77 18.44
N THR B 378 8.56 -2.13 18.72
CA THR B 378 7.47 -2.05 17.75
C THR B 378 7.88 -1.50 16.39
N ALA B 379 6.98 -1.59 15.42
CA ALA B 379 7.25 -1.08 14.09
C ALA B 379 7.43 0.43 14.17
N GLN B 380 6.66 1.08 15.03
CA GLN B 380 6.76 2.53 15.18
C GLN B 380 8.11 2.92 15.79
N ILE B 381 8.53 2.19 16.81
CA ILE B 381 9.81 2.47 17.47
C ILE B 381 10.97 2.20 16.50
N GLN B 382 10.84 1.18 15.66
CA GLN B 382 11.89 0.86 14.69
C GLN B 382 12.05 2.03 13.71
N ARG B 383 10.97 2.78 13.49
CA ARG B 383 11.01 3.93 12.59
C ARG B 383 11.77 5.05 13.27
N ILE B 384 11.42 5.32 14.51
CA ILE B 384 12.08 6.36 15.29
C ILE B 384 13.60 6.18 15.27
N ILE B 385 14.04 4.92 15.29
CA ILE B 385 15.47 4.60 15.29
C ILE B 385 16.08 4.77 13.90
N ILE B 386 15.36 4.34 12.87
CA ILE B 386 15.85 4.44 11.50
C ILE B 386 15.97 5.91 11.09
N ALA B 387 15.10 6.76 11.64
CA ALA B 387 15.13 8.20 11.34
C ALA B 387 16.31 8.84 12.06
N ARG B 388 16.51 8.42 13.31
CA ARG B 388 17.61 8.91 14.13
C ARG B 388 18.96 8.58 13.51
N GLU B 389 19.12 7.33 13.03
CA GLU B 389 20.36 6.91 12.42
C GLU B 389 20.56 7.51 11.04
N HIS B 390 19.49 7.59 10.26
CA HIS B 390 19.57 8.14 8.92
C HIS B 390 19.91 9.63 8.99
N ILE B 391 19.09 10.39 9.70
CA ILE B 391 19.33 11.81 9.82
C ILE B 391 20.61 12.00 10.64
N GLY B 392 21.37 10.92 10.76
CA GLY B 392 22.63 10.93 11.51
C GLY B 392 23.81 10.67 10.58
N ARG B 393 23.53 10.06 9.43
CA ARG B 393 24.55 9.78 8.43
C ARG B 393 24.42 10.82 7.30
N GLY C 11 32.57 -16.89 3.34
CA GLY C 11 31.21 -16.56 3.92
C GLY C 11 30.54 -15.37 3.25
N PHE C 12 29.66 -14.68 3.97
CA PHE C 12 28.97 -13.50 3.44
C PHE C 12 29.91 -12.32 3.49
N SER C 13 29.72 -11.39 2.57
CA SER C 13 30.56 -10.19 2.52
C SER C 13 29.95 -9.07 1.69
N PHE C 14 29.72 -7.95 2.34
CA PHE C 14 29.16 -6.77 1.68
C PHE C 14 30.25 -5.71 1.67
N GLU C 15 31.49 -6.15 1.55
CA GLU C 15 32.62 -5.23 1.53
C GLU C 15 33.02 -5.01 0.09
N LEU C 16 33.63 -3.86 -0.19
CA LEU C 16 34.07 -3.57 -1.55
C LEU C 16 35.56 -3.78 -1.66
N THR C 17 36.00 -4.26 -2.82
CA THR C 17 37.43 -4.44 -3.05
C THR C 17 37.99 -3.03 -3.12
N GLU C 18 39.28 -2.87 -2.84
CA GLU C 18 39.87 -1.54 -2.88
C GLU C 18 39.76 -0.91 -4.27
N GLN C 19 39.77 -1.75 -5.29
CA GLN C 19 39.66 -1.28 -6.67
C GLN C 19 38.26 -0.74 -6.94
N GLN C 20 37.25 -1.36 -6.35
CA GLN C 20 35.87 -0.91 -6.53
C GLN C 20 35.61 0.41 -5.82
N LYS C 21 36.25 0.59 -4.67
CA LYS C 21 36.09 1.82 -3.91
C LYS C 21 36.69 2.96 -4.72
N GLU C 22 37.56 2.61 -5.65
CA GLU C 22 38.25 3.55 -6.54
C GLU C 22 37.27 4.04 -7.62
N PHE C 23 36.70 3.11 -8.37
CA PHE C 23 35.76 3.47 -9.41
C PHE C 23 34.60 4.25 -8.83
N GLN C 24 34.15 3.85 -7.65
CA GLN C 24 33.04 4.51 -7.00
C GLN C 24 33.37 5.97 -6.71
N ALA C 25 34.54 6.22 -6.15
CA ALA C 25 34.95 7.58 -5.82
C ALA C 25 35.00 8.43 -7.09
N THR C 26 35.47 7.81 -8.17
CA THR C 26 35.59 8.49 -9.44
C THR C 26 34.21 8.80 -10.02
N ALA C 27 33.35 7.79 -10.04
CA ALA C 27 32.00 7.98 -10.55
C ALA C 27 31.26 9.00 -9.71
N ARG C 28 31.49 8.95 -8.40
CA ARG C 28 30.81 9.88 -7.49
C ARG C 28 31.22 11.33 -7.72
N LYS C 29 32.52 11.58 -7.79
CA LYS C 29 33.01 12.94 -8.01
C LYS C 29 32.38 13.47 -9.29
N PHE C 30 32.56 12.71 -10.37
CA PHE C 30 32.04 13.04 -11.67
C PHE C 30 30.55 13.35 -11.66
N ALA C 31 29.81 12.69 -10.78
CA ALA C 31 28.37 12.89 -10.69
C ALA C 31 28.02 14.16 -9.93
N ARG C 32 28.60 14.34 -8.75
CA ARG C 32 28.30 15.52 -7.95
C ARG C 32 28.98 16.80 -8.44
N GLU C 33 30.07 16.65 -9.18
CA GLU C 33 30.78 17.84 -9.66
C GLU C 33 30.56 18.23 -11.13
N GLU C 34 30.24 17.27 -11.99
CA GLU C 34 30.04 17.58 -13.39
C GLU C 34 28.62 17.37 -13.90
N ILE C 35 27.99 16.26 -13.53
CA ILE C 35 26.64 15.97 -13.99
C ILE C 35 25.56 16.81 -13.29
N ILE C 36 25.70 17.01 -11.98
CA ILE C 36 24.73 17.76 -11.21
C ILE C 36 24.60 19.26 -11.55
N PRO C 37 25.71 19.95 -11.83
CA PRO C 37 25.49 21.37 -12.12
C PRO C 37 24.78 21.63 -13.45
N VAL C 38 24.89 20.70 -14.40
CA VAL C 38 24.27 20.90 -15.71
C VAL C 38 23.01 20.09 -16.01
N ALA C 39 22.64 19.17 -15.12
CA ALA C 39 21.46 18.34 -15.36
C ALA C 39 20.20 19.13 -15.64
N ALA C 40 19.93 20.16 -14.85
CA ALA C 40 18.73 20.97 -15.02
C ALA C 40 18.59 21.58 -16.42
N GLU C 41 19.69 22.06 -16.99
CA GLU C 41 19.67 22.67 -18.32
C GLU C 41 19.53 21.67 -19.46
N TYR C 42 20.09 20.48 -19.31
CA TYR C 42 20.00 19.47 -20.35
C TYR C 42 18.59 18.91 -20.39
N ASP C 43 17.94 18.92 -19.23
CA ASP C 43 16.57 18.43 -19.10
C ASP C 43 15.63 19.40 -19.81
N ARG C 44 15.90 20.69 -19.63
CA ARG C 44 15.08 21.71 -20.26
C ARG C 44 15.25 21.74 -21.76
N THR C 45 16.50 21.73 -22.23
CA THR C 45 16.79 21.81 -23.66
C THR C 45 16.78 20.50 -24.43
N GLY C 46 16.58 19.38 -23.74
CA GLY C 46 16.54 18.09 -24.41
C GLY C 46 17.73 17.80 -25.31
N GLU C 47 18.82 18.56 -25.13
CA GLU C 47 20.01 18.38 -25.95
C GLU C 47 20.86 17.17 -25.53
N TYR C 48 21.38 16.43 -26.50
CA TYR C 48 22.21 15.27 -26.20
C TYR C 48 23.48 15.68 -25.46
N PRO C 49 23.69 15.16 -24.24
CA PRO C 49 24.86 15.48 -23.40
C PRO C 49 26.21 15.00 -23.93
N VAL C 50 26.64 15.55 -25.05
CA VAL C 50 27.91 15.16 -25.66
C VAL C 50 29.14 15.38 -24.78
N PRO C 51 29.25 16.55 -24.12
CA PRO C 51 30.40 16.81 -23.27
C PRO C 51 30.55 15.80 -22.13
N LEU C 52 29.44 15.51 -21.45
CA LEU C 52 29.46 14.56 -20.33
C LEU C 52 29.80 13.14 -20.76
N LEU C 53 29.35 12.76 -21.96
CA LEU C 53 29.61 11.41 -22.47
C LEU C 53 31.10 11.26 -22.79
N LYS C 54 31.77 12.36 -23.10
CA LYS C 54 33.20 12.30 -23.40
C LYS C 54 33.99 12.20 -22.10
N ARG C 55 33.58 12.94 -21.08
CA ARG C 55 34.27 12.86 -19.80
C ARG C 55 34.20 11.42 -19.28
N ALA C 56 32.98 10.89 -19.20
CA ALA C 56 32.77 9.53 -18.73
C ALA C 56 33.62 8.55 -19.53
N TRP C 57 33.84 8.86 -20.80
CA TRP C 57 34.63 7.99 -21.65
C TRP C 57 36.11 7.98 -21.25
N GLU C 58 36.71 9.17 -21.11
CA GLU C 58 38.12 9.24 -20.75
C GLU C 58 38.35 9.02 -19.27
N LEU C 59 37.27 9.00 -18.51
CA LEU C 59 37.35 8.77 -17.08
C LEU C 59 37.03 7.28 -16.83
N GLY C 60 37.16 6.48 -17.89
CA GLY C 60 36.90 5.05 -17.80
C GLY C 60 35.58 4.56 -17.20
N LEU C 61 34.56 5.42 -17.16
CA LEU C 61 33.26 5.03 -16.60
C LEU C 61 32.30 4.48 -17.64
N MET C 62 32.77 4.24 -18.85
CA MET C 62 31.90 3.75 -19.92
C MET C 62 32.44 2.46 -20.56
N ASN C 63 31.54 1.65 -21.10
CA ASN C 63 31.93 0.40 -21.75
C ASN C 63 32.65 -0.54 -20.79
N THR C 64 32.35 -0.39 -19.52
CA THR C 64 32.93 -1.17 -18.42
C THR C 64 33.06 -2.68 -18.62
N HIS C 65 32.04 -3.28 -19.21
CA HIS C 65 31.99 -4.74 -19.41
C HIS C 65 32.78 -5.30 -20.59
N ILE C 66 33.28 -4.44 -21.47
CA ILE C 66 34.04 -4.93 -22.61
C ILE C 66 35.29 -5.69 -22.16
N PRO C 67 35.38 -7.00 -22.49
CA PRO C 67 36.53 -7.81 -22.09
C PRO C 67 37.84 -7.08 -22.42
N GLU C 68 38.84 -7.23 -21.57
CA GLU C 68 40.11 -6.57 -21.78
C GLU C 68 40.84 -7.19 -22.97
N SER C 69 40.25 -8.24 -23.50
CA SER C 69 40.80 -8.93 -24.66
C SER C 69 40.62 -8.04 -25.89
N PHE C 70 39.91 -6.92 -25.74
CA PHE C 70 39.67 -6.00 -26.85
C PHE C 70 39.97 -4.54 -26.49
N GLY C 71 40.42 -4.32 -25.26
CA GLY C 71 40.76 -2.99 -24.82
C GLY C 71 40.01 -2.53 -23.60
N GLY C 72 38.96 -3.27 -23.25
CA GLY C 72 38.17 -2.89 -22.09
C GLY C 72 38.82 -3.16 -20.75
N LEU C 73 38.14 -2.73 -19.69
CA LEU C 73 38.59 -2.92 -18.33
C LEU C 73 38.15 -4.31 -17.88
N GLY C 74 37.21 -4.89 -18.62
CA GLY C 74 36.73 -6.22 -18.29
C GLY C 74 36.06 -6.38 -16.94
N LEU C 75 35.52 -5.30 -16.39
CA LEU C 75 34.83 -5.32 -15.11
C LEU C 75 33.60 -6.22 -15.18
N GLY C 76 32.97 -6.46 -14.03
CA GLY C 76 31.79 -7.32 -14.01
C GLY C 76 30.50 -6.59 -13.68
N ILE C 77 29.37 -7.27 -13.84
CA ILE C 77 28.06 -6.68 -13.58
C ILE C 77 27.96 -6.01 -12.22
N ILE C 78 28.73 -6.48 -11.24
CA ILE C 78 28.69 -5.86 -9.91
C ILE C 78 29.20 -4.43 -10.04
N ASP C 79 30.33 -4.29 -10.74
CA ASP C 79 30.98 -3.01 -10.97
C ASP C 79 30.11 -2.04 -11.79
N SER C 80 29.49 -2.54 -12.87
CA SER C 80 28.62 -1.71 -13.70
C SER C 80 27.55 -1.05 -12.84
N CYS C 81 26.92 -1.86 -11.99
CA CYS C 81 25.87 -1.35 -11.10
C CYS C 81 26.49 -0.33 -10.15
N LEU C 82 27.65 -0.66 -9.62
CA LEU C 82 28.35 0.20 -8.66
C LEU C 82 28.58 1.59 -9.22
N ILE C 83 29.10 1.65 -10.44
CA ILE C 83 29.38 2.92 -11.10
C ILE C 83 28.05 3.59 -11.50
N THR C 84 27.18 2.83 -12.16
CA THR C 84 25.90 3.34 -12.61
C THR C 84 25.07 4.00 -11.53
N GLU C 85 25.13 3.49 -10.30
CA GLU C 85 24.35 4.06 -9.22
C GLU C 85 24.85 5.47 -8.90
N GLU C 86 26.15 5.68 -9.05
CA GLU C 86 26.69 7.00 -8.76
C GLU C 86 26.28 7.98 -9.86
N LEU C 87 26.23 7.48 -11.09
CA LEU C 87 25.83 8.29 -12.23
C LEU C 87 24.35 8.70 -12.13
N ALA C 88 23.47 7.71 -12.01
CA ALA C 88 22.03 7.96 -11.91
C ALA C 88 21.69 8.98 -10.83
N TYR C 89 22.52 9.04 -9.81
CA TYR C 89 22.31 9.98 -8.71
C TYR C 89 22.34 11.42 -9.24
N GLY C 90 23.14 11.64 -10.28
CA GLY C 90 23.25 12.97 -10.85
C GLY C 90 22.05 13.23 -11.74
N CYS C 91 21.86 12.35 -12.72
CA CYS C 91 20.75 12.43 -13.66
C CYS C 91 20.67 11.12 -14.43
N THR C 92 19.54 10.44 -14.35
CA THR C 92 19.38 9.18 -15.06
C THR C 92 19.24 9.41 -16.56
N GLY C 93 19.20 10.67 -16.97
CA GLY C 93 19.11 11.00 -18.38
C GLY C 93 20.45 10.72 -19.04
N VAL C 94 21.49 11.27 -18.43
CA VAL C 94 22.87 11.08 -18.90
C VAL C 94 23.23 9.60 -18.70
N GLN C 95 22.85 9.08 -17.54
CA GLN C 95 23.13 7.71 -17.15
C GLN C 95 22.54 6.65 -18.10
N THR C 96 21.31 6.88 -18.57
CA THR C 96 20.67 5.94 -19.48
C THR C 96 21.40 5.90 -20.81
N ALA C 97 21.88 7.06 -21.26
CA ALA C 97 22.60 7.16 -22.51
C ALA C 97 23.90 6.36 -22.39
N ILE C 98 24.54 6.51 -21.23
CA ILE C 98 25.78 5.80 -20.94
C ILE C 98 25.53 4.30 -20.84
N GLU C 99 24.59 3.91 -20.00
CA GLU C 99 24.26 2.50 -19.84
C GLU C 99 23.72 1.83 -21.09
N ALA C 100 23.22 2.64 -22.01
CA ALA C 100 22.68 2.11 -23.26
C ALA C 100 23.80 1.39 -23.98
N ASN C 101 25.01 1.91 -23.87
CA ASN C 101 26.17 1.31 -24.52
C ASN C 101 26.37 -0.14 -24.08
N THR C 102 26.33 -0.38 -22.77
CA THR C 102 26.48 -1.74 -22.23
C THR C 102 25.38 -2.62 -22.78
N LEU C 103 24.15 -2.13 -22.70
CA LEU C 103 23.03 -2.89 -23.21
C LEU C 103 23.25 -3.41 -24.63
N GLY C 104 23.77 -2.54 -25.51
CA GLY C 104 24.01 -2.94 -26.88
C GLY C 104 25.24 -3.80 -27.11
N GLN C 105 26.23 -3.64 -26.25
CA GLN C 105 27.46 -4.43 -26.35
C GLN C 105 27.27 -5.87 -25.88
N VAL C 106 26.59 -6.06 -24.75
CA VAL C 106 26.39 -7.39 -24.19
C VAL C 106 26.02 -8.52 -25.16
N PRO C 107 25.17 -8.25 -26.17
CA PRO C 107 24.83 -9.33 -27.10
C PRO C 107 26.09 -9.87 -27.79
N LEU C 108 27.05 -8.97 -28.04
CA LEU C 108 28.29 -9.34 -28.70
C LEU C 108 29.23 -10.10 -27.76
N ILE C 109 29.18 -9.75 -26.47
CA ILE C 109 30.04 -10.39 -25.47
C ILE C 109 29.63 -11.83 -25.16
N ILE C 110 28.33 -12.12 -25.22
CA ILE C 110 27.86 -13.46 -24.92
C ILE C 110 27.35 -14.23 -26.11
N GLY C 111 27.18 -13.57 -27.25
CA GLY C 111 26.70 -14.27 -28.42
C GLY C 111 27.56 -14.08 -29.66
N GLY C 112 28.65 -13.34 -29.54
CA GLY C 112 29.51 -13.12 -30.68
C GLY C 112 30.86 -13.84 -30.67
N ASN C 113 31.48 -13.92 -31.86
CA ASN C 113 32.78 -14.55 -31.97
C ASN C 113 33.86 -13.51 -31.74
N TYR C 114 35.10 -13.95 -31.85
CA TYR C 114 36.25 -13.08 -31.65
C TYR C 114 36.23 -11.88 -32.57
N GLN C 115 36.25 -12.13 -33.87
CA GLN C 115 36.25 -11.08 -34.88
C GLN C 115 35.15 -10.03 -34.72
N GLN C 116 33.95 -10.48 -34.39
CA GLN C 116 32.83 -9.56 -34.22
C GLN C 116 33.11 -8.64 -33.02
N GLN C 117 33.65 -9.21 -31.96
CA GLN C 117 33.96 -8.42 -30.78
C GLN C 117 35.16 -7.51 -31.02
N LYS C 118 36.20 -8.06 -31.64
CA LYS C 118 37.39 -7.27 -31.94
C LYS C 118 36.97 -6.08 -32.79
N LYS C 119 36.13 -6.34 -33.78
CA LYS C 119 35.66 -5.32 -34.70
C LYS C 119 34.75 -4.23 -34.10
N TYR C 120 33.62 -4.64 -33.53
CA TYR C 120 32.67 -3.68 -32.97
C TYR C 120 32.85 -3.25 -31.54
N LEU C 121 33.51 -4.08 -30.74
CA LEU C 121 33.75 -3.73 -29.35
C LEU C 121 35.06 -2.95 -29.23
N GLY C 122 36.02 -3.31 -30.06
CA GLY C 122 37.32 -2.65 -30.03
C GLY C 122 37.29 -1.15 -30.29
N ARG C 123 36.52 -0.71 -31.28
CA ARG C 123 36.45 0.70 -31.60
C ARG C 123 35.86 1.50 -30.43
N MET C 124 35.04 0.84 -29.62
CA MET C 124 34.41 1.50 -28.47
C MET C 124 35.41 1.93 -27.41
N THR C 125 36.55 1.25 -27.35
CA THR C 125 37.55 1.59 -26.36
C THR C 125 38.60 2.52 -26.96
N GLU C 126 38.63 2.54 -28.29
CA GLU C 126 39.57 3.38 -29.03
C GLU C 126 39.07 4.82 -29.16
N GLU C 127 37.78 4.98 -29.43
CA GLU C 127 37.15 6.29 -29.59
C GLU C 127 35.80 6.31 -28.88
N PRO C 128 35.32 7.50 -28.46
CA PRO C 128 34.04 7.65 -27.76
C PRO C 128 32.77 7.50 -28.61
N LEU C 129 32.61 6.34 -29.25
CA LEU C 129 31.43 6.06 -30.06
C LEU C 129 30.28 5.53 -29.19
N MET C 130 29.09 5.44 -29.77
CA MET C 130 27.92 4.93 -29.06
C MET C 130 27.29 3.82 -29.90
N CYS C 131 26.45 2.99 -29.28
CA CYS C 131 25.77 1.91 -29.97
C CYS C 131 24.35 1.81 -29.43
N ALA C 132 23.51 0.98 -30.05
CA ALA C 132 22.14 0.86 -29.57
C ALA C 132 21.56 -0.54 -29.66
N TYR C 133 20.51 -0.77 -28.88
CA TYR C 133 19.82 -2.06 -28.80
C TYR C 133 18.52 -1.95 -29.58
N CYS C 134 18.38 -2.75 -30.63
CA CYS C 134 17.16 -2.70 -31.44
C CYS C 134 16.24 -3.92 -31.40
N VAL C 135 15.30 -3.93 -30.45
CA VAL C 135 14.37 -5.04 -30.35
C VAL C 135 12.95 -4.53 -30.55
N THR C 136 12.55 -3.63 -29.67
CA THR C 136 11.22 -3.04 -29.67
C THR C 136 10.70 -2.49 -31.00
N GLU C 137 9.43 -2.77 -31.28
CA GLU C 137 8.81 -2.28 -32.49
C GLU C 137 7.53 -1.55 -32.08
N PRO C 138 6.82 -0.94 -33.04
CA PRO C 138 5.59 -0.22 -32.71
C PRO C 138 4.49 -1.15 -32.19
N GLY C 139 4.37 -2.32 -32.80
CA GLY C 139 3.35 -3.27 -32.39
C GLY C 139 3.71 -4.17 -31.22
N ALA C 140 5.00 -4.42 -31.01
CA ALA C 140 5.41 -5.29 -29.91
C ALA C 140 6.60 -4.79 -29.13
N GLY C 141 6.49 -4.82 -27.81
CA GLY C 141 7.58 -4.39 -26.96
C GLY C 141 7.79 -5.40 -25.86
N SER C 142 6.76 -5.58 -25.03
CA SER C 142 6.82 -6.54 -23.94
C SER C 142 6.84 -7.93 -24.58
N ASP C 143 6.06 -8.07 -25.65
CA ASP C 143 5.94 -9.34 -26.36
C ASP C 143 7.00 -9.44 -27.46
N VAL C 144 8.22 -9.80 -27.07
CA VAL C 144 9.34 -9.93 -27.99
C VAL C 144 9.06 -10.92 -29.10
N ALA C 145 8.35 -12.01 -28.76
CA ALA C 145 8.02 -13.04 -29.74
C ALA C 145 7.14 -12.52 -30.88
N GLY C 146 6.61 -11.31 -30.73
CA GLY C 146 5.75 -10.77 -31.75
C GLY C 146 6.37 -9.76 -32.70
N ILE C 147 7.69 -9.59 -32.65
CA ILE C 147 8.33 -8.62 -33.54
C ILE C 147 8.20 -9.08 -34.99
N LYS C 148 7.87 -8.16 -35.89
CA LYS C 148 7.68 -8.52 -37.29
C LYS C 148 8.82 -8.11 -38.24
N THR C 149 9.81 -7.39 -37.74
CA THR C 149 10.92 -7.00 -38.60
C THR C 149 11.53 -8.30 -39.12
N LYS C 150 11.74 -8.37 -40.44
CA LYS C 150 12.25 -9.58 -41.07
C LYS C 150 13.67 -9.50 -41.64
N ALA C 151 14.19 -10.68 -41.99
CA ALA C 151 15.52 -10.85 -42.56
C ALA C 151 15.50 -12.08 -43.44
N GLU C 152 15.72 -11.90 -44.74
CA GLU C 152 15.72 -13.04 -45.65
C GLU C 152 17.14 -13.18 -46.18
N LYS C 153 17.56 -14.41 -46.45
CA LYS C 153 18.91 -14.62 -46.95
C LYS C 153 18.93 -14.61 -48.48
N LYS C 154 19.86 -13.81 -49.02
CA LYS C 154 20.05 -13.69 -50.47
C LYS C 154 21.56 -13.91 -50.66
N GLY C 155 21.95 -15.07 -51.16
CA GLY C 155 23.37 -15.32 -51.31
C GLY C 155 24.02 -15.33 -49.94
N ASP C 156 25.12 -14.58 -49.77
CA ASP C 156 25.81 -14.52 -48.48
C ASP C 156 25.38 -13.31 -47.66
N GLU C 157 24.18 -12.81 -47.94
CA GLU C 157 23.66 -11.64 -47.24
C GLU C 157 22.28 -11.89 -46.66
N TYR C 158 21.79 -10.87 -45.98
CA TYR C 158 20.45 -10.89 -45.41
C TYR C 158 19.83 -9.53 -45.74
N ILE C 159 18.60 -9.58 -46.25
CA ILE C 159 17.88 -8.36 -46.57
C ILE C 159 16.96 -8.12 -45.38
N ILE C 160 17.10 -6.97 -44.74
CA ILE C 160 16.28 -6.68 -43.57
C ILE C 160 15.27 -5.57 -43.76
N ASN C 161 14.02 -5.85 -43.41
CA ASN C 161 12.94 -4.88 -43.50
C ASN C 161 12.07 -4.87 -42.25
N GLY C 162 11.78 -3.67 -41.75
CA GLY C 162 10.96 -3.54 -40.55
C GLY C 162 11.11 -2.20 -39.86
N GLN C 163 10.41 -2.04 -38.74
CA GLN C 163 10.45 -0.81 -37.96
C GLN C 163 10.78 -1.09 -36.50
N LYS C 164 11.61 -0.22 -35.91
CA LYS C 164 11.98 -0.35 -34.51
C LYS C 164 11.49 0.92 -33.84
N MET C 165 10.96 0.80 -32.62
CA MET C 165 10.47 1.96 -31.94
C MET C 165 11.06 2.13 -30.55
N TRP C 166 11.21 3.37 -30.14
CA TRP C 166 11.75 3.70 -28.83
C TRP C 166 13.17 3.18 -28.67
N ILE C 167 14.06 3.47 -29.61
CA ILE C 167 15.42 2.97 -29.46
C ILE C 167 16.36 4.00 -28.85
N THR C 168 16.92 3.68 -27.68
CA THR C 168 17.84 4.57 -26.98
C THR C 168 19.15 4.71 -27.75
N ASN C 169 19.68 5.93 -27.82
CA ASN C 169 20.90 6.20 -28.58
C ASN C 169 20.59 5.89 -30.04
N GLY C 170 19.30 5.70 -30.33
CA GLY C 170 18.84 5.37 -31.67
C GLY C 170 19.38 6.16 -32.83
N GLY C 171 19.48 7.48 -32.70
CA GLY C 171 20.00 8.27 -33.79
C GLY C 171 21.42 8.76 -33.54
N LYS C 172 22.11 8.16 -32.59
CA LYS C 172 23.47 8.58 -32.25
C LYS C 172 24.50 7.45 -32.24
N ALA C 173 24.05 6.25 -32.59
CA ALA C 173 24.91 5.07 -32.58
C ALA C 173 25.74 4.79 -33.82
N ASN C 174 26.95 4.27 -33.60
CA ASN C 174 27.83 3.91 -34.70
C ASN C 174 27.31 2.62 -35.32
N TRP C 175 26.81 1.72 -34.47
CA TRP C 175 26.24 0.46 -34.91
C TRP C 175 25.09 0.04 -34.00
N TYR C 176 24.28 -0.89 -34.48
CA TYR C 176 23.14 -1.35 -33.72
C TYR C 176 23.11 -2.86 -33.57
N PHE C 177 22.58 -3.32 -32.45
CA PHE C 177 22.37 -4.75 -32.26
C PHE C 177 20.95 -4.84 -32.79
N LEU C 178 20.68 -5.75 -33.71
CA LEU C 178 19.35 -5.84 -34.27
C LEU C 178 18.78 -7.25 -34.18
N LEU C 179 17.56 -7.35 -33.68
CA LEU C 179 16.88 -8.64 -33.58
C LEU C 179 15.81 -8.64 -34.67
N ALA C 180 15.80 -9.68 -35.51
CA ALA C 180 14.85 -9.79 -36.59
C ALA C 180 14.36 -11.22 -36.74
N ARG C 181 13.12 -11.40 -37.18
CA ARG C 181 12.59 -12.74 -37.36
C ARG C 181 13.12 -13.32 -38.67
N SER C 182 13.69 -14.52 -38.61
CA SER C 182 14.26 -15.15 -39.79
C SER C 182 13.42 -16.30 -40.32
N ASP C 183 12.65 -16.94 -39.44
CA ASP C 183 11.79 -18.06 -39.85
C ASP C 183 10.38 -17.56 -40.14
N PRO C 184 9.96 -17.62 -41.43
CA PRO C 184 8.62 -17.16 -41.79
C PRO C 184 7.49 -18.01 -41.22
N ASP C 185 7.74 -19.31 -41.06
CA ASP C 185 6.72 -20.20 -40.54
C ASP C 185 6.14 -19.64 -39.25
N PRO C 186 4.84 -19.33 -39.26
CA PRO C 186 4.14 -18.78 -38.08
C PRO C 186 4.18 -19.76 -36.92
N LYS C 187 4.33 -21.04 -37.24
CA LYS C 187 4.39 -22.09 -36.23
C LYS C 187 5.76 -22.11 -35.55
N ALA C 188 6.75 -21.48 -36.17
CA ALA C 188 8.10 -21.46 -35.62
C ALA C 188 8.11 -21.06 -34.16
N PRO C 189 8.88 -21.79 -33.33
CA PRO C 189 8.95 -21.45 -31.90
C PRO C 189 9.93 -20.30 -31.72
N ALA C 190 9.73 -19.52 -30.66
CA ALA C 190 10.60 -18.38 -30.38
C ALA C 190 12.08 -18.75 -30.38
N SER C 191 12.42 -19.88 -29.77
CA SER C 191 13.82 -20.29 -29.69
C SER C 191 14.45 -20.72 -31.03
N LYS C 192 13.81 -20.41 -32.15
CA LYS C 192 14.35 -20.82 -33.44
C LYS C 192 13.92 -19.92 -34.61
N ALA C 193 13.09 -18.91 -34.34
CA ALA C 193 12.63 -18.04 -35.41
C ALA C 193 13.29 -16.68 -35.52
N PHE C 194 14.19 -16.35 -34.58
CA PHE C 194 14.83 -15.05 -34.62
C PHE C 194 16.34 -15.10 -34.86
N THR C 195 16.91 -13.94 -35.19
CA THR C 195 18.33 -13.83 -35.46
C THR C 195 18.90 -12.48 -35.04
N GLY C 196 19.98 -12.52 -34.27
CA GLY C 196 20.62 -11.30 -33.85
C GLY C 196 21.67 -10.93 -34.88
N PHE C 197 21.59 -9.68 -35.35
CA PHE C 197 22.52 -9.16 -36.33
C PHE C 197 23.16 -7.94 -35.71
N ILE C 198 24.36 -7.61 -36.16
CA ILE C 198 25.04 -6.41 -35.69
C ILE C 198 25.03 -5.58 -36.98
N VAL C 199 24.25 -4.50 -36.97
CA VAL C 199 24.07 -3.63 -38.14
C VAL C 199 24.71 -2.25 -38.00
N GLU C 200 25.61 -1.93 -38.92
CA GLU C 200 26.26 -0.63 -38.91
C GLU C 200 25.23 0.43 -39.26
N ALA C 201 25.24 1.54 -38.53
CA ALA C 201 24.26 2.61 -38.73
C ALA C 201 24.29 3.34 -40.07
N ASP C 202 25.44 3.41 -40.72
CA ASP C 202 25.52 4.13 -41.98
C ASP C 202 25.19 3.32 -43.24
N THR C 203 24.87 2.04 -43.10
CA THR C 203 24.55 1.25 -44.28
C THR C 203 23.27 1.75 -44.97
N PRO C 204 23.21 1.68 -46.33
CA PRO C 204 22.09 2.11 -47.17
C PRO C 204 20.78 1.38 -46.86
N GLY C 205 19.82 2.07 -46.26
CA GLY C 205 18.56 1.42 -45.97
C GLY C 205 18.02 1.75 -44.59
N VAL C 206 18.91 2.07 -43.65
CA VAL C 206 18.48 2.42 -42.30
C VAL C 206 18.04 3.87 -42.34
N GLN C 207 16.83 4.13 -41.85
CA GLN C 207 16.28 5.49 -41.87
C GLN C 207 15.85 5.95 -40.49
N ILE C 208 16.73 6.72 -39.87
CA ILE C 208 16.51 7.23 -38.52
C ILE C 208 15.40 8.25 -38.45
N GLY C 209 14.49 8.05 -37.51
CA GLY C 209 13.35 8.94 -37.34
C GLY C 209 13.64 10.18 -36.53
N ARG C 210 12.59 10.75 -35.93
CA ARG C 210 12.76 11.95 -35.14
C ARG C 210 12.97 11.60 -33.68
N LYS C 211 13.37 12.59 -32.90
CA LYS C 211 13.59 12.42 -31.48
C LYS C 211 12.24 12.54 -30.79
N GLU C 212 11.88 11.51 -30.05
CA GLU C 212 10.61 11.52 -29.33
C GLU C 212 10.78 12.47 -28.16
N ILE C 213 9.67 13.04 -27.72
CA ILE C 213 9.71 13.96 -26.60
C ILE C 213 8.93 13.31 -25.47
N ASN C 214 9.65 12.89 -24.44
CA ASN C 214 9.00 12.22 -23.32
C ASN C 214 8.92 13.10 -22.09
N MET C 215 8.29 12.57 -21.05
CA MET C 215 8.13 13.28 -19.79
C MET C 215 9.45 13.41 -19.03
N GLY C 216 10.26 12.35 -19.02
CA GLY C 216 11.53 12.39 -18.31
C GLY C 216 12.74 11.92 -19.11
N GLN C 217 13.92 12.00 -18.50
CA GLN C 217 15.18 11.62 -19.14
C GLN C 217 15.24 12.23 -20.53
N ARG C 218 14.92 13.53 -20.58
CA ARG C 218 14.85 14.28 -21.83
C ARG C 218 16.13 14.47 -22.65
N CYS C 219 17.26 14.63 -21.97
CA CYS C 219 18.52 14.81 -22.67
C CYS C 219 18.93 13.54 -23.40
N SER C 220 18.25 12.44 -23.08
CA SER C 220 18.55 11.16 -23.72
C SER C 220 17.91 11.05 -25.10
N ASP C 221 18.66 10.50 -26.05
CA ASP C 221 18.18 10.33 -27.41
C ASP C 221 17.44 9.01 -27.53
N THR C 222 16.15 9.10 -27.84
CA THR C 222 15.33 7.91 -28.03
C THR C 222 14.47 8.14 -29.26
N ARG C 223 14.50 7.20 -30.21
CA ARG C 223 13.71 7.37 -31.42
C ARG C 223 13.48 6.13 -32.25
N GLY C 224 12.56 6.24 -33.21
CA GLY C 224 12.23 5.13 -34.08
C GLY C 224 13.20 5.02 -35.23
N ILE C 225 13.24 3.85 -35.86
CA ILE C 225 14.14 3.60 -36.98
C ILE C 225 13.47 2.66 -37.95
N VAL C 226 13.60 2.95 -39.24
CA VAL C 226 13.03 2.10 -40.29
C VAL C 226 14.16 1.44 -41.05
N PHE C 227 14.09 0.12 -41.17
CA PHE C 227 15.09 -0.64 -41.89
C PHE C 227 14.43 -1.03 -43.20
N GLU C 228 14.90 -0.45 -44.29
CA GLU C 228 14.32 -0.72 -45.61
C GLU C 228 15.34 -1.36 -46.54
N ASP C 229 15.12 -2.62 -46.88
CA ASP C 229 16.03 -3.32 -47.77
C ASP C 229 17.50 -3.16 -47.35
N VAL C 230 17.76 -3.34 -46.06
CA VAL C 230 19.10 -3.22 -45.48
C VAL C 230 19.87 -4.51 -45.72
N ARG C 231 21.03 -4.38 -46.38
CA ARG C 231 21.89 -5.51 -46.70
C ARG C 231 22.92 -5.77 -45.61
N VAL C 232 22.84 -6.93 -44.98
CA VAL C 232 23.79 -7.27 -43.92
C VAL C 232 24.58 -8.52 -44.30
N PRO C 233 25.91 -8.41 -44.34
CA PRO C 233 26.77 -9.55 -44.69
C PRO C 233 26.70 -10.66 -43.63
N LYS C 234 26.65 -11.91 -44.08
CA LYS C 234 26.56 -13.06 -43.19
C LYS C 234 27.53 -13.06 -42.01
N GLU C 235 28.71 -12.47 -42.19
CA GLU C 235 29.67 -12.43 -41.09
C GLU C 235 29.19 -11.54 -39.97
N ASN C 236 27.93 -11.11 -40.06
CA ASN C 236 27.39 -10.24 -39.03
C ASN C 236 26.26 -10.85 -38.21
N VAL C 237 25.97 -12.11 -38.48
CA VAL C 237 24.98 -12.84 -37.71
C VAL C 237 25.74 -13.27 -36.46
N LEU C 238 25.23 -12.96 -35.27
CA LEU C 238 25.94 -13.29 -34.04
C LEU C 238 26.35 -14.74 -33.85
N THR C 239 25.51 -15.56 -33.22
CA THR C 239 25.86 -16.95 -33.01
C THR C 239 25.39 -17.78 -34.18
N GLY C 240 24.33 -17.33 -34.84
CA GLY C 240 23.81 -18.07 -35.98
C GLY C 240 22.33 -17.87 -36.16
N GLU C 241 21.87 -18.10 -37.38
CA GLU C 241 20.46 -17.96 -37.75
C GLU C 241 19.57 -18.79 -36.83
N GLY C 242 18.81 -18.13 -35.96
CA GLY C 242 17.93 -18.86 -35.07
C GLY C 242 18.31 -18.82 -33.60
N ALA C 243 19.37 -18.08 -33.29
CA ALA C 243 19.81 -17.99 -31.90
C ALA C 243 19.60 -16.60 -31.30
N GLY C 244 18.84 -15.75 -31.97
CA GLY C 244 18.60 -14.41 -31.48
C GLY C 244 17.84 -14.23 -30.17
N PHE C 245 16.80 -15.03 -29.97
CA PHE C 245 15.98 -14.94 -28.76
C PHE C 245 16.76 -15.21 -27.46
N LYS C 246 17.54 -16.30 -27.43
CA LYS C 246 18.32 -16.67 -26.25
C LYS C 246 19.30 -15.55 -25.92
N ILE C 247 19.91 -15.00 -26.96
CA ILE C 247 20.85 -13.89 -26.83
C ILE C 247 20.11 -12.70 -26.20
N ALA C 248 18.88 -12.47 -26.68
CA ALA C 248 18.08 -11.36 -26.16
C ALA C 248 17.77 -11.57 -24.69
N MET C 249 17.38 -12.80 -24.34
CA MET C 249 17.05 -13.15 -22.96
C MET C 249 18.29 -13.05 -22.07
N GLY C 250 19.41 -13.57 -22.56
CA GLY C 250 20.64 -13.53 -21.81
C GLY C 250 21.09 -12.10 -21.54
N THR C 251 20.88 -11.24 -22.52
CA THR C 251 21.25 -9.82 -22.40
C THR C 251 20.48 -9.17 -21.26
N PHE C 252 19.16 -9.35 -21.23
CA PHE C 252 18.32 -8.75 -20.19
C PHE C 252 18.74 -9.18 -18.79
N ASP C 253 19.06 -10.46 -18.61
CA ASP C 253 19.47 -10.91 -17.29
C ASP C 253 20.75 -10.18 -16.89
N LYS C 254 21.65 -9.99 -17.85
CA LYS C 254 22.92 -9.29 -17.60
C LYS C 254 22.73 -7.80 -17.32
N THR C 255 21.82 -7.16 -18.05
CA THR C 255 21.59 -5.71 -17.92
C THR C 255 20.47 -5.22 -16.99
N ARG C 256 19.59 -6.10 -16.53
CA ARG C 256 18.53 -5.66 -15.64
C ARG C 256 19.09 -5.22 -14.29
N PRO C 257 20.14 -5.91 -13.79
CA PRO C 257 20.68 -5.50 -12.50
C PRO C 257 21.17 -4.03 -12.51
N PRO C 258 21.95 -3.64 -13.54
CA PRO C 258 22.44 -2.26 -13.63
C PRO C 258 21.30 -1.25 -13.73
N VAL C 259 20.23 -1.65 -14.41
CA VAL C 259 19.05 -0.80 -14.55
C VAL C 259 18.47 -0.55 -13.16
N ALA C 260 18.23 -1.63 -12.42
CA ALA C 260 17.70 -1.53 -11.06
C ALA C 260 18.61 -0.62 -10.24
N ALA C 261 19.90 -0.71 -10.49
CA ALA C 261 20.87 0.13 -9.78
C ALA C 261 20.64 1.60 -10.14
N GLY C 262 20.25 1.85 -11.38
CA GLY C 262 19.98 3.22 -11.80
C GLY C 262 18.84 3.79 -10.98
N ALA C 263 17.81 3.00 -10.79
CA ALA C 263 16.65 3.41 -10.03
C ALA C 263 17.05 3.75 -8.59
N VAL C 264 17.80 2.88 -7.92
CA VAL C 264 18.18 3.17 -6.52
C VAL C 264 19.04 4.41 -6.50
N GLY C 265 19.78 4.63 -7.57
CA GLY C 265 20.59 5.83 -7.65
C GLY C 265 19.64 7.01 -7.64
N LEU C 266 18.57 6.92 -8.43
CA LEU C 266 17.58 8.00 -8.49
C LEU C 266 16.87 8.13 -7.13
N ALA C 267 16.56 6.99 -6.51
CA ALA C 267 15.90 7.00 -5.20
C ALA C 267 16.81 7.65 -4.16
N GLN C 268 18.11 7.37 -4.21
CA GLN C 268 19.05 7.96 -3.26
C GLN C 268 18.94 9.48 -3.37
N ARG C 269 19.09 9.97 -4.60
CA ARG C 269 19.02 11.40 -4.86
C ARG C 269 17.78 12.01 -4.25
N ALA C 270 16.64 11.34 -4.41
CA ALA C 270 15.39 11.83 -3.85
C ALA C 270 15.49 11.95 -2.32
N LEU C 271 16.03 10.90 -1.71
CA LEU C 271 16.21 10.83 -0.26
C LEU C 271 17.12 11.92 0.29
N ASP C 272 18.25 12.15 -0.36
CA ASP C 272 19.17 13.19 0.11
C ASP C 272 18.50 14.57 0.04
N GLU C 273 17.85 14.86 -1.08
CA GLU C 273 17.18 16.14 -1.25
C GLU C 273 16.13 16.35 -0.18
N ALA C 274 15.24 15.37 -0.04
CA ALA C 274 14.17 15.42 0.96
C ALA C 274 14.71 15.65 2.34
N THR C 275 15.81 14.99 2.66
CA THR C 275 16.44 15.13 3.97
C THR C 275 17.07 16.51 4.13
N LYS C 276 17.84 16.95 3.14
CA LYS C 276 18.46 18.27 3.24
C LYS C 276 17.41 19.34 3.51
N TYR C 277 16.37 19.37 2.68
CA TYR C 277 15.30 20.35 2.87
C TYR C 277 14.65 20.20 4.24
N ALA C 278 14.43 18.96 4.68
CA ALA C 278 13.80 18.71 5.98
C ALA C 278 14.58 19.29 7.17
N LEU C 279 15.85 19.63 6.97
CA LEU C 279 16.63 20.23 8.05
C LEU C 279 16.77 21.76 7.87
N GLU C 280 16.12 22.32 6.86
CA GLU C 280 16.22 23.75 6.64
C GLU C 280 14.89 24.45 6.88
N ARG C 281 13.80 23.84 6.42
CA ARG C 281 12.46 24.42 6.57
C ARG C 281 11.85 24.25 7.94
N LYS C 282 11.23 25.33 8.43
CA LYS C 282 10.58 25.33 9.74
C LYS C 282 9.08 25.54 9.61
N THR C 283 8.34 24.82 10.45
CA THR C 283 6.89 24.91 10.48
C THR C 283 6.42 24.73 11.90
N PHE C 284 5.48 25.55 12.34
CA PHE C 284 4.96 25.42 13.68
C PHE C 284 6.09 25.46 14.71
N GLY C 285 7.13 26.24 14.43
CA GLY C 285 8.24 26.38 15.35
C GLY C 285 9.36 25.37 15.27
N LYS C 286 9.26 24.35 14.43
CA LYS C 286 10.33 23.37 14.34
C LYS C 286 10.61 22.86 12.93
N LEU C 287 11.78 22.26 12.73
CA LEU C 287 12.16 21.72 11.43
C LEU C 287 11.20 20.61 11.01
N LEU C 288 11.02 20.43 9.71
CA LEU C 288 10.12 19.41 9.24
C LEU C 288 10.46 18.03 9.81
N ALA C 289 11.76 17.74 9.94
CA ALA C 289 12.22 16.46 10.46
C ALA C 289 11.95 16.24 11.95
N GLU C 290 11.61 17.31 12.66
CA GLU C 290 11.31 17.23 14.09
C GLU C 290 9.86 16.81 14.27
N HIS C 291 9.11 16.76 13.17
CA HIS C 291 7.71 16.35 13.21
C HIS C 291 7.68 14.84 12.98
N GLN C 292 7.18 14.09 13.96
CA GLN C 292 7.16 12.64 13.84
C GLN C 292 6.54 12.16 12.53
N GLY C 293 5.54 12.88 12.04
CA GLY C 293 4.92 12.50 10.79
C GLY C 293 5.96 12.40 9.68
N ILE C 294 6.77 13.44 9.56
CA ILE C 294 7.82 13.51 8.54
C ILE C 294 8.96 12.51 8.82
N SER C 295 9.28 12.31 10.10
CA SER C 295 10.34 11.40 10.51
C SER C 295 10.08 10.00 9.99
N PHE C 296 8.83 9.54 10.13
CA PHE C 296 8.48 8.20 9.66
C PHE C 296 8.55 8.11 8.15
N LEU C 297 8.25 9.22 7.48
CA LEU C 297 8.29 9.28 6.03
C LEU C 297 9.73 9.10 5.58
N LEU C 298 10.62 9.85 6.21
CA LEU C 298 12.04 9.79 5.92
C LEU C 298 12.60 8.39 6.21
N ALA C 299 12.18 7.80 7.32
CA ALA C 299 12.62 6.47 7.71
C ALA C 299 12.16 5.43 6.71
N ASP C 300 10.89 5.50 6.30
CA ASP C 300 10.36 4.54 5.32
C ASP C 300 11.03 4.69 3.95
N MET C 301 11.56 5.88 3.66
CA MET C 301 12.24 6.11 2.39
C MET C 301 13.62 5.46 2.44
N ALA C 302 14.38 5.75 3.48
CA ALA C 302 15.72 5.20 3.65
C ALA C 302 15.68 3.68 3.61
N MET C 303 14.80 3.10 4.41
CA MET C 303 14.63 1.65 4.45
C MET C 303 14.55 1.07 3.04
N LYS C 304 13.66 1.63 2.21
CA LYS C 304 13.46 1.16 0.85
C LYS C 304 14.66 1.27 -0.09
N VAL C 305 15.46 2.31 0.05
CA VAL C 305 16.62 2.45 -0.82
C VAL C 305 17.68 1.41 -0.47
N GLU C 306 17.81 1.11 0.83
CA GLU C 306 18.77 0.11 1.30
C GLU C 306 18.40 -1.26 0.75
N LEU C 307 17.12 -1.60 0.88
CA LEU C 307 16.60 -2.89 0.41
C LEU C 307 16.71 -3.09 -1.09
N ALA C 308 16.59 -2.01 -1.86
CA ALA C 308 16.67 -2.09 -3.32
C ALA C 308 18.12 -2.26 -3.73
N ARG C 309 19.02 -1.62 -3.01
CA ARG C 309 20.44 -1.72 -3.29
C ARG C 309 20.91 -3.17 -3.05
N LEU C 310 20.37 -3.81 -2.00
CA LEU C 310 20.73 -5.19 -1.69
C LEU C 310 20.28 -6.12 -2.79
N SER C 311 19.07 -5.89 -3.31
CA SER C 311 18.55 -6.75 -4.35
C SER C 311 19.36 -6.76 -5.63
N TYR C 312 19.92 -5.62 -6.00
CA TYR C 312 20.69 -5.57 -7.24
C TYR C 312 22.10 -6.12 -7.03
N GLN C 313 22.63 -5.93 -5.84
CA GLN C 313 23.95 -6.44 -5.53
C GLN C 313 23.87 -7.97 -5.62
N ARG C 314 22.79 -8.53 -5.07
CA ARG C 314 22.57 -9.97 -5.10
C ARG C 314 22.43 -10.49 -6.53
N ALA C 315 21.68 -9.76 -7.36
CA ALA C 315 21.46 -10.17 -8.74
C ALA C 315 22.73 -10.06 -9.57
N ALA C 316 23.52 -9.03 -9.31
CA ALA C 316 24.77 -8.83 -10.03
C ALA C 316 25.76 -9.94 -9.69
N TRP C 317 25.95 -10.15 -8.38
CA TRP C 317 26.85 -11.17 -7.88
C TRP C 317 26.53 -12.52 -8.51
N GLU C 318 25.24 -12.87 -8.51
CA GLU C 318 24.75 -14.14 -9.05
C GLU C 318 25.18 -14.45 -10.49
N ILE C 319 24.93 -13.53 -11.41
CA ILE C 319 25.29 -13.75 -12.79
C ILE C 319 26.81 -13.69 -12.93
N ASP C 320 27.43 -12.82 -12.13
CA ASP C 320 28.88 -12.67 -12.15
C ASP C 320 29.54 -13.99 -11.77
N SER C 321 28.92 -14.74 -10.86
CA SER C 321 29.46 -16.02 -10.42
C SER C 321 29.25 -17.10 -11.47
N GLY C 322 28.63 -16.73 -12.59
CA GLY C 322 28.40 -17.70 -13.64
C GLY C 322 27.06 -18.40 -13.66
N ARG C 323 26.18 -18.11 -12.70
CA ARG C 323 24.88 -18.76 -12.71
C ARG C 323 23.80 -17.87 -13.31
N ARG C 324 22.76 -18.51 -13.83
CA ARG C 324 21.62 -17.83 -14.43
C ARG C 324 20.95 -17.09 -13.30
N ASN C 325 20.72 -15.78 -13.50
CA ASN C 325 20.14 -14.94 -12.46
C ASN C 325 18.75 -14.36 -12.76
N THR C 326 18.06 -14.92 -13.74
CA THR C 326 16.73 -14.45 -14.13
C THR C 326 15.86 -14.05 -12.94
N TYR C 327 15.79 -14.94 -11.96
CA TYR C 327 15.00 -14.72 -10.76
C TYR C 327 15.38 -13.44 -10.01
N TYR C 328 16.60 -13.41 -9.46
CA TYR C 328 17.07 -12.26 -8.69
C TYR C 328 17.06 -10.98 -9.50
N ALA C 329 17.42 -11.10 -10.77
CA ALA C 329 17.47 -9.98 -11.70
C ALA C 329 16.12 -9.30 -11.78
N SER C 330 15.07 -10.07 -12.03
CA SER C 330 13.72 -9.53 -12.13
C SER C 330 13.25 -8.93 -10.82
N ILE C 331 13.55 -9.59 -9.71
CA ILE C 331 13.14 -9.08 -8.41
C ILE C 331 13.74 -7.69 -8.19
N ALA C 332 15.03 -7.53 -8.49
CA ALA C 332 15.69 -6.25 -8.28
C ALA C 332 15.11 -5.17 -9.19
N LYS C 333 14.82 -5.54 -10.44
CA LYS C 333 14.29 -4.58 -11.39
C LYS C 333 12.92 -4.10 -10.93
N ALA C 334 12.09 -5.04 -10.51
CA ALA C 334 10.76 -4.71 -10.04
C ALA C 334 10.78 -3.82 -8.81
N TYR C 335 11.42 -4.29 -7.74
CA TYR C 335 11.46 -3.52 -6.51
C TYR C 335 12.08 -2.13 -6.65
N ALA C 336 13.27 -2.06 -7.21
CA ALA C 336 13.94 -0.78 -7.39
C ALA C 336 13.07 0.21 -8.17
N ALA C 337 12.46 -0.26 -9.26
CA ALA C 337 11.60 0.59 -10.09
C ALA C 337 10.44 1.20 -9.29
N ASP C 338 9.70 0.35 -8.60
CA ASP C 338 8.58 0.78 -7.78
C ASP C 338 8.97 1.76 -6.66
N ILE C 339 10.06 1.48 -5.94
CA ILE C 339 10.47 2.36 -4.84
C ILE C 339 11.15 3.62 -5.35
N ALA C 340 11.62 3.59 -6.59
CA ALA C 340 12.23 4.77 -7.19
C ALA C 340 11.11 5.79 -7.35
N ASN C 341 9.95 5.33 -7.83
CA ASN C 341 8.82 6.22 -8.01
C ASN C 341 8.24 6.72 -6.70
N GLN C 342 8.09 5.80 -5.75
CA GLN C 342 7.54 6.15 -4.43
C GLN C 342 8.35 7.25 -3.77
N LEU C 343 9.68 7.13 -3.81
CA LEU C 343 10.55 8.13 -3.19
C LEU C 343 10.61 9.43 -3.98
N ALA C 344 10.40 9.34 -5.28
CA ALA C 344 10.42 10.53 -6.13
C ALA C 344 9.29 11.44 -5.67
N THR C 345 8.09 10.89 -5.59
CA THR C 345 6.93 11.68 -5.20
C THR C 345 6.94 12.10 -3.74
N ASP C 346 7.52 11.28 -2.87
CA ASP C 346 7.57 11.66 -1.45
C ASP C 346 8.55 12.80 -1.25
N ALA C 347 9.57 12.87 -2.10
CA ALA C 347 10.56 13.93 -2.01
C ALA C 347 9.88 15.25 -2.41
N VAL C 348 9.13 15.21 -3.50
CA VAL C 348 8.41 16.38 -3.95
C VAL C 348 7.51 16.80 -2.80
N GLN C 349 6.87 15.80 -2.19
CA GLN C 349 5.96 16.04 -1.08
C GLN C 349 6.51 16.84 0.08
N VAL C 350 7.70 16.51 0.57
CA VAL C 350 8.26 17.23 1.71
C VAL C 350 8.68 18.64 1.33
N PHE C 351 8.81 18.89 0.03
CA PHE C 351 9.19 20.22 -0.44
C PHE C 351 8.00 21.18 -0.48
N GLY C 352 6.80 20.64 -0.37
CA GLY C 352 5.63 21.50 -0.41
C GLY C 352 5.45 22.12 -1.80
N GLY C 353 5.02 23.37 -1.84
CA GLY C 353 4.82 24.07 -3.10
C GLY C 353 6.09 24.12 -3.92
N ASN C 354 7.20 24.42 -3.25
CA ASN C 354 8.51 24.49 -3.90
C ASN C 354 8.86 23.22 -4.69
N GLY C 355 8.39 22.07 -4.23
CA GLY C 355 8.71 20.83 -4.91
C GLY C 355 8.00 20.63 -6.22
N PHE C 356 6.93 21.39 -6.43
CA PHE C 356 6.14 21.30 -7.63
C PHE C 356 6.75 22.24 -8.69
N ASN C 357 7.59 23.16 -8.21
CA ASN C 357 8.25 24.17 -9.05
C ASN C 357 9.53 23.68 -9.69
N THR C 358 9.78 24.12 -10.92
CA THR C 358 10.97 23.73 -11.66
C THR C 358 12.29 24.34 -11.19
N GLU C 359 12.23 25.30 -10.27
CA GLU C 359 13.45 25.91 -9.75
C GLU C 359 14.08 24.92 -8.80
N TYR C 360 13.30 23.93 -8.38
CA TYR C 360 13.79 22.92 -7.46
C TYR C 360 14.02 21.60 -8.19
N PRO C 361 14.99 20.82 -7.70
CA PRO C 361 15.45 19.52 -8.20
C PRO C 361 14.55 18.30 -8.13
N VAL C 362 13.46 18.34 -7.37
CA VAL C 362 12.63 17.15 -7.24
C VAL C 362 11.56 16.83 -8.29
N GLU C 363 10.96 17.83 -8.91
CA GLU C 363 9.95 17.53 -9.92
C GLU C 363 10.58 16.78 -11.08
N LYS C 364 11.85 17.03 -11.33
CA LYS C 364 12.57 16.33 -12.39
C LYS C 364 12.72 14.85 -12.01
N LEU C 365 13.02 14.59 -10.74
CA LEU C 365 13.16 13.23 -10.26
C LEU C 365 11.87 12.42 -10.44
N MET C 366 10.72 13.04 -10.12
CA MET C 366 9.45 12.34 -10.28
C MET C 366 9.16 12.02 -11.75
N ARG C 367 9.62 12.88 -12.65
CA ARG C 367 9.40 12.66 -14.08
C ARG C 367 10.33 11.60 -14.64
N ASP C 368 11.59 11.57 -14.19
CA ASP C 368 12.53 10.58 -14.69
C ASP C 368 12.21 9.18 -14.19
N ALA C 369 11.69 9.11 -12.96
CA ALA C 369 11.37 7.85 -12.32
C ALA C 369 10.35 6.95 -12.99
N LYS C 370 9.30 7.52 -13.57
CA LYS C 370 8.26 6.72 -14.17
C LYS C 370 8.73 5.73 -15.22
N ILE C 371 9.80 6.05 -15.92
CA ILE C 371 10.31 5.19 -16.96
C ILE C 371 10.84 3.81 -16.46
N TYR C 372 11.33 3.75 -15.23
CA TYR C 372 11.88 2.51 -14.68
C TYR C 372 10.86 1.39 -14.54
N GLN C 373 9.59 1.75 -14.42
CA GLN C 373 8.52 0.77 -14.31
C GLN C 373 8.09 0.29 -15.69
N ILE C 374 8.73 0.84 -16.72
CA ILE C 374 8.38 0.50 -18.09
C ILE C 374 9.48 -0.13 -18.96
N TYR C 375 10.61 0.55 -19.15
CA TYR C 375 11.61 -0.07 -20.00
C TYR C 375 12.46 -1.15 -19.36
N GLU C 376 12.97 -2.04 -20.22
CA GLU C 376 13.78 -3.18 -19.81
C GLU C 376 12.83 -4.14 -19.10
N GLY C 377 11.59 -4.21 -19.56
CA GLY C 377 10.59 -5.08 -18.97
C GLY C 377 9.74 -4.33 -17.97
N THR C 378 8.44 -4.15 -18.27
CA THR C 378 7.55 -3.42 -17.37
C THR C 378 7.32 -4.12 -16.02
N ALA C 379 6.70 -3.40 -15.10
CA ALA C 379 6.42 -3.95 -13.79
C ALA C 379 5.64 -5.26 -13.91
N GLN C 380 4.68 -5.31 -14.83
CA GLN C 380 3.89 -6.51 -15.03
C GLN C 380 4.72 -7.66 -15.55
N ILE C 381 5.45 -7.44 -16.63
CA ILE C 381 6.26 -8.48 -17.22
C ILE C 381 7.25 -9.06 -16.19
N GLN C 382 7.81 -8.21 -15.33
CA GLN C 382 8.76 -8.67 -14.30
C GLN C 382 8.08 -9.63 -13.34
N ARG C 383 6.80 -9.40 -13.06
CA ARG C 383 6.04 -10.25 -12.16
C ARG C 383 5.76 -11.59 -12.84
N ILE C 384 5.64 -11.56 -14.16
CA ILE C 384 5.39 -12.80 -14.88
C ILE C 384 6.63 -13.67 -14.86
N ILE C 385 7.79 -13.02 -14.94
CA ILE C 385 9.07 -13.71 -14.93
C ILE C 385 9.34 -14.31 -13.54
N ILE C 386 9.23 -13.49 -12.50
CA ILE C 386 9.45 -13.94 -11.13
C ILE C 386 8.53 -15.11 -10.79
N ALA C 387 7.27 -15.02 -11.22
CA ALA C 387 6.27 -16.06 -10.96
C ALA C 387 6.62 -17.35 -11.66
N ARG C 388 7.15 -17.24 -12.87
CA ARG C 388 7.49 -18.42 -13.62
C ARG C 388 8.75 -19.11 -13.06
N GLU C 389 9.63 -18.36 -12.42
CA GLU C 389 10.85 -18.93 -11.86
C GLU C 389 10.58 -19.52 -10.48
N HIS C 390 9.77 -18.82 -9.68
CA HIS C 390 9.41 -19.26 -8.36
C HIS C 390 8.67 -20.59 -8.39
N ILE C 391 7.68 -20.69 -9.27
CA ILE C 391 6.86 -21.89 -9.40
C ILE C 391 7.60 -23.06 -10.01
N GLY C 392 8.61 -22.76 -10.82
CA GLY C 392 9.39 -23.82 -11.44
C GLY C 392 10.17 -24.59 -10.39
N ARG C 393 10.36 -23.98 -9.22
CA ARG C 393 11.09 -24.61 -8.13
C ARG C 393 10.29 -25.69 -7.41
N TYR C 394 8.96 -25.61 -7.50
CA TYR C 394 8.10 -26.57 -6.82
C TYR C 394 7.67 -27.73 -7.68
N LYS C 395 8.66 -28.46 -8.19
CA LYS C 395 8.46 -29.62 -9.05
C LYS C 395 9.63 -29.69 -10.03
N GLY D 11 -34.87 10.80 3.40
CA GLY D 11 -34.07 9.53 3.36
C GLY D 11 -32.81 9.66 2.50
N PHE D 12 -32.22 8.53 2.11
CA PHE D 12 -31.02 8.55 1.28
C PHE D 12 -31.30 8.78 -0.19
N SER D 13 -30.51 9.64 -0.82
CA SER D 13 -30.67 9.86 -2.24
C SER D 13 -29.35 10.17 -2.92
N PHE D 14 -29.23 9.71 -4.16
CA PHE D 14 -28.03 9.94 -4.95
C PHE D 14 -28.50 10.35 -6.34
N GLU D 15 -29.70 10.93 -6.38
CA GLU D 15 -30.28 11.40 -7.63
C GLU D 15 -30.08 12.90 -7.77
N LEU D 16 -29.67 13.30 -8.97
CA LEU D 16 -29.46 14.69 -9.29
C LEU D 16 -30.79 15.32 -9.65
N THR D 17 -31.03 16.52 -9.13
CA THR D 17 -32.26 17.25 -9.42
C THR D 17 -32.17 17.51 -10.91
N GLU D 18 -33.29 17.71 -11.58
CA GLU D 18 -33.24 17.94 -13.02
C GLU D 18 -32.38 19.15 -13.41
N GLN D 19 -32.28 20.11 -12.51
CA GLN D 19 -31.48 21.30 -12.77
C GLN D 19 -29.98 20.99 -12.81
N GLN D 20 -29.50 20.19 -11.84
CA GLN D 20 -28.09 19.81 -11.78
C GLN D 20 -27.73 18.96 -12.97
N LYS D 21 -28.70 18.22 -13.49
CA LYS D 21 -28.47 17.38 -14.65
C LYS D 21 -28.21 18.30 -15.85
N GLU D 22 -28.74 19.52 -15.78
CA GLU D 22 -28.56 20.49 -16.86
C GLU D 22 -27.15 21.09 -16.77
N PHE D 23 -26.81 21.62 -15.59
CA PHE D 23 -25.49 22.19 -15.35
C PHE D 23 -24.45 21.17 -15.84
N GLN D 24 -24.51 19.98 -15.26
CA GLN D 24 -23.60 18.89 -15.57
C GLN D 24 -23.45 18.64 -17.06
N ALA D 25 -24.57 18.50 -17.76
CA ALA D 25 -24.56 18.23 -19.19
C ALA D 25 -23.87 19.35 -19.98
N THR D 26 -23.99 20.58 -19.48
CA THR D 26 -23.38 21.73 -20.14
C THR D 26 -21.86 21.71 -19.98
N ALA D 27 -21.42 21.61 -18.72
CA ALA D 27 -19.99 21.57 -18.40
C ALA D 27 -19.32 20.39 -19.09
N ARG D 28 -20.04 19.28 -19.19
CA ARG D 28 -19.50 18.09 -19.83
C ARG D 28 -19.23 18.38 -21.30
N LYS D 29 -20.23 18.99 -21.95
CA LYS D 29 -20.16 19.35 -23.37
C LYS D 29 -19.02 20.34 -23.58
N PHE D 30 -19.05 21.43 -22.80
CA PHE D 30 -18.01 22.43 -22.89
C PHE D 30 -16.65 21.77 -22.72
N ALA D 31 -16.52 20.93 -21.70
CA ALA D 31 -15.26 20.25 -21.39
C ALA D 31 -14.73 19.28 -22.43
N ARG D 32 -15.56 18.36 -22.89
CA ARG D 32 -15.10 17.38 -23.88
C ARG D 32 -14.99 17.90 -25.31
N GLU D 33 -15.66 19.00 -25.63
CA GLU D 33 -15.57 19.49 -27.01
C GLU D 33 -14.87 20.82 -27.19
N GLU D 34 -14.57 21.50 -26.09
CA GLU D 34 -13.89 22.79 -26.16
C GLU D 34 -12.56 22.84 -25.40
N ILE D 35 -12.53 22.26 -24.22
CA ILE D 35 -11.31 22.23 -23.41
C ILE D 35 -10.34 21.15 -23.90
N ILE D 36 -10.81 19.90 -23.95
CA ILE D 36 -9.98 18.78 -24.36
C ILE D 36 -9.19 18.99 -25.65
N PRO D 37 -9.84 19.49 -26.71
CA PRO D 37 -9.15 19.72 -27.98
C PRO D 37 -7.95 20.69 -27.95
N VAL D 38 -7.92 21.58 -26.96
CA VAL D 38 -6.82 22.53 -26.86
C VAL D 38 -5.98 22.42 -25.58
N ALA D 39 -6.34 21.49 -24.70
CA ALA D 39 -5.63 21.31 -23.42
C ALA D 39 -4.14 21.01 -23.55
N ALA D 40 -3.80 20.16 -24.50
CA ALA D 40 -2.41 19.78 -24.72
C ALA D 40 -1.56 20.96 -25.16
N GLU D 41 -2.18 21.89 -25.89
CA GLU D 41 -1.45 23.05 -26.40
C GLU D 41 -1.18 24.11 -25.33
N TYR D 42 -2.17 24.38 -24.50
CA TYR D 42 -2.03 25.36 -23.42
C TYR D 42 -1.03 24.85 -22.39
N ASP D 43 -0.92 23.53 -22.30
CA ASP D 43 0.01 22.87 -21.38
C ASP D 43 1.44 23.07 -21.91
N ARG D 44 1.63 22.85 -23.20
CA ARG D 44 2.94 23.01 -23.82
C ARG D 44 3.43 24.46 -23.80
N THR D 45 2.51 25.42 -23.89
CA THR D 45 2.90 26.83 -23.88
C THR D 45 2.76 27.48 -22.51
N GLY D 46 1.78 27.02 -21.72
CA GLY D 46 1.57 27.58 -20.41
C GLY D 46 0.88 28.91 -20.54
N GLU D 47 0.31 29.14 -21.71
CA GLU D 47 -0.39 30.38 -21.98
C GLU D 47 -1.69 30.40 -21.18
N TYR D 48 -2.01 31.54 -20.57
CA TYR D 48 -3.23 31.68 -19.79
C TYR D 48 -4.40 31.53 -20.78
N PRO D 49 -5.34 30.62 -20.48
CA PRO D 49 -6.50 30.34 -21.33
C PRO D 49 -7.66 31.35 -21.34
N VAL D 50 -7.39 32.62 -21.61
CA VAL D 50 -8.44 33.64 -21.63
C VAL D 50 -9.67 33.24 -22.45
N PRO D 51 -9.47 32.74 -23.69
CA PRO D 51 -10.62 32.35 -24.51
C PRO D 51 -11.54 31.35 -23.82
N LEU D 52 -10.96 30.38 -23.12
CA LEU D 52 -11.76 29.37 -22.42
C LEU D 52 -12.42 29.91 -21.17
N LEU D 53 -11.78 30.88 -20.53
CA LEU D 53 -12.34 31.47 -19.33
C LEU D 53 -13.52 32.37 -19.71
N LYS D 54 -13.34 33.19 -20.74
CA LYS D 54 -14.42 34.06 -21.17
C LYS D 54 -15.60 33.18 -21.57
N ARG D 55 -15.28 32.07 -22.22
CA ARG D 55 -16.29 31.12 -22.66
C ARG D 55 -17.03 30.50 -21.48
N ALA D 56 -16.27 30.06 -20.47
CA ALA D 56 -16.87 29.44 -19.29
C ALA D 56 -17.80 30.43 -18.59
N TRP D 57 -17.34 31.67 -18.45
CA TRP D 57 -18.12 32.71 -17.81
C TRP D 57 -19.45 32.88 -18.55
N GLU D 58 -19.38 32.76 -19.88
CA GLU D 58 -20.54 32.89 -20.74
C GLU D 58 -21.56 31.79 -20.46
N LEU D 59 -21.06 30.56 -20.38
CA LEU D 59 -21.89 29.38 -20.13
C LEU D 59 -22.44 29.25 -18.71
N GLY D 60 -22.03 30.15 -17.82
CA GLY D 60 -22.51 30.09 -16.45
C GLY D 60 -21.84 29.02 -15.61
N LEU D 61 -20.66 28.57 -16.05
CA LEU D 61 -19.91 27.57 -15.32
C LEU D 61 -18.85 28.24 -14.46
N MET D 62 -19.13 29.46 -14.03
CA MET D 62 -18.17 30.21 -13.24
C MET D 62 -18.85 31.09 -12.20
N ASN D 63 -18.13 31.42 -11.12
CA ASN D 63 -18.65 32.26 -10.03
C ASN D 63 -19.99 31.77 -9.47
N THR D 64 -20.26 30.50 -9.73
CA THR D 64 -21.46 29.79 -9.30
C THR D 64 -21.99 30.07 -7.89
N HIS D 65 -21.10 30.32 -6.94
CA HIS D 65 -21.54 30.52 -5.56
C HIS D 65 -21.91 31.93 -5.13
N ILE D 66 -21.91 32.88 -6.05
CA ILE D 66 -22.27 34.26 -5.71
C ILE D 66 -23.79 34.40 -5.53
N PRO D 67 -24.22 34.95 -4.38
CA PRO D 67 -25.64 35.14 -4.06
C PRO D 67 -26.37 35.76 -5.24
N GLU D 68 -27.58 35.27 -5.52
CA GLU D 68 -28.34 35.75 -6.66
C GLU D 68 -28.73 37.22 -6.59
N SER D 69 -28.66 37.79 -5.40
CA SER D 69 -29.01 39.20 -5.24
C SER D 69 -27.81 40.07 -5.63
N PHE D 70 -26.92 39.47 -6.43
CA PHE D 70 -25.73 40.16 -6.94
C PHE D 70 -25.50 39.68 -8.36
N GLY D 71 -26.55 39.14 -8.98
CA GLY D 71 -26.41 38.65 -10.34
C GLY D 71 -25.87 37.24 -10.45
N GLY D 72 -25.60 36.60 -9.31
CA GLY D 72 -25.09 35.25 -9.33
C GLY D 72 -26.19 34.21 -9.40
N LEU D 73 -25.80 32.96 -9.68
CA LEU D 73 -26.76 31.86 -9.76
C LEU D 73 -27.21 31.46 -8.37
N GLY D 74 -26.42 31.80 -7.37
CA GLY D 74 -26.77 31.45 -6.00
C GLY D 74 -26.72 29.96 -5.73
N LEU D 75 -25.91 29.23 -6.51
CA LEU D 75 -25.77 27.79 -6.36
C LEU D 75 -25.05 27.39 -5.07
N GLY D 76 -24.96 26.10 -4.81
CA GLY D 76 -24.30 25.62 -3.61
C GLY D 76 -23.03 24.84 -3.90
N ILE D 77 -22.32 24.47 -2.84
CA ILE D 77 -21.08 23.72 -2.96
C ILE D 77 -21.21 22.43 -3.76
N ILE D 78 -22.28 21.68 -3.51
CA ILE D 78 -22.51 20.44 -4.24
C ILE D 78 -22.55 20.76 -5.74
N ASP D 79 -23.25 21.83 -6.09
CA ASP D 79 -23.36 22.27 -7.48
C ASP D 79 -21.98 22.59 -8.04
N SER D 80 -21.18 23.32 -7.27
CA SER D 80 -19.82 23.68 -7.67
C SER D 80 -18.98 22.41 -7.92
N CYS D 81 -19.20 21.40 -7.08
CA CYS D 81 -18.47 20.14 -7.21
C CYS D 81 -18.88 19.38 -8.47
N LEU D 82 -20.19 19.36 -8.73
CA LEU D 82 -20.72 18.68 -9.92
C LEU D 82 -20.11 19.27 -11.19
N ILE D 83 -20.05 20.60 -11.23
CA ILE D 83 -19.51 21.31 -12.38
C ILE D 83 -17.99 21.21 -12.53
N THR D 84 -17.28 21.33 -11.41
CA THR D 84 -15.83 21.25 -11.43
C THR D 84 -15.33 19.89 -11.90
N GLU D 85 -15.99 18.82 -11.50
CA GLU D 85 -15.54 17.49 -11.89
C GLU D 85 -15.50 17.34 -13.41
N GLU D 86 -16.54 17.80 -14.10
CA GLU D 86 -16.59 17.71 -15.56
C GLU D 86 -15.46 18.52 -16.16
N LEU D 87 -15.30 19.74 -15.67
CA LEU D 87 -14.25 20.63 -16.13
C LEU D 87 -12.87 20.01 -15.94
N ALA D 88 -12.52 19.68 -14.70
CA ALA D 88 -11.23 19.08 -14.41
C ALA D 88 -10.90 17.95 -15.37
N TYR D 89 -11.92 17.20 -15.79
CA TYR D 89 -11.75 16.08 -16.71
C TYR D 89 -11.05 16.52 -17.99
N GLY D 90 -11.33 17.73 -18.44
CA GLY D 90 -10.71 18.23 -19.66
C GLY D 90 -9.30 18.70 -19.36
N CYS D 91 -9.17 19.43 -18.27
CA CYS D 91 -7.89 19.96 -17.84
C CYS D 91 -8.01 20.64 -16.49
N THR D 92 -7.24 20.18 -15.51
CA THR D 92 -7.26 20.76 -14.18
C THR D 92 -6.43 22.04 -14.18
N GLY D 93 -5.76 22.28 -15.30
CA GLY D 93 -4.99 23.51 -15.43
C GLY D 93 -6.03 24.61 -15.66
N VAL D 94 -6.92 24.37 -16.63
CA VAL D 94 -7.98 25.31 -16.96
C VAL D 94 -8.96 25.42 -15.81
N GLN D 95 -9.37 24.27 -15.26
CA GLN D 95 -10.31 24.25 -14.15
C GLN D 95 -9.82 24.95 -12.88
N THR D 96 -8.52 24.90 -12.61
CA THR D 96 -7.99 25.56 -11.42
C THR D 96 -8.12 27.08 -11.53
N ALA D 97 -7.93 27.61 -12.73
CA ALA D 97 -8.05 29.05 -12.97
C ALA D 97 -9.48 29.45 -12.66
N ILE D 98 -10.42 28.64 -13.12
CA ILE D 98 -11.83 28.90 -12.89
C ILE D 98 -12.17 28.80 -11.40
N GLU D 99 -11.82 27.66 -10.78
CA GLU D 99 -12.10 27.43 -9.37
C GLU D 99 -11.41 28.38 -8.41
N ALA D 100 -10.28 28.93 -8.84
CA ALA D 100 -9.56 29.87 -7.99
C ALA D 100 -10.42 31.10 -7.75
N ASN D 101 -11.39 31.33 -8.64
CA ASN D 101 -12.30 32.46 -8.51
C ASN D 101 -13.23 32.27 -7.31
N THR D 102 -13.77 31.06 -7.18
CA THR D 102 -14.67 30.76 -6.08
C THR D 102 -13.93 30.90 -4.76
N LEU D 103 -12.71 30.39 -4.74
CA LEU D 103 -11.88 30.47 -3.57
C LEU D 103 -11.78 31.92 -3.10
N GLY D 104 -11.48 32.82 -4.02
CA GLY D 104 -11.34 34.23 -3.66
C GLY D 104 -12.64 34.90 -3.22
N GLN D 105 -13.76 34.41 -3.71
CA GLN D 105 -15.07 34.99 -3.40
C GLN D 105 -15.68 34.57 -2.08
N VAL D 106 -15.52 33.30 -1.70
CA VAL D 106 -16.07 32.82 -0.46
C VAL D 106 -15.79 33.73 0.74
N PRO D 107 -14.54 34.18 0.94
CA PRO D 107 -14.24 35.06 2.07
C PRO D 107 -15.21 36.23 2.20
N LEU D 108 -15.70 36.73 1.06
CA LEU D 108 -16.63 37.85 1.07
C LEU D 108 -18.04 37.32 1.35
N ILE D 109 -18.35 36.17 0.77
CA ILE D 109 -19.66 35.57 0.97
C ILE D 109 -19.97 35.25 2.43
N ILE D 110 -18.97 34.74 3.16
CA ILE D 110 -19.21 34.40 4.55
C ILE D 110 -18.70 35.42 5.55
N GLY D 111 -18.05 36.46 5.08
CA GLY D 111 -17.53 37.43 6.03
C GLY D 111 -17.64 38.91 5.68
N GLY D 112 -18.25 39.23 4.55
CA GLY D 112 -18.38 40.61 4.17
C GLY D 112 -19.79 41.14 4.34
N ASN D 113 -19.95 42.46 4.34
CA ASN D 113 -21.28 43.06 4.49
C ASN D 113 -21.95 43.20 3.13
N TYR D 114 -23.14 43.79 3.10
CA TYR D 114 -23.86 43.95 1.84
C TYR D 114 -23.16 44.83 0.81
N GLN D 115 -22.64 45.95 1.27
CA GLN D 115 -21.97 46.90 0.38
C GLN D 115 -20.76 46.31 -0.32
N GLN D 116 -19.91 45.63 0.45
CA GLN D 116 -18.70 45.00 -0.05
C GLN D 116 -19.03 43.92 -1.08
N GLN D 117 -20.09 43.17 -0.83
CA GLN D 117 -20.49 42.11 -1.73
C GLN D 117 -21.04 42.63 -3.04
N LYS D 118 -21.91 43.64 -2.99
CA LYS D 118 -22.45 44.18 -4.24
C LYS D 118 -21.32 44.85 -5.04
N LYS D 119 -20.36 45.42 -4.33
CA LYS D 119 -19.24 46.09 -4.99
C LYS D 119 -18.29 45.11 -5.66
N TYR D 120 -17.78 44.13 -4.92
CA TYR D 120 -16.83 43.18 -5.50
C TYR D 120 -17.39 41.92 -6.13
N LEU D 121 -18.38 41.31 -5.48
CA LEU D 121 -18.98 40.11 -6.03
C LEU D 121 -19.89 40.48 -7.20
N GLY D 122 -20.36 41.73 -7.19
CA GLY D 122 -21.24 42.21 -8.24
C GLY D 122 -20.55 42.41 -9.56
N ARG D 123 -19.37 43.02 -9.54
CA ARG D 123 -18.64 43.27 -10.78
C ARG D 123 -18.29 41.98 -11.52
N MET D 124 -18.17 40.88 -10.78
CA MET D 124 -17.80 39.58 -11.34
C MET D 124 -18.88 38.99 -12.26
N THR D 125 -20.14 39.28 -11.94
CA THR D 125 -21.27 38.79 -12.74
C THR D 125 -21.53 39.64 -13.97
N GLU D 126 -21.09 40.89 -13.95
CA GLU D 126 -21.30 41.82 -15.06
C GLU D 126 -20.25 41.69 -16.18
N GLU D 127 -19.04 41.33 -15.80
CA GLU D 127 -17.92 41.23 -16.74
C GLU D 127 -17.02 40.08 -16.27
N PRO D 128 -16.50 39.25 -17.20
CA PRO D 128 -15.63 38.12 -16.85
C PRO D 128 -14.28 38.43 -16.19
N LEU D 129 -14.30 39.07 -15.02
CA LEU D 129 -13.07 39.39 -14.31
C LEU D 129 -12.58 38.18 -13.51
N MET D 130 -11.42 38.33 -12.87
CA MET D 130 -10.82 37.26 -12.07
C MET D 130 -10.36 37.79 -10.72
N CYS D 131 -10.36 36.95 -9.69
CA CYS D 131 -9.89 37.36 -8.38
C CYS D 131 -8.95 36.29 -7.84
N ALA D 132 -8.26 36.59 -6.74
CA ALA D 132 -7.33 35.64 -6.16
C ALA D 132 -7.45 35.56 -4.64
N TYR D 133 -6.77 34.59 -4.05
CA TYR D 133 -6.79 34.35 -2.62
C TYR D 133 -5.34 34.46 -2.12
N CYS D 134 -5.08 35.40 -1.22
CA CYS D 134 -3.73 35.62 -0.73
C CYS D 134 -3.45 35.34 0.73
N VAL D 135 -2.97 34.13 0.99
CA VAL D 135 -2.63 33.71 2.35
C VAL D 135 -1.16 33.30 2.39
N THR D 136 -0.80 32.29 1.60
CA THR D 136 0.57 31.77 1.57
C THR D 136 1.66 32.79 1.32
N GLU D 137 2.72 32.68 2.13
CA GLU D 137 3.88 33.53 1.99
C GLU D 137 5.02 32.56 1.71
N PRO D 138 6.22 33.07 1.39
CA PRO D 138 7.29 32.11 1.12
C PRO D 138 7.76 31.36 2.37
N GLY D 139 7.55 31.95 3.54
CA GLY D 139 7.98 31.30 4.76
C GLY D 139 6.92 30.58 5.55
N ALA D 140 5.71 30.51 5.01
CA ALA D 140 4.62 29.84 5.70
C ALA D 140 3.48 29.53 4.76
N GLY D 141 3.09 28.25 4.74
CA GLY D 141 1.99 27.83 3.89
C GLY D 141 1.01 27.03 4.70
N SER D 142 1.49 25.92 5.26
CA SER D 142 0.68 25.03 6.09
C SER D 142 0.43 25.70 7.43
N ASP D 143 1.40 26.50 7.85
CA ASP D 143 1.31 27.19 9.12
C ASP D 143 0.78 28.60 8.94
N VAL D 144 -0.52 28.69 8.65
CA VAL D 144 -1.19 29.96 8.43
C VAL D 144 -0.93 30.93 9.57
N ALA D 145 -0.86 30.40 10.79
CA ALA D 145 -0.62 31.22 11.97
C ALA D 145 0.78 31.82 11.97
N GLY D 146 1.59 31.47 10.98
CA GLY D 146 2.95 31.98 10.92
C GLY D 146 3.24 33.04 9.88
N ILE D 147 2.20 33.57 9.23
CA ILE D 147 2.41 34.59 8.19
C ILE D 147 2.95 35.87 8.81
N LYS D 148 3.77 36.60 8.05
CA LYS D 148 4.36 37.84 8.54
C LYS D 148 3.81 39.10 7.89
N THR D 149 3.11 38.97 6.75
CA THR D 149 2.53 40.15 6.11
C THR D 149 1.88 40.94 7.22
N LYS D 150 2.28 42.20 7.36
CA LYS D 150 1.76 43.06 8.40
C LYS D 150 0.75 44.10 7.90
N ALA D 151 -0.18 44.45 8.79
CA ALA D 151 -1.19 45.44 8.49
C ALA D 151 -1.31 46.30 9.73
N GLU D 152 -1.19 47.60 9.57
CA GLU D 152 -1.31 48.50 10.72
C GLU D 152 -2.36 49.55 10.39
N LYS D 153 -3.06 50.01 11.42
CA LYS D 153 -4.11 51.00 11.26
C LYS D 153 -3.62 52.43 11.44
N LYS D 154 -3.70 53.20 10.35
CA LYS D 154 -3.29 54.62 10.36
C LYS D 154 -4.54 55.45 10.06
N GLY D 155 -5.19 55.95 11.10
CA GLY D 155 -6.38 56.74 10.89
C GLY D 155 -7.50 55.87 10.33
N ASP D 156 -8.03 56.28 9.18
CA ASP D 156 -9.10 55.55 8.51
C ASP D 156 -8.56 54.68 7.39
N GLU D 157 -7.60 53.83 7.71
CA GLU D 157 -7.03 52.98 6.68
C GLU D 157 -5.94 52.10 7.28
N TYR D 158 -5.52 51.11 6.50
CA TYR D 158 -4.47 50.19 6.93
C TYR D 158 -3.31 50.17 5.96
N ILE D 159 -2.10 50.21 6.50
CA ILE D 159 -0.90 50.15 5.69
C ILE D 159 -0.49 48.67 5.68
N ILE D 160 -0.48 48.05 4.49
CA ILE D 160 -0.13 46.65 4.36
C ILE D 160 1.30 46.45 3.86
N ASN D 161 2.06 45.61 4.57
CA ASN D 161 3.44 45.31 4.20
C ASN D 161 3.75 43.82 4.32
N GLY D 162 4.10 43.19 3.20
CA GLY D 162 4.42 41.79 3.23
C GLY D 162 4.67 41.20 1.85
N GLN D 163 4.87 39.89 1.81
CA GLN D 163 5.11 39.18 0.56
C GLN D 163 4.26 37.91 0.55
N LYS D 164 3.68 37.58 -0.59
CA LYS D 164 2.86 36.36 -0.72
C LYS D 164 3.53 35.52 -1.79
N MET D 165 3.19 34.25 -1.86
CA MET D 165 3.83 33.39 -2.85
C MET D 165 2.88 32.30 -3.30
N TRP D 166 3.06 31.85 -4.53
CA TRP D 166 2.22 30.82 -5.10
C TRP D 166 0.78 31.28 -5.02
N ILE D 167 0.41 32.34 -5.75
CA ILE D 167 -0.96 32.81 -5.72
C ILE D 167 -1.61 32.49 -7.05
N THR D 168 -2.68 31.69 -7.04
CA THR D 168 -3.37 31.32 -8.27
C THR D 168 -4.11 32.55 -8.78
N ASN D 169 -3.96 32.83 -10.08
CA ASN D 169 -4.57 33.98 -10.70
C ASN D 169 -3.92 35.25 -10.15
N GLY D 170 -2.79 35.08 -9.50
CA GLY D 170 -2.08 36.19 -8.89
C GLY D 170 -1.82 37.38 -9.79
N GLY D 171 -1.43 37.14 -11.03
CA GLY D 171 -1.16 38.23 -11.93
C GLY D 171 -2.30 38.52 -12.89
N LYS D 172 -3.49 38.00 -12.58
CA LYS D 172 -4.65 38.19 -13.44
C LYS D 172 -5.88 38.63 -12.66
N ALA D 173 -5.69 38.96 -11.38
CA ALA D 173 -6.79 39.38 -10.52
C ALA D 173 -7.12 40.87 -10.55
N ASN D 174 -8.41 41.17 -10.36
CA ASN D 174 -8.93 42.53 -10.31
C ASN D 174 -8.81 42.92 -8.85
N TRP D 175 -9.24 42.03 -7.96
CA TRP D 175 -9.16 42.26 -6.52
C TRP D 175 -8.66 40.99 -5.83
N TYR D 176 -7.99 41.17 -4.69
CA TYR D 176 -7.43 40.06 -3.93
C TYR D 176 -8.02 39.96 -2.53
N PHE D 177 -8.03 38.76 -1.99
CA PHE D 177 -8.44 38.57 -0.59
C PHE D 177 -7.06 38.48 0.05
N LEU D 178 -6.81 39.27 1.09
CA LEU D 178 -5.50 39.24 1.70
C LEU D 178 -5.59 39.03 3.21
N LEU D 179 -4.80 38.10 3.72
CA LEU D 179 -4.77 37.82 5.16
C LEU D 179 -3.47 38.35 5.73
N ALA D 180 -3.58 39.29 6.64
CA ALA D 180 -2.39 39.90 7.26
C ALA D 180 -2.52 39.92 8.77
N ARG D 181 -1.40 40.03 9.47
CA ARG D 181 -1.43 40.07 10.93
C ARG D 181 -1.61 41.51 11.36
N SER D 182 -2.67 41.79 12.12
CA SER D 182 -2.98 43.15 12.58
C SER D 182 -2.65 43.40 14.04
N ASP D 183 -1.95 42.47 14.67
CA ASP D 183 -1.58 42.60 16.07
C ASP D 183 -0.10 42.22 16.22
N PRO D 184 0.78 43.21 16.46
CA PRO D 184 2.22 42.96 16.63
C PRO D 184 2.56 42.04 17.81
N ASP D 185 1.65 41.93 18.77
CA ASP D 185 1.89 41.07 19.93
C ASP D 185 2.04 39.60 19.55
N PRO D 186 3.28 39.10 19.44
CA PRO D 186 3.53 37.70 19.06
C PRO D 186 2.75 36.67 19.89
N LYS D 187 2.47 37.00 21.16
CA LYS D 187 1.73 36.10 22.06
C LYS D 187 0.21 36.16 21.89
N ALA D 188 -0.27 36.95 20.93
CA ALA D 188 -1.70 37.07 20.70
C ALA D 188 -2.22 35.84 19.94
N PRO D 189 -3.35 35.26 20.38
CA PRO D 189 -3.93 34.08 19.74
C PRO D 189 -4.07 34.22 18.23
N ALA D 190 -4.04 33.09 17.54
CA ALA D 190 -4.17 33.10 16.08
C ALA D 190 -5.55 33.57 15.68
N SER D 191 -6.54 33.38 16.56
CA SER D 191 -7.92 33.79 16.24
C SER D 191 -8.18 35.27 16.52
N LYS D 192 -7.13 36.03 16.82
CA LYS D 192 -7.28 37.44 17.12
C LYS D 192 -6.17 38.31 16.54
N ALA D 193 -5.19 37.69 15.88
CA ALA D 193 -4.06 38.45 15.35
C ALA D 193 -4.07 38.76 13.86
N PHE D 194 -5.06 38.23 13.14
CA PHE D 194 -5.14 38.46 11.71
C PHE D 194 -6.45 39.13 11.35
N THR D 195 -6.48 39.72 10.17
CA THR D 195 -7.65 40.42 9.68
C THR D 195 -7.69 40.21 8.17
N GLY D 196 -8.89 40.02 7.62
CA GLY D 196 -9.00 39.81 6.19
C GLY D 196 -9.42 41.06 5.46
N PHE D 197 -8.56 41.49 4.54
CA PHE D 197 -8.85 42.69 3.75
C PHE D 197 -9.14 42.24 2.33
N ILE D 198 -9.84 43.10 1.60
CA ILE D 198 -10.15 42.86 0.21
C ILE D 198 -9.34 43.98 -0.46
N VAL D 199 -8.36 43.60 -1.27
CA VAL D 199 -7.47 44.56 -1.91
C VAL D 199 -7.55 44.64 -3.43
N GLU D 200 -7.65 45.87 -3.95
CA GLU D 200 -7.70 46.08 -5.39
C GLU D 200 -6.28 46.07 -5.98
N ALA D 201 -6.08 45.20 -6.95
CA ALA D 201 -4.77 45.02 -7.59
C ALA D 201 -4.17 46.25 -8.23
N ASP D 202 -5.00 47.21 -8.64
CA ASP D 202 -4.48 48.41 -9.29
C ASP D 202 -3.96 49.43 -8.29
N THR D 203 -3.94 49.05 -7.03
CA THR D 203 -3.48 49.92 -5.95
C THR D 203 -1.96 50.17 -5.98
N PRO D 204 -1.53 51.40 -5.68
CA PRO D 204 -0.08 51.66 -5.69
C PRO D 204 0.59 50.85 -4.57
N GLY D 205 1.67 50.16 -4.91
CA GLY D 205 2.35 49.35 -3.90
C GLY D 205 2.26 47.86 -4.16
N VAL D 206 1.37 47.47 -5.07
CA VAL D 206 1.18 46.08 -5.44
C VAL D 206 2.14 45.71 -6.57
N GLN D 207 3.08 44.83 -6.27
CA GLN D 207 4.07 44.41 -7.26
C GLN D 207 3.92 42.94 -7.62
N ILE D 208 3.48 42.70 -8.85
CA ILE D 208 3.26 41.36 -9.38
C ILE D 208 4.58 40.71 -9.75
N GLY D 209 4.72 39.44 -9.41
CA GLY D 209 5.95 38.74 -9.74
C GLY D 209 5.80 38.15 -11.12
N ARG D 210 6.85 37.52 -11.65
CA ARG D 210 6.74 36.92 -12.97
C ARG D 210 5.95 35.63 -12.83
N LYS D 211 5.76 34.92 -13.94
CA LYS D 211 5.00 33.69 -13.87
C LYS D 211 5.89 32.53 -13.44
N GLU D 212 5.48 31.82 -12.41
CA GLU D 212 6.25 30.68 -11.95
C GLU D 212 6.02 29.47 -12.85
N ILE D 213 7.09 28.74 -13.14
CA ILE D 213 7.00 27.56 -14.00
C ILE D 213 6.96 26.29 -13.15
N ASN D 214 5.84 25.59 -13.20
CA ASN D 214 5.67 24.37 -12.42
C ASN D 214 5.60 23.14 -13.30
N MET D 215 5.47 21.98 -12.66
CA MET D 215 5.41 20.68 -13.34
C MET D 215 4.05 20.44 -14.00
N GLY D 216 2.98 20.71 -13.29
CA GLY D 216 1.65 20.52 -13.84
C GLY D 216 0.81 21.79 -13.86
N GLN D 217 -0.42 21.70 -14.38
CA GLN D 217 -1.35 22.83 -14.49
C GLN D 217 -0.57 24.06 -14.93
N ARG D 218 0.24 23.86 -15.96
CA ARG D 218 1.08 24.92 -16.47
C ARG D 218 0.39 26.15 -17.06
N CYS D 219 -0.85 26.00 -17.54
CA CYS D 219 -1.57 27.16 -18.11
C CYS D 219 -2.19 27.99 -17.00
N SER D 220 -2.24 27.45 -15.79
CA SER D 220 -2.78 28.17 -14.67
C SER D 220 -1.79 29.28 -14.36
N ASP D 221 -2.29 30.41 -13.85
CA ASP D 221 -1.43 31.53 -13.52
C ASP D 221 -1.08 31.51 -12.04
N THR D 222 0.20 31.40 -11.74
CA THR D 222 0.62 31.37 -10.35
C THR D 222 1.91 32.17 -10.15
N ARG D 223 1.92 33.03 -9.14
CA ARG D 223 3.08 33.85 -8.88
C ARG D 223 3.08 34.52 -7.53
N GLY D 224 4.22 35.09 -7.16
CA GLY D 224 4.35 35.78 -5.89
C GLY D 224 3.93 37.22 -6.06
N ILE D 225 3.71 37.92 -4.94
CA ILE D 225 3.29 39.31 -4.99
C ILE D 225 3.83 40.07 -3.77
N VAL D 226 4.50 41.21 -4.02
CA VAL D 226 5.03 42.02 -2.93
C VAL D 226 4.05 43.17 -2.62
N PHE D 227 3.98 43.55 -1.35
CA PHE D 227 3.10 44.63 -0.91
C PHE D 227 3.85 45.72 -0.15
N GLU D 228 4.27 46.76 -0.86
CA GLU D 228 4.98 47.88 -0.21
C GLU D 228 4.01 48.99 0.21
N ASP D 229 3.93 49.23 1.51
CA ASP D 229 3.05 50.26 2.07
C ASP D 229 1.72 50.41 1.32
N VAL D 230 1.06 49.28 1.08
CA VAL D 230 -0.22 49.27 0.36
C VAL D 230 -1.33 49.84 1.23
N ARG D 231 -1.82 51.01 0.89
CA ARG D 231 -2.89 51.67 1.64
C ARG D 231 -4.26 51.05 1.28
N VAL D 232 -5.03 50.74 2.32
CA VAL D 232 -6.35 50.13 2.15
C VAL D 232 -7.38 50.77 3.08
N PRO D 233 -8.49 51.25 2.51
CA PRO D 233 -9.55 51.87 3.34
C PRO D 233 -10.07 50.89 4.38
N LYS D 234 -10.45 51.41 5.55
CA LYS D 234 -10.97 50.57 6.64
C LYS D 234 -12.23 49.87 6.20
N GLU D 235 -12.94 50.47 5.24
CA GLU D 235 -14.16 49.86 4.74
C GLU D 235 -13.88 48.62 3.90
N ASN D 236 -12.63 48.16 3.90
CA ASN D 236 -12.27 46.96 3.15
C ASN D 236 -11.95 45.80 4.08
N VAL D 237 -12.06 46.04 5.38
CA VAL D 237 -11.83 44.99 6.36
C VAL D 237 -13.09 44.15 6.28
N LEU D 238 -12.94 42.84 6.08
CA LEU D 238 -14.11 41.99 5.95
C LEU D 238 -15.12 42.05 7.10
N THR D 239 -14.84 41.39 8.22
CA THR D 239 -15.80 41.43 9.32
C THR D 239 -15.38 42.34 10.48
N GLY D 240 -14.06 42.44 10.68
CA GLY D 240 -13.57 43.28 11.75
C GLY D 240 -12.15 42.86 12.02
N GLU D 241 -11.44 43.68 12.77
CA GLU D 241 -10.05 43.40 13.11
C GLU D 241 -9.92 42.19 14.04
N GLY D 242 -9.16 41.19 13.58
CA GLY D 242 -8.94 40.01 14.40
C GLY D 242 -9.78 38.80 14.04
N ALA D 243 -10.70 38.96 13.08
CA ALA D 243 -11.58 37.87 12.65
C ALA D 243 -11.01 37.16 11.43
N GLY D 244 -9.76 37.48 11.10
CA GLY D 244 -9.14 36.90 9.93
C GLY D 244 -8.93 35.40 9.89
N PHE D 245 -8.49 34.82 11.00
CA PHE D 245 -8.24 33.38 11.01
C PHE D 245 -9.47 32.54 10.71
N LYS D 246 -10.58 32.88 11.38
CA LYS D 246 -11.84 32.17 11.21
C LYS D 246 -12.42 32.30 9.81
N ILE D 247 -12.24 33.45 9.18
CA ILE D 247 -12.76 33.65 7.84
C ILE D 247 -11.99 32.73 6.91
N ALA D 248 -10.67 32.69 7.07
CA ALA D 248 -9.85 31.83 6.22
C ALA D 248 -10.17 30.37 6.49
N MET D 249 -10.29 30.01 7.77
CA MET D 249 -10.60 28.63 8.13
C MET D 249 -11.97 28.26 7.58
N GLY D 250 -12.91 29.20 7.66
CA GLY D 250 -14.26 28.95 7.17
C GLY D 250 -14.27 28.79 5.66
N THR D 251 -13.37 29.49 4.99
CA THR D 251 -13.31 29.40 3.53
C THR D 251 -12.81 28.03 3.07
N PHE D 252 -11.77 27.53 3.72
CA PHE D 252 -11.21 26.22 3.36
C PHE D 252 -12.24 25.10 3.47
N ASP D 253 -13.09 25.12 4.50
CA ASP D 253 -14.10 24.08 4.64
C ASP D 253 -15.05 24.08 3.45
N LYS D 254 -15.38 25.25 2.93
CA LYS D 254 -16.27 25.32 1.78
C LYS D 254 -15.56 25.00 0.47
N THR D 255 -14.30 25.40 0.35
CA THR D 255 -13.56 25.17 -0.88
C THR D 255 -12.80 23.88 -0.99
N ARG D 256 -12.82 23.07 0.06
CA ARG D 256 -12.10 21.81 0.03
C ARG D 256 -12.86 20.74 -0.76
N PRO D 257 -14.18 20.67 -0.64
CA PRO D 257 -14.87 19.64 -1.44
C PRO D 257 -14.60 19.82 -2.94
N PRO D 258 -14.70 21.08 -3.45
CA PRO D 258 -14.47 21.39 -4.88
C PRO D 258 -13.10 20.97 -5.38
N VAL D 259 -12.06 21.21 -4.57
CA VAL D 259 -10.72 20.82 -4.97
C VAL D 259 -10.67 19.31 -5.05
N ALA D 260 -11.39 18.65 -4.14
CA ALA D 260 -11.43 17.19 -4.15
C ALA D 260 -12.12 16.71 -5.42
N ALA D 261 -13.20 17.41 -5.80
CA ALA D 261 -13.94 17.03 -7.01
C ALA D 261 -13.09 17.23 -8.26
N GLY D 262 -12.14 18.15 -8.20
CA GLY D 262 -11.28 18.38 -9.35
C GLY D 262 -10.38 17.17 -9.54
N ALA D 263 -9.96 16.61 -8.42
CA ALA D 263 -9.10 15.44 -8.44
C ALA D 263 -9.84 14.24 -9.02
N VAL D 264 -11.10 14.05 -8.67
CA VAL D 264 -11.79 12.89 -9.20
C VAL D 264 -12.13 13.06 -10.68
N GLY D 265 -12.06 14.29 -11.15
CA GLY D 265 -12.34 14.55 -12.55
C GLY D 265 -11.11 14.16 -13.34
N LEU D 266 -9.95 14.52 -12.80
CA LEU D 266 -8.67 14.18 -13.41
C LEU D 266 -8.53 12.65 -13.38
N ALA D 267 -8.94 12.04 -12.28
CA ALA D 267 -8.85 10.58 -12.15
C ALA D 267 -9.79 9.89 -13.15
N GLN D 268 -11.00 10.42 -13.30
CA GLN D 268 -11.94 9.83 -14.23
C GLN D 268 -11.32 9.89 -15.64
N ARG D 269 -10.68 11.00 -15.96
CA ARG D 269 -10.06 11.17 -17.27
C ARG D 269 -8.97 10.12 -17.46
N ALA D 270 -8.20 9.86 -16.40
CA ALA D 270 -7.15 8.86 -16.46
C ALA D 270 -7.78 7.49 -16.71
N LEU D 271 -8.79 7.14 -15.92
CA LEU D 271 -9.46 5.85 -16.05
C LEU D 271 -10.03 5.61 -17.45
N ASP D 272 -10.64 6.64 -18.07
CA ASP D 272 -11.20 6.47 -19.41
C ASP D 272 -10.14 6.22 -20.46
N GLU D 273 -9.07 7.02 -20.43
CA GLU D 273 -7.99 6.87 -21.39
C GLU D 273 -7.40 5.47 -21.25
N ALA D 274 -7.16 5.07 -19.99
CA ALA D 274 -6.60 3.75 -19.72
C ALA D 274 -7.51 2.68 -20.25
N THR D 275 -8.79 2.80 -20.00
CA THR D 275 -9.74 1.78 -20.47
C THR D 275 -9.76 1.67 -21.99
N LYS D 276 -9.95 2.80 -22.68
CA LYS D 276 -10.01 2.80 -24.13
C LYS D 276 -8.76 2.24 -24.79
N TYR D 277 -7.61 2.47 -24.16
CA TYR D 277 -6.35 1.96 -24.71
C TYR D 277 -6.25 0.44 -24.46
N ALA D 278 -6.68 0.00 -23.28
CA ALA D 278 -6.63 -1.42 -22.98
C ALA D 278 -7.54 -2.21 -23.91
N LEU D 279 -8.54 -1.55 -24.49
CA LEU D 279 -9.47 -2.21 -25.43
C LEU D 279 -8.95 -2.16 -26.86
N GLU D 280 -7.76 -1.59 -27.04
CA GLU D 280 -7.18 -1.49 -28.37
C GLU D 280 -5.80 -2.15 -28.47
N ARG D 281 -4.87 -1.78 -27.59
CA ARG D 281 -3.53 -2.37 -27.61
C ARG D 281 -3.62 -3.88 -27.47
N LYS D 282 -2.85 -4.60 -28.26
CA LYS D 282 -2.88 -6.06 -28.21
C LYS D 282 -1.49 -6.64 -27.95
N THR D 283 -1.39 -7.57 -27.00
CA THR D 283 -0.12 -8.22 -26.67
C THR D 283 -0.32 -9.68 -26.33
N PHE D 284 0.54 -10.53 -26.88
CA PHE D 284 0.47 -11.97 -26.65
C PHE D 284 -0.84 -12.54 -27.15
N GLY D 285 -1.34 -11.96 -28.23
CA GLY D 285 -2.58 -12.42 -28.84
C GLY D 285 -3.89 -11.92 -28.25
N LYS D 286 -3.86 -11.14 -27.18
CA LYS D 286 -5.10 -10.65 -26.59
C LYS D 286 -5.07 -9.14 -26.40
N LEU D 287 -6.24 -8.56 -26.19
CA LEU D 287 -6.35 -7.15 -25.92
C LEU D 287 -5.91 -7.04 -24.46
N LEU D 288 -5.19 -5.99 -24.12
CA LEU D 288 -4.71 -5.78 -22.76
C LEU D 288 -5.76 -6.10 -21.68
N ALA D 289 -6.99 -5.62 -21.90
CA ALA D 289 -8.08 -5.82 -20.95
C ALA D 289 -8.37 -7.29 -20.72
N GLU D 290 -7.91 -8.13 -21.64
CA GLU D 290 -8.10 -9.57 -21.55
C GLU D 290 -7.11 -10.21 -20.55
N HIS D 291 -5.97 -9.56 -20.30
CA HIS D 291 -5.00 -10.08 -19.36
C HIS D 291 -5.50 -9.76 -17.95
N GLN D 292 -5.70 -10.80 -17.14
CA GLN D 292 -6.21 -10.61 -15.79
C GLN D 292 -5.41 -9.64 -14.93
N GLY D 293 -4.10 -9.61 -15.09
CA GLY D 293 -3.33 -8.70 -14.29
C GLY D 293 -3.77 -7.27 -14.59
N ILE D 294 -4.12 -7.02 -15.85
CA ILE D 294 -4.55 -5.71 -16.27
C ILE D 294 -5.99 -5.41 -15.89
N SER D 295 -6.87 -6.40 -15.99
CA SER D 295 -8.26 -6.16 -15.63
C SER D 295 -8.35 -5.83 -14.15
N PHE D 296 -7.55 -6.51 -13.33
CA PHE D 296 -7.53 -6.24 -11.88
C PHE D 296 -7.12 -4.79 -11.60
N LEU D 297 -6.12 -4.31 -12.35
CA LEU D 297 -5.63 -2.95 -12.21
C LEU D 297 -6.78 -1.95 -12.54
N LEU D 298 -7.46 -2.18 -13.66
CA LEU D 298 -8.56 -1.33 -14.08
C LEU D 298 -9.69 -1.32 -13.05
N ALA D 299 -9.95 -2.48 -12.46
CA ALA D 299 -10.99 -2.62 -11.45
C ALA D 299 -10.67 -1.83 -10.21
N ASP D 300 -9.42 -1.84 -9.79
CA ASP D 300 -9.02 -1.09 -8.60
C ASP D 300 -9.08 0.40 -8.86
N MET D 301 -8.71 0.79 -10.08
CA MET D 301 -8.74 2.19 -10.48
C MET D 301 -10.17 2.68 -10.42
N ALA D 302 -11.08 1.91 -11.02
CA ALA D 302 -12.49 2.24 -11.04
C ALA D 302 -13.04 2.40 -9.63
N MET D 303 -12.68 1.47 -8.75
CA MET D 303 -13.13 1.46 -7.37
C MET D 303 -12.79 2.77 -6.64
N LYS D 304 -11.56 3.24 -6.82
CA LYS D 304 -11.13 4.47 -6.16
C LYS D 304 -11.90 5.71 -6.61
N VAL D 305 -12.08 5.87 -7.92
CA VAL D 305 -12.80 7.03 -8.43
C VAL D 305 -14.20 7.11 -7.80
N GLU D 306 -14.94 6.00 -7.82
CA GLU D 306 -16.28 5.97 -7.26
C GLU D 306 -16.29 6.36 -5.78
N LEU D 307 -15.29 5.89 -5.03
CA LEU D 307 -15.18 6.22 -3.62
C LEU D 307 -14.77 7.67 -3.41
N ALA D 308 -13.85 8.18 -4.22
CA ALA D 308 -13.42 9.57 -4.08
C ALA D 308 -14.58 10.51 -4.39
N ARG D 309 -15.35 10.17 -5.41
CA ARG D 309 -16.50 10.99 -5.80
C ARG D 309 -17.51 11.00 -4.66
N LEU D 310 -17.78 9.82 -4.11
CA LEU D 310 -18.73 9.68 -3.02
C LEU D 310 -18.32 10.54 -1.83
N SER D 311 -17.02 10.64 -1.58
CA SER D 311 -16.56 11.44 -0.45
C SER D 311 -16.80 12.94 -0.58
N TYR D 312 -16.47 13.55 -1.71
CA TYR D 312 -16.70 14.99 -1.83
C TYR D 312 -18.20 15.30 -1.86
N GLN D 313 -19.00 14.33 -2.31
CA GLN D 313 -20.44 14.53 -2.33
C GLN D 313 -20.95 14.65 -0.90
N ARG D 314 -20.41 13.84 0.00
CA ARG D 314 -20.82 13.86 1.40
C ARG D 314 -20.35 15.14 2.09
N ALA D 315 -19.18 15.63 1.70
CA ALA D 315 -18.63 16.85 2.29
C ALA D 315 -19.36 18.11 1.81
N ALA D 316 -19.77 18.12 0.55
CA ALA D 316 -20.50 19.27 0.00
C ALA D 316 -21.87 19.37 0.65
N TRP D 317 -22.57 18.24 0.69
CA TRP D 317 -23.91 18.16 1.26
C TRP D 317 -23.97 18.59 2.72
N GLU D 318 -22.94 18.28 3.48
CA GLU D 318 -22.91 18.64 4.89
C GLU D 318 -22.87 20.15 5.11
N ILE D 319 -22.14 20.86 4.26
CA ILE D 319 -22.01 22.30 4.39
C ILE D 319 -23.22 23.02 3.78
N ASP D 320 -23.76 22.51 2.68
CA ASP D 320 -24.93 23.14 2.08
C ASP D 320 -26.09 23.10 3.08
N SER D 321 -26.03 22.12 3.98
CA SER D 321 -27.05 21.93 5.01
C SER D 321 -26.81 22.85 6.19
N GLY D 322 -25.75 23.64 6.12
CA GLY D 322 -25.44 24.55 7.21
C GLY D 322 -24.79 23.90 8.42
N ARG D 323 -23.89 22.95 8.19
CA ARG D 323 -23.19 22.27 9.28
C ARG D 323 -21.70 22.31 9.03
N ARG D 324 -20.92 22.60 10.07
CA ARG D 324 -19.48 22.64 9.94
C ARG D 324 -19.07 21.26 9.41
N ASN D 325 -18.42 21.23 8.26
CA ASN D 325 -18.02 19.98 7.63
C ASN D 325 -16.51 19.77 7.57
N THR D 326 -15.78 20.29 8.55
CA THR D 326 -14.33 20.16 8.55
C THR D 326 -13.89 18.70 8.39
N TYR D 327 -14.46 17.83 9.22
CA TYR D 327 -14.17 16.41 9.21
C TYR D 327 -14.35 15.76 7.83
N TYR D 328 -15.51 15.94 7.21
CA TYR D 328 -15.78 15.34 5.90
C TYR D 328 -15.04 16.00 4.76
N ALA D 329 -14.81 17.30 4.85
CA ALA D 329 -14.11 18.02 3.79
C ALA D 329 -12.67 17.53 3.69
N SER D 330 -11.98 17.45 4.81
CA SER D 330 -10.59 17.00 4.83
C SER D 330 -10.40 15.55 4.37
N ILE D 331 -11.37 14.69 4.67
CA ILE D 331 -11.26 13.31 4.23
C ILE D 331 -11.40 13.22 2.72
N ALA D 332 -12.42 13.89 2.17
CA ALA D 332 -12.63 13.86 0.72
C ALA D 332 -11.44 14.46 -0.03
N LYS D 333 -10.89 15.54 0.53
CA LYS D 333 -9.75 16.23 -0.07
C LYS D 333 -8.48 15.37 0.03
N ALA D 334 -8.31 14.73 1.18
CA ALA D 334 -7.15 13.88 1.43
C ALA D 334 -7.13 12.62 0.57
N TYR D 335 -8.28 11.98 0.44
CA TYR D 335 -8.41 10.73 -0.32
C TYR D 335 -8.39 10.90 -1.83
N ALA D 336 -9.17 11.86 -2.31
CA ALA D 336 -9.24 12.12 -3.73
C ALA D 336 -7.84 12.50 -4.21
N ALA D 337 -7.15 13.29 -3.40
CA ALA D 337 -5.80 13.72 -3.74
C ALA D 337 -4.90 12.53 -4.02
N ASP D 338 -4.90 11.57 -3.08
CA ASP D 338 -4.08 10.38 -3.24
C ASP D 338 -4.51 9.50 -4.41
N ILE D 339 -5.79 9.16 -4.50
CA ILE D 339 -6.19 8.28 -5.59
C ILE D 339 -6.04 8.89 -6.97
N ALA D 340 -5.92 10.22 -7.04
CA ALA D 340 -5.75 10.89 -8.32
C ALA D 340 -4.32 10.63 -8.79
N ASN D 341 -3.38 10.68 -7.85
CA ASN D 341 -1.99 10.45 -8.17
C ASN D 341 -1.73 8.99 -8.51
N GLN D 342 -2.44 8.10 -7.81
CA GLN D 342 -2.31 6.66 -8.03
C GLN D 342 -2.82 6.32 -9.43
N LEU D 343 -4.01 6.82 -9.76
CA LEU D 343 -4.65 6.57 -11.05
C LEU D 343 -3.90 7.18 -12.21
N ALA D 344 -3.27 8.32 -11.98
CA ALA D 344 -2.51 8.99 -13.03
C ALA D 344 -1.35 8.10 -13.43
N THR D 345 -0.51 7.72 -12.48
CA THR D 345 0.64 6.88 -12.79
C THR D 345 0.27 5.50 -13.33
N ASP D 346 -0.87 4.96 -12.91
CA ASP D 346 -1.28 3.66 -13.44
C ASP D 346 -1.90 3.77 -14.83
N ALA D 347 -2.37 4.97 -15.20
CA ALA D 347 -2.95 5.14 -16.52
C ALA D 347 -1.79 5.21 -17.50
N VAL D 348 -0.69 5.77 -17.04
CA VAL D 348 0.51 5.86 -17.86
C VAL D 348 1.01 4.44 -18.09
N GLN D 349 0.97 3.64 -17.03
CA GLN D 349 1.41 2.25 -17.06
C GLN D 349 0.73 1.42 -18.14
N VAL D 350 -0.59 1.50 -18.22
CA VAL D 350 -1.28 0.70 -19.23
C VAL D 350 -0.92 1.13 -20.65
N PHE D 351 -0.43 2.36 -20.80
CA PHE D 351 -0.05 2.87 -22.12
C PHE D 351 1.32 2.37 -22.58
N GLY D 352 2.17 1.97 -21.64
CA GLY D 352 3.49 1.48 -22.00
C GLY D 352 4.48 2.57 -22.34
N GLY D 353 5.36 2.32 -23.31
CA GLY D 353 6.30 3.34 -23.70
C GLY D 353 5.53 4.57 -24.15
N ASN D 354 4.41 4.36 -24.83
CA ASN D 354 3.56 5.44 -25.30
C ASN D 354 3.15 6.34 -24.16
N GLY D 355 2.73 5.74 -23.05
CA GLY D 355 2.29 6.54 -21.91
C GLY D 355 3.35 7.51 -21.42
N PHE D 356 4.61 7.19 -21.68
CA PHE D 356 5.70 8.03 -21.24
C PHE D 356 5.96 9.16 -22.25
N ASN D 357 5.32 9.05 -23.42
CA ASN D 357 5.50 10.03 -24.49
C ASN D 357 4.50 11.17 -24.45
N THR D 358 4.98 12.36 -24.78
CA THR D 358 4.16 13.55 -24.77
C THR D 358 3.07 13.59 -25.85
N GLU D 359 3.14 12.69 -26.81
CA GLU D 359 2.14 12.66 -27.88
C GLU D 359 0.85 12.03 -27.39
N TYR D 360 0.82 11.65 -26.12
CA TYR D 360 -0.37 11.04 -25.55
C TYR D 360 -0.84 11.86 -24.37
N PRO D 361 -2.13 11.73 -24.02
CA PRO D 361 -2.74 12.47 -22.92
C PRO D 361 -2.35 12.12 -21.48
N VAL D 362 -2.01 10.87 -21.23
CA VAL D 362 -1.70 10.44 -19.87
C VAL D 362 -0.51 11.06 -19.12
N GLU D 363 0.62 11.31 -19.77
CA GLU D 363 1.75 11.87 -19.03
C GLU D 363 1.46 13.24 -18.43
N LYS D 364 0.52 13.98 -19.05
CA LYS D 364 0.13 15.29 -18.54
C LYS D 364 -0.68 15.12 -17.26
N LEU D 365 -1.52 14.09 -17.25
CA LEU D 365 -2.36 13.81 -16.09
C LEU D 365 -1.52 13.53 -14.86
N MET D 366 -0.35 12.93 -15.08
CA MET D 366 0.56 12.60 -13.98
C MET D 366 1.27 13.84 -13.44
N ARG D 367 1.59 14.79 -14.32
CA ARG D 367 2.25 16.01 -13.87
C ARG D 367 1.24 16.90 -13.16
N ASP D 368 -0.01 16.83 -13.57
CA ASP D 368 -1.05 17.65 -12.95
C ASP D 368 -1.50 17.12 -11.58
N ALA D 369 -1.70 15.81 -11.48
CA ALA D 369 -2.17 15.20 -10.24
C ALA D 369 -1.37 15.50 -8.98
N LYS D 370 -0.06 15.59 -9.09
CA LYS D 370 0.77 15.84 -7.91
C LYS D 370 0.45 17.08 -7.09
N ILE D 371 -0.24 18.06 -7.68
CA ILE D 371 -0.55 19.28 -6.94
C ILE D 371 -1.66 19.09 -5.92
N TYR D 372 -2.56 18.16 -6.20
CA TYR D 372 -3.67 17.88 -5.29
C TYR D 372 -3.26 17.38 -3.90
N GLN D 373 -2.01 16.94 -3.75
CA GLN D 373 -1.56 16.48 -2.44
C GLN D 373 -0.82 17.61 -1.75
N ILE D 374 -0.60 18.70 -2.47
CA ILE D 374 0.10 19.87 -1.95
C ILE D 374 -0.76 21.08 -1.59
N TYR D 375 -1.50 21.65 -2.54
CA TYR D 375 -2.29 22.84 -2.20
C TYR D 375 -3.68 22.63 -1.59
N GLU D 376 -4.18 23.70 -0.96
CA GLU D 376 -5.48 23.68 -0.28
C GLU D 376 -5.33 22.82 0.97
N GLY D 377 -4.11 22.73 1.46
CA GLY D 377 -3.84 21.91 2.63
C GLY D 377 -3.19 20.63 2.20
N THR D 378 -1.91 20.49 2.54
CA THR D 378 -1.15 19.31 2.18
C THR D 378 -1.72 18.02 2.77
N ALA D 379 -1.32 16.88 2.18
CA ALA D 379 -1.75 15.57 2.64
C ALA D 379 -1.57 15.38 4.14
N GLN D 380 -0.41 15.76 4.66
CA GLN D 380 -0.14 15.62 6.08
C GLN D 380 -1.04 16.49 6.94
N ILE D 381 -1.26 17.73 6.51
CA ILE D 381 -2.09 18.66 7.24
C ILE D 381 -3.54 18.15 7.34
N GLN D 382 -4.00 17.45 6.30
CA GLN D 382 -5.36 16.90 6.32
C GLN D 382 -5.48 15.85 7.42
N ARG D 383 -4.41 15.07 7.63
CA ARG D 383 -4.40 14.03 8.68
C ARG D 383 -4.46 14.70 10.06
N ILE D 384 -3.78 15.82 10.19
CA ILE D 384 -3.77 16.55 11.45
C ILE D 384 -5.18 16.97 11.77
N ILE D 385 -5.91 17.42 10.76
CA ILE D 385 -7.30 17.86 10.93
C ILE D 385 -8.23 16.68 11.22
N ILE D 386 -8.16 15.65 10.38
CA ILE D 386 -8.98 14.46 10.55
C ILE D 386 -8.76 13.84 11.94
N ALA D 387 -7.50 13.76 12.36
CA ALA D 387 -7.16 13.21 13.67
C ALA D 387 -7.79 14.00 14.80
N ARG D 388 -7.66 15.32 14.74
CA ARG D 388 -8.20 16.22 15.75
C ARG D 388 -9.72 16.17 15.84
N GLU D 389 -10.39 16.28 14.69
CA GLU D 389 -11.85 16.24 14.65
C GLU D 389 -12.34 14.90 15.21
N HIS D 390 -11.60 13.83 14.91
CA HIS D 390 -11.92 12.49 15.36
C HIS D 390 -11.79 12.37 16.87
N ILE D 391 -10.63 12.76 17.40
CA ILE D 391 -10.43 12.71 18.85
C ILE D 391 -11.50 13.53 19.55
N GLY D 392 -11.93 14.62 18.90
CA GLY D 392 -12.95 15.46 19.48
C GLY D 392 -14.26 14.74 19.75
N ARG D 393 -14.50 13.66 19.01
CA ARG D 393 -15.72 12.88 19.16
C ARG D 393 -15.66 11.87 20.32
N TYR D 394 -14.58 11.90 21.09
CA TYR D 394 -14.42 10.96 22.19
C TYR D 394 -14.22 11.66 23.52
N LYS D 395 -14.74 12.87 23.62
CA LYS D 395 -14.63 13.63 24.86
C LYS D 395 -15.88 14.49 24.95
PA FAD E . -11.24 -21.00 -4.35
O1A FAD E . -11.33 -19.83 -5.23
O2A FAD E . -11.30 -22.24 -4.91
O5B FAD E . -9.82 -20.79 -3.83
C5B FAD E . -9.43 -19.59 -3.09
C4B FAD E . -8.51 -18.67 -3.92
O4B FAD E . -8.71 -18.85 -5.37
C3B FAD E . -8.85 -17.21 -3.64
O3B FAD E . -7.80 -16.42 -3.16
C2B FAD E . -9.57 -16.78 -4.89
O2B FAD E . -9.63 -15.41 -5.07
C1B FAD E . -8.74 -17.46 -5.93
N9A FAD E . -9.34 -17.60 -7.26
C8A FAD E . -10.27 -18.52 -7.67
N7A FAD E . -10.63 -18.38 -8.94
C5A FAD E . -9.90 -17.31 -9.39
C6A FAD E . -9.84 -16.66 -10.70
N6A FAD E . -10.55 -17.05 -11.73
N1A FAD E . -8.97 -15.60 -10.78
C2A FAD E . -8.21 -15.17 -9.72
N3A FAD E . -8.20 -15.71 -8.49
C4A FAD E . -9.07 -16.78 -8.37
N1 FAD E . -21.07 -20.57 1.25
C2 FAD E . -22.38 -20.65 1.03
O2 FAD E . -22.81 -20.96 -0.05
N3 FAD E . -23.34 -20.38 2.07
C4 FAD E . -22.96 -20.04 3.35
O4 FAD E . -23.81 -19.82 4.19
C4X FAD E . -21.51 -19.94 3.61
N5 FAD E . -21.02 -19.62 4.86
C5X FAD E . -19.63 -19.59 5.05
C6 FAD E . -19.10 -19.28 6.35
C7 FAD E . -17.72 -19.27 6.59
C7M FAD E . -17.20 -18.95 7.98
C8 FAD E . -16.79 -19.56 5.50
C8M FAD E . -15.27 -19.57 5.69
C9 FAD E . -17.30 -19.84 4.23
C9A FAD E . -18.70 -19.86 3.99
N10 FAD E . -19.27 -20.17 2.70
C10 FAD E . -20.60 -20.24 2.49
C1' FAD E . -18.33 -20.46 1.65
C2' FAD E . -17.67 -19.25 0.89
O2' FAD E . -18.65 -18.53 0.16
C3' FAD E . -16.79 -19.99 0.04
O3' FAD E . -15.84 -20.66 0.90
C4' FAD E . -15.91 -19.25 -0.92
O4' FAD E . -16.68 -18.47 -1.88
C5' FAD E . -15.32 -20.48 -1.48
O5' FAD E . -14.26 -20.27 -2.49
P FAD E . -13.20 -21.31 -2.42
O1P FAD E . -12.88 -21.40 -0.88
O2P FAD E . -13.53 -22.50 -3.03
O3P FAD E . -12.17 -20.71 -3.17
OAP CS8 F . -19.34 -17.19 -10.21
CAP CS8 F . -19.82 -15.86 -9.99
C9P CS8 F . -19.53 -15.49 -8.53
O9P CS8 F . -20.17 -14.55 -8.05
N8P CS8 F . -18.60 -16.17 -7.75
C7P CS8 F . -18.53 -15.85 -6.35
C6P CS8 F . -19.27 -16.93 -5.58
C5P CS8 F . -19.81 -16.47 -4.22
O5P CS8 F . -19.61 -15.28 -3.90
N4P CS8 F . -20.48 -17.46 -3.49
C3P CS8 F . -20.97 -16.96 -2.21
C2P CS8 F . -21.34 -18.07 -1.27
S1P CS8 F . -22.63 -17.63 -0.06
C1' CS8 F . -21.69 -17.09 1.35
O1' CS8 F . -20.48 -17.18 1.18
C2' CS8 F . -22.31 -16.65 2.65
S3' CS8 F . -21.11 -16.30 3.94
C4' CS8 F . -21.87 -14.91 4.82
C5' CS8 F . -23.30 -15.14 5.28
C6' CS8 F . -23.90 -13.93 6.03
C7' CS8 F . -23.74 -12.60 5.27
C8' CS8 F . -24.94 -12.31 4.36
CBP CS8 F . -19.18 -14.92 -11.05
CDP CS8 F . -17.65 -14.93 -10.95
CEP CS8 F . -19.67 -13.48 -10.89
CCP CS8 F . -19.55 -15.39 -12.45
O6A CS8 F . -18.75 -16.35 -13.12
P2A CS8 F . -19.23 -16.92 -14.52
O4A CS8 F . -19.32 -18.40 -14.44
O5A CS8 F . -18.13 -16.72 -15.50
O3A CS8 F . -20.60 -16.38 -15.09
P1A CS8 F . -20.71 -15.25 -16.23
O1A CS8 F . -20.19 -15.81 -17.50
O2A CS8 F . -20.16 -13.96 -15.70
O5B CS8 F . -22.29 -15.13 -16.33
C5B CS8 F . -23.03 -16.24 -16.79
C4B CS8 F . -24.49 -15.91 -16.82
O4B CS8 F . -24.92 -15.39 -15.51
C1B CS8 F . -25.46 -14.08 -15.68
N9A CS8 F . -25.12 -13.13 -14.61
C8A CS8 F . -23.93 -12.84 -13.97
N7A CS8 F . -24.05 -11.91 -13.03
C5A CS8 F . -25.39 -11.57 -13.06
C6A CS8 F . -26.18 -10.63 -12.32
N1A CS8 F . -27.50 -10.54 -12.60
C2A CS8 F . -28.02 -11.33 -13.58
N3A CS8 F . -27.39 -12.24 -14.34
C4A CS8 F . -26.07 -12.31 -14.03
N6A CS8 F . -25.66 -9.84 -11.37
C2B CS8 F . -24.86 -13.55 -16.99
O2B CS8 F . -25.68 -12.54 -17.53
C3B CS8 F . -24.77 -14.82 -17.82
O3B CS8 F . -25.94 -15.07 -18.56
P3B CS8 F . -26.66 -14.69 -19.92
O7A CS8 F . -25.70 -13.88 -20.71
O8A CS8 F . -27.02 -15.97 -20.59
O9A CS8 F . -27.87 -13.92 -19.53
PA FAD G . 3.55 0.85 24.19
O1A FAD G . 4.26 1.30 22.99
O2A FAD G . 3.91 1.44 25.34
O5B FAD G . 2.12 1.24 23.77
C5B FAD G . 1.38 0.71 22.58
C4B FAD G . 1.62 1.53 21.25
O4B FAD G . 2.35 2.78 21.51
C3B FAD G . 2.42 0.78 20.18
O3B FAD G . 1.70 0.40 19.07
C2B FAD G . 3.63 1.66 19.95
O2B FAD G . 4.14 1.59 18.65
C1B FAD G . 3.11 3.04 20.27
N9A FAD G . 4.12 4.03 20.69
C8A FAD G . 4.70 4.13 21.93
N7A FAD G . 5.56 5.12 22.03
C5A FAD G . 5.56 5.72 20.80
C6A FAD G . 6.29 6.87 20.27
N6A FAD G . 7.16 7.56 20.96
N1A FAD G . 6.01 7.18 18.95
C2A FAD G . 5.11 6.47 18.19
N3A FAD G . 4.39 5.40 18.60
C4A FAD G . 4.65 5.06 19.91
N1 FAD G . 9.27 -8.24 27.11
C2 FAD G . 10.39 -8.56 27.75
O2 FAD G . 10.99 -7.76 28.36
N3 FAD G . 10.90 -9.88 27.74
C4 FAD G . 10.26 -10.91 27.05
O4 FAD G . 10.72 -12.04 27.06
C4X FAD G . 9.02 -10.58 26.36
N5 FAD G . 8.32 -11.55 25.69
C5X FAD G . 7.12 -11.19 25.08
C6 FAD G . 6.38 -12.20 24.40
C7 FAD G . 5.17 -11.90 23.78
C7M FAD G . 4.39 -12.99 23.09
C8 FAD G . 4.65 -10.52 23.82
C8M FAD G . 3.35 -10.11 23.19
C9 FAD G . 5.38 -9.53 24.47
C9A FAD G . 6.61 -9.86 25.09
N10 FAD G . 7.40 -8.88 25.79
C10 FAD G . 8.56 -9.20 26.43
C1' FAD G . 6.88 -7.54 25.82
C2' FAD G . 7.20 -6.70 24.52
O2' FAD G . 8.61 -6.48 24.45
C3' FAD G . 6.50 -5.49 24.86
O3' FAD G . 5.09 -5.87 24.89
C4' FAD G . 6.52 -4.33 23.92
O4' FAD G . 7.87 -3.82 23.68
C5' FAD G . 5.70 -3.53 24.79
O5' FAD G . 5.31 -2.18 24.33
P FAD G . 4.05 -1.73 24.99
O1P FAD G . 3.12 -2.99 24.90
O2P FAD G . 4.24 -1.25 26.29
O3P FAD G . 3.63 -0.66 24.14
OAP CS8 H . 12.98 3.01 23.75
CAP CS8 H . 13.78 2.02 23.05
C9P CS8 H . 12.84 0.85 22.64
O9P CS8 H . 11.64 1.14 22.46
N8P CS8 H . 13.27 -0.47 22.45
C7P CS8 H . 12.27 -1.54 22.56
C6P CS8 H . 12.29 -2.06 24.00
C5P CS8 H . 11.66 -3.45 24.21
O5P CS8 H . 11.17 -4.03 23.22
N4P CS8 H . 11.70 -3.91 25.55
C3P CS8 H . 11.08 -5.23 25.70
C2P CS8 H . 12.08 -6.36 25.78
S1P CS8 H . 12.71 -6.97 24.20
C1' CS8 H . 11.70 -8.43 23.90
O1' CS8 H . 10.60 -8.12 23.43
C2' CS8 H . 12.18 -9.88 24.13
S3' CS8 H . 11.07 -11.26 23.68
C4' CS8 H . 12.07 -12.07 22.41
C5' CS8 H . 11.67 -13.51 22.15
C6' CS8 H . 12.55 -14.13 21.05
C7' CS8 H . 12.04 -13.75 19.65
C8' CS8 H . 13.01 -14.15 18.54
CBP CS8 H . 14.55 2.71 21.88
CDP CS8 H . 13.57 3.36 20.88
CEP CS8 H . 15.43 1.69 21.16
CCP CS8 H . 15.43 3.83 22.43
O6A CS8 H . 14.82 5.04 22.94
P2A CS8 H . 15.65 6.10 23.85
O4A CS8 H . 14.90 6.28 25.15
O5A CS8 H . 15.48 7.45 23.24
O3A CS8 H . 17.22 5.80 24.22
P1A CS8 H . 18.45 5.93 23.15
O1A CS8 H . 18.55 7.38 22.73
O2A CS8 H . 18.31 4.84 22.11
O5B CS8 H . 19.79 5.54 24.00
C5B CS8 H . 20.30 6.33 25.10
C4B CS8 H . 21.56 5.66 25.69
O4B CS8 H . 21.66 4.27 25.17
C1B CS8 H . 22.88 4.07 24.47
N9A CS8 H . 22.68 3.54 23.10
C8A CS8 H . 21.86 3.94 22.06
N7A CS8 H . 21.97 3.19 20.97
C5A CS8 H . 22.92 2.26 21.29
C6A CS8 H . 23.52 1.17 20.57
N1A CS8 H . 24.46 0.40 21.20
C2A CS8 H . 24.81 0.72 22.48
N3A CS8 H . 24.33 1.71 23.27
C4A CS8 H . 23.38 2.45 22.60
N6A CS8 H . 23.17 0.86 19.30
C2B CS8 H . 23.62 5.43 24.37
O2B CS8 H . 24.99 5.26 24.71
C3B CS8 H . 22.85 6.39 25.30
O3B CS8 H . 23.63 6.77 26.45
P3B CS8 H . 24.98 7.59 26.90
O7A CS8 H . 24.56 8.69 27.84
O8A CS8 H . 25.89 6.61 27.57
O9A CS8 H . 25.59 8.12 25.62
PA FAD I . 2.79 -3.20 -23.81
O1A FAD I . 3.03 -3.98 -22.58
O2A FAD I . 2.58 -3.91 -24.93
O5B FAD I . 1.52 -2.47 -23.34
C5B FAD I . 1.46 -1.57 -22.16
C4B FAD I . 0.99 -2.34 -20.89
O4B FAD I . 0.69 -3.74 -21.22
C3B FAD I . 2.02 -2.40 -19.75
O3B FAD I . 1.65 -1.76 -18.56
C2B FAD I . 2.35 -3.87 -19.64
O2B FAD I . 2.76 -4.26 -18.36
C1B FAD I . 1.05 -4.50 -20.00
N9A FAD I . 1.08 -5.90 -20.46
C8A FAD I . 1.50 -6.36 -21.69
N7A FAD I . 1.41 -7.68 -21.81
C5A FAD I . 0.91 -8.10 -20.60
C6A FAD I . 0.58 -9.44 -20.10
N6A FAD I . 0.73 -10.52 -20.79
N1A FAD I . 0.09 -9.46 -18.80
C2A FAD I . -0.07 -8.33 -18.04
N3A FAD I . 0.21 -7.07 -18.42
C4A FAD I . 0.69 -7.01 -19.72
N1 FAD I . 13.60 -0.68 -26.40
C2 FAD I . 14.72 -1.21 -26.90
O2 FAD I . 14.73 -2.25 -27.46
N3 FAD I . 15.97 -0.52 -26.81
C4 FAD I . 16.08 0.71 -26.19
O4 FAD I . 17.16 1.24 -26.14
C4X FAD I . 14.87 1.30 -25.65
N5 FAD I . 14.90 2.52 -25.05
C5X FAD I . 13.71 3.05 -24.58
C6 FAD I . 13.73 4.35 -24.00
C7 FAD I . 12.56 4.94 -23.55
C7M FAD I . 12.60 6.32 -22.93
C8 FAD I . 11.28 4.22 -23.65
C8M FAD I . 9.96 4.79 -23.19
C9 FAD I . 11.28 2.96 -24.22
C9A FAD I . 12.46 2.36 -24.68
N10 FAD I . 12.49 1.06 -25.29
C10 FAD I . 13.62 0.52 -25.77
C1' FAD I . 11.23 0.36 -25.40
C2' FAD I . 10.67 -0.30 -24.07
O2' FAD I . 11.56 -1.35 -23.65
C3' FAD I . 9.42 -0.80 -24.57
O3' FAD I . 8.65 0.36 -24.94
C4' FAD I . 8.50 -1.54 -23.65
O4' FAD I . 9.12 -2.76 -23.13
C5' FAD I . 7.46 -1.77 -24.69
O5' FAD I . 6.19 -2.44 -24.21
P FAD I . 4.95 -1.83 -24.81
O1P FAD I . 5.28 -0.30 -24.79
O2P FAD I . 4.60 -2.35 -26.04
O3P FAD I . 3.96 -2.21 -23.87
OAP CS8 J . 9.59 -11.66 -23.99
CAP CS8 J . 10.21 -11.82 -22.71
C9P CS8 J . 10.57 -10.42 -22.20
O9P CS8 J . 11.60 -10.31 -21.51
N8P CS8 J . 9.79 -9.30 -22.47
C7P CS8 J . 10.25 -8.03 -21.96
C6P CS8 J . 10.90 -7.30 -23.10
C5P CS8 J . 11.87 -6.21 -22.68
O5P CS8 J . 12.03 -6.04 -21.47
N4P CS8 J . 12.48 -5.52 -23.75
C3P CS8 J . 13.39 -4.48 -23.29
C2P CS8 J . 13.88 -3.64 -24.43
S1P CS8 J . 15.58 -3.03 -24.21
C1' CS8 J . 15.33 -1.53 -23.29
O1' CS8 J . 14.16 -1.36 -22.97
C2' CS8 J . 16.44 -0.55 -23.01
S3' CS8 J . 15.97 0.95 -22.14
C4' CS8 J . 17.60 1.67 -21.83
C5' CS8 J . 18.45 0.79 -20.92
C6' CS8 J . 19.81 1.40 -20.65
C7' CS8 J . 20.28 1.00 -19.27
C8' CS8 J . 19.77 1.97 -18.21
CBP CS8 J . 9.27 -12.66 -21.81
CDP CS8 J . 7.89 -11.99 -21.68
CEP CS8 J . 9.87 -12.85 -20.42
CCP CS8 J . 9.07 -14.01 -22.45
O6A CS8 J . 7.92 -14.31 -23.22
P2A CS8 J . 7.83 -15.66 -24.06
O4A CS8 J . 7.51 -15.38 -25.48
O5A CS8 J . 6.62 -16.37 -23.59
O3A CS8 J . 9.07 -16.66 -24.05
P1A CS8 J . 8.98 -18.09 -23.34
O1A CS8 J . 7.97 -18.90 -24.05
O2A CS8 J . 8.86 -17.90 -21.86
O5B CS8 J . 10.42 -18.70 -23.61
C5B CS8 J . 10.83 -19.00 -24.96
C4B CS8 J . 12.22 -19.60 -24.94
O4B CS8 J . 13.18 -18.65 -24.37
C1B CS8 J . 13.79 -19.20 -23.21
N9A CS8 J . 13.96 -18.23 -22.12
C8A CS8 J . 13.06 -17.45 -21.42
N7A CS8 J . 13.62 -16.69 -20.49
C5A CS8 J . 14.96 -16.97 -20.59
C6A CS8 J . 16.12 -16.50 -19.88
N1A CS8 J . 17.34 -17.00 -20.25
C2A CS8 J . 17.41 -17.93 -21.25
N3A CS8 J . 16.40 -18.44 -21.98
C4A CS8 J . 15.20 -17.93 -21.60
N6A CS8 J . 16.06 -15.60 -18.90
C2B CS8 J . 12.83 -20.32 -22.74
O2B CS8 J . 13.52 -21.29 -21.99
C3B CS8 J . 12.26 -20.81 -24.03
O3B CS8 J . 13.02 -21.85 -24.56
P3B CS8 J . 12.91 -23.36 -25.00
O7A CS8 J . 12.23 -24.08 -23.88
O8A CS8 J . 12.13 -23.39 -26.27
O9A CS8 J . 14.32 -23.83 -25.21
PA FAD K . 5.47 23.37 4.17
O1A FAD K . 4.57 22.40 4.78
O2A FAD K . 5.79 24.45 4.89
O5B FAD K . 6.68 22.42 3.97
C5B FAD K . 6.70 21.16 3.16
C4B FAD K . 6.28 19.86 3.96
O4B FAD K . 6.09 20.14 5.38
C3B FAD K . 4.97 19.20 3.47
O3B FAD K . 5.10 17.96 2.87
C2B FAD K . 4.06 19.28 4.67
O2B FAD K . 3.12 18.25 4.70
C1B FAD K . 5.03 19.19 5.80
N9A FAD K . 4.59 19.73 7.11
C8A FAD K . 4.53 21.06 7.49
N7A FAD K . 4.08 21.21 8.74
C5A FAD K . 3.84 19.94 9.19
C6A FAD K . 3.34 19.43 10.48
N6A FAD K . 3.02 20.19 11.50
N1A FAD K . 3.23 18.05 10.56
C2A FAD K . 3.56 17.23 9.52
N3A FAD K . 4.02 17.60 8.31
C4A FAD K . 4.14 18.97 8.18
N1 FAD K . -1.87 29.53 -1.73
C2 FAD K . -2.81 30.45 -1.59
O2 FAD K . -2.99 31.01 -0.54
N3 FAD K . -3.67 30.84 -2.67
C4 FAD K . -3.55 30.27 -3.93
O4 FAD K . -4.28 30.62 -4.81
C4X FAD K . -2.51 29.27 -4.10
N5 FAD K . -2.32 28.67 -5.33
C5X FAD K . -1.29 27.75 -5.46
C6 FAD K . -1.06 27.16 -6.74
C7 FAD K . -0.02 26.25 -6.94
C7M FAD K . 0.22 25.65 -8.31
C8 FAD K . 0.84 25.87 -5.81
C8M FAD K . 1.99 24.89 -5.93
C9 FAD K . 0.61 26.44 -4.55
C9A FAD K . -0.46 27.37 -4.37
N10 FAD K . -0.71 28.01 -3.10
C10 FAD K . -1.68 28.92 -2.95
C1' FAD K . 0.14 27.62 -2.03
C2' FAD K . -0.27 26.29 -1.28
O2' FAD K . -1.48 26.51 -0.56
C3' FAD K . 0.87 26.20 -0.42
O3' FAD K . 2.00 25.98 -1.29
C4' FAD K . 0.97 25.06 0.55
O4' FAD K . -0.13 25.08 1.52
C5' FAD K . 2.25 25.51 1.07
O5' FAD K . 2.89 24.66 2.09
P FAD K . 4.37 24.84 2.08
O1P FAD K . 4.77 24.82 0.57
O2P FAD K . 4.79 25.97 2.80
O3P FAD K . 4.80 23.68 2.80
OAP CS8 L . -3.52 26.21 9.69
CAP CS8 L . -4.65 25.35 9.49
C9P CS8 L . -4.69 24.97 8.01
O9P CS8 L . -5.80 24.71 7.51
N8P CS8 L . -3.55 24.92 7.23
C7P CS8 L . -3.70 24.50 5.88
C6P CS8 L . -3.18 25.61 4.97
C5P CS8 L . -3.90 25.69 3.64
O5P CS8 L . -4.83 24.86 3.43
N4P CS8 L . -3.44 26.68 2.76
C3P CS8 L . -4.18 26.66 1.50
C2P CS8 L . -4.08 27.96 0.74
S1P CS8 L . -5.46 28.23 -0.43
C1' CS8 L . -4.91 27.42 -1.90
O1' CS8 L . -3.80 26.94 -1.77
C2' CS8 L . -5.70 27.39 -3.19
S3' CS8 L . -4.85 26.60 -4.55
C4' CS8 L . -6.25 26.05 -5.57
C5' CS8 L . -7.05 27.20 -6.17
C6' CS8 L . -8.22 26.69 -7.03
C7' CS8 L . -9.29 25.98 -6.22
C8' CS8 L . -9.48 24.55 -6.72
CBP CS8 L . -4.55 24.15 10.50
CDP CS8 L . -3.26 23.36 10.31
CEP CS8 L . -5.74 23.20 10.35
CCP CS8 L . -4.56 24.69 11.92
O6A CS8 L . -3.34 24.98 12.60
P2A CS8 L . -3.37 25.82 13.95
O4A CS8 L . -2.48 27.00 13.79
O5A CS8 L . -2.65 25.04 14.99
O3A CS8 L . -4.81 26.34 14.47
P1A CS8 L . -5.53 25.80 15.79
O1A CS8 L . -4.72 26.20 16.95
O2A CS8 L . -5.90 24.36 15.59
O5B CS8 L . -6.90 26.63 15.84
C5B CS8 L . -6.88 28.05 16.01
C4B CS8 L . -8.29 28.60 16.07
O4B CS8 L . -8.98 28.48 14.78
C1B CS8 L . -10.18 27.75 14.95
N9A CS8 L . -10.49 26.82 13.84
C8A CS8 L . -9.79 25.78 13.27
N7A CS8 L . -10.44 25.19 12.27
C5A CS8 L . -11.63 25.89 12.19
C6A CS8 L . -12.78 25.76 11.33
N1A CS8 L . -13.80 26.64 11.51
C2A CS8 L . -13.71 27.58 12.49
N3A CS8 L . -12.69 27.78 13.35
C4A CS8 L . -11.68 26.90 13.14
N6A CS8 L . -12.88 24.85 10.37
C2B CS8 L . -10.01 26.91 16.24
O2B CS8 L . -11.27 26.59 16.80
C3B CS8 L . -9.14 27.83 17.09
O3B CS8 L . -9.88 28.66 17.94
P3B CS8 L . -9.73 29.57 19.25
O7A CS8 L . -9.84 28.66 20.44
O8A CS8 L . -8.37 30.21 19.17
O9A CS8 L . -10.82 30.60 19.22
#